data_6PM6
#
_entry.id   6PM6
#
loop_
_entity.id
_entity.type
_entity.pdbx_description
1 polymer 'Glycine receptor subunit alphaZ1'
2 branched beta-D-mannopyranose-(1-4)-2-acetamido-2-deoxy-beta-D-glucopyranose-(1-4)-2-acetamido-2-deoxy-beta-D-glucopyranose
3 non-polymer GLYCINE
#
_entity_poly.entity_id   1
_entity_poly.type   'polypeptide(L)'
_entity_poly.pdbx_seq_one_letter_code
;MFALGIYLWETIVFFSLAASQQAAARKAASPMPPSEFLDKLMGKVSGYDARIRPNFKGPPVNVTCNIFINSFGSIAETTM
DYRVNIFLRQQWNDPRLAYSEYPDDSLDLDPSMLDSIWKPDLFFANEKGANFHEVTTDNKLLRISKNGNVLYSIRITLVL
ACPMDLKNFPMDVQTCIMQLESFGYTMNDLIFEWDEKGAVQVADGLTLPQFILKEEKDLRYCTKHYNTGKFTCIEARFHL
ERQMGYYLIQMYIPSLLIVILSWVSFWINMDAAPARVGLGITTVLTMTTQSSGSRASLPKVSYVKAIDIWMAVCLLFVFS
ALLEYAAVNFIARQHKELLRFQRRRRHLKEDEAGDGRFSFAAYGMGPACLQAKDGMAIKGNNNNAPTSTNPPEKTVEEMR
KLFISRAKRIDTVSRVAFPLVFLIFNIFYWITYKIIRSEDIHKQLVPRGSHHHHHHHH
;
_entity_poly.pdbx_strand_id   A,D,B,C,E
#
loop_
_chem_comp.id
_chem_comp.type
_chem_comp.name
_chem_comp.formula
BMA D-saccharide, beta linking beta-D-mannopyranose 'C6 H12 O6'
NAG D-saccharide, beta linking 2-acetamido-2-deoxy-beta-D-glucopyranose 'C8 H15 N O6'
#
# COMPACT_ATOMS: atom_id res chain seq x y z
N PRO A 31 16.90 -52.01 -26.39
CA PRO A 31 17.66 -50.80 -26.07
C PRO A 31 17.15 -50.09 -24.82
N MET A 32 16.18 -50.74 -24.13
CA MET A 32 15.50 -50.24 -22.93
C MET A 32 14.91 -48.86 -23.16
N PRO A 33 13.76 -48.76 -23.85
CA PRO A 33 13.14 -47.45 -24.13
C PRO A 33 12.80 -46.69 -22.85
N PRO A 34 13.00 -45.38 -22.84
CA PRO A 34 12.97 -44.62 -21.58
C PRO A 34 11.59 -44.41 -20.99
N SER A 35 10.51 -44.75 -21.71
CA SER A 35 9.18 -44.66 -21.10
C SER A 35 8.97 -45.77 -20.08
N GLU A 36 9.62 -46.91 -20.27
CA GLU A 36 9.51 -48.05 -19.36
C GLU A 36 10.48 -47.94 -18.18
N PHE A 37 11.66 -47.37 -18.41
CA PHE A 37 12.69 -47.30 -17.38
C PHE A 37 12.33 -46.34 -16.26
N LEU A 38 11.47 -45.35 -16.55
CA LEU A 38 11.02 -44.45 -15.50
C LEU A 38 10.07 -45.14 -14.54
N ASP A 39 9.12 -45.92 -15.06
CA ASP A 39 8.17 -46.62 -14.20
C ASP A 39 8.77 -47.86 -13.56
N LYS A 40 9.86 -48.39 -14.11
CA LYS A 40 10.47 -49.61 -13.56
C LYS A 40 11.18 -49.33 -12.25
N LEU A 41 11.79 -48.16 -12.11
CA LEU A 41 12.61 -47.84 -10.95
C LEU A 41 11.88 -46.97 -9.93
N MET A 42 10.72 -46.41 -10.28
CA MET A 42 9.96 -45.55 -9.40
C MET A 42 8.63 -46.12 -8.96
N GLY A 43 8.04 -47.03 -9.75
CA GLY A 43 6.66 -47.45 -9.55
C GLY A 43 6.44 -48.43 -8.43
N LYS A 44 5.40 -49.25 -8.58
CA LYS A 44 5.03 -50.22 -7.56
C LYS A 44 6.07 -51.33 -7.42
N VAL A 45 6.76 -51.66 -8.51
CA VAL A 45 7.81 -52.66 -8.45
C VAL A 45 9.05 -52.07 -7.79
N SER A 46 9.97 -52.96 -7.41
CA SER A 46 11.26 -52.72 -6.73
C SER A 46 11.11 -52.12 -5.33
N GLY A 47 9.89 -52.04 -4.79
CA GLY A 47 9.67 -51.66 -3.41
C GLY A 47 10.00 -50.24 -3.05
N TYR A 48 10.04 -49.33 -4.02
CA TYR A 48 10.39 -47.94 -3.73
C TYR A 48 9.18 -47.21 -3.18
N ASP A 49 9.25 -46.81 -1.91
CA ASP A 49 8.20 -46.03 -1.27
C ASP A 49 8.76 -44.64 -0.99
N ALA A 50 8.06 -43.62 -1.48
CA ALA A 50 8.51 -42.24 -1.35
C ALA A 50 8.29 -41.65 0.04
N ARG A 51 7.68 -42.41 0.96
CA ARG A 51 7.45 -41.95 2.32
C ARG A 51 8.56 -42.37 3.27
N ILE A 52 9.56 -43.09 2.78
CA ILE A 52 10.61 -43.68 3.60
C ILE A 52 11.95 -43.09 3.15
N ARG A 53 12.72 -42.57 4.10
CA ARG A 53 13.99 -41.96 3.79
C ARG A 53 15.01 -43.03 3.40
N PRO A 54 16.07 -42.65 2.67
CA PRO A 54 17.15 -43.60 2.41
C PRO A 54 17.89 -43.99 3.67
N ASN A 55 18.43 -45.22 3.65
CA ASN A 55 19.12 -45.84 4.77
C ASN A 55 18.25 -45.85 6.03
N PHE A 56 17.11 -46.54 5.92
CA PHE A 56 16.13 -46.54 6.99
C PHE A 56 16.62 -47.40 8.15
N LYS A 57 16.56 -46.82 9.36
CA LYS A 57 17.16 -47.37 10.59
C LYS A 57 18.64 -47.68 10.38
N GLY A 58 19.35 -46.70 9.85
CA GLY A 58 20.78 -46.79 9.68
C GLY A 58 21.43 -45.45 9.98
N PRO A 59 22.48 -45.11 9.23
CA PRO A 59 23.08 -43.79 9.37
C PRO A 59 22.16 -42.73 8.78
N PRO A 60 22.26 -41.48 9.26
CA PRO A 60 21.35 -40.43 8.77
C PRO A 60 21.69 -40.00 7.35
N VAL A 61 20.70 -39.39 6.70
CA VAL A 61 20.85 -38.91 5.34
C VAL A 61 21.65 -37.61 5.36
N ASN A 62 22.78 -37.60 4.66
CA ASN A 62 23.65 -36.43 4.60
C ASN A 62 23.29 -35.62 3.35
N VAL A 63 22.56 -34.53 3.56
CA VAL A 63 22.12 -33.65 2.48
C VAL A 63 23.04 -32.44 2.45
N THR A 64 23.78 -32.28 1.36
CA THR A 64 24.64 -31.12 1.18
C THR A 64 23.95 -30.11 0.27
N CYS A 65 24.13 -28.82 0.58
CA CYS A 65 23.36 -27.76 -0.06
C CYS A 65 24.27 -26.63 -0.51
N ASN A 66 23.84 -25.94 -1.56
CA ASN A 66 24.42 -24.67 -1.98
C ASN A 66 23.36 -23.87 -2.74
N ILE A 67 23.48 -22.55 -2.67
CA ILE A 67 22.48 -21.66 -3.26
C ILE A 67 23.13 -20.76 -4.30
N PHE A 68 22.32 -20.37 -5.29
CA PHE A 68 22.68 -19.36 -6.28
C PHE A 68 21.70 -18.21 -6.13
N ILE A 69 22.19 -16.99 -5.97
CA ILE A 69 21.34 -15.84 -5.73
C ILE A 69 21.13 -15.10 -7.05
N ASN A 70 19.91 -15.17 -7.58
CA ASN A 70 19.58 -14.40 -8.78
C ASN A 70 19.38 -12.93 -8.43
N SER A 71 18.41 -12.64 -7.59
CA SER A 71 18.04 -11.28 -7.24
C SER A 71 18.16 -11.09 -5.74
N PHE A 72 18.63 -9.90 -5.36
CA PHE A 72 18.75 -9.53 -3.96
C PHE A 72 18.26 -8.11 -3.82
N GLY A 73 17.67 -7.79 -2.67
CA GLY A 73 17.30 -6.42 -2.44
C GLY A 73 15.86 -6.16 -2.04
N SER A 74 15.38 -4.96 -2.36
CA SER A 74 14.19 -4.36 -1.77
C SER A 74 14.22 -4.48 -0.24
N ILE A 75 15.35 -4.07 0.33
CA ILE A 75 15.63 -4.25 1.75
C ILE A 75 14.86 -3.16 2.50
N ALA A 76 13.69 -3.50 2.99
CA ALA A 76 12.89 -2.56 3.77
C ALA A 76 13.41 -2.48 5.19
N GLU A 77 13.12 -1.35 5.84
CA GLU A 77 13.54 -1.13 7.22
C GLU A 77 12.40 -0.89 8.17
N THR A 78 11.25 -0.42 7.70
CA THR A 78 10.06 -0.36 8.54
C THR A 78 9.59 -1.77 8.88
N THR A 79 9.67 -2.69 7.92
CA THR A 79 9.30 -4.08 8.13
C THR A 79 10.48 -4.91 8.62
N MET A 80 11.71 -4.42 8.40
CA MET A 80 12.98 -5.10 8.71
C MET A 80 13.04 -6.48 8.03
N ASP A 81 13.02 -6.44 6.71
CA ASP A 81 13.09 -7.67 5.92
C ASP A 81 13.79 -7.37 4.60
N TYR A 82 14.04 -8.43 3.84
CA TYR A 82 14.67 -8.30 2.54
C TYR A 82 14.19 -9.44 1.66
N ARG A 83 14.08 -9.17 0.37
CA ARG A 83 13.61 -10.15 -0.59
C ARG A 83 14.79 -10.72 -1.37
N VAL A 84 14.82 -12.04 -1.50
CA VAL A 84 15.87 -12.73 -2.23
C VAL A 84 15.20 -13.72 -3.16
N ASN A 85 15.92 -14.13 -4.20
CA ASN A 85 15.41 -15.04 -5.23
C ASN A 85 16.52 -16.05 -5.51
N ILE A 86 16.40 -17.25 -4.94
CA ILE A 86 17.51 -18.18 -4.90
C ILE A 86 17.22 -19.41 -5.75
N PHE A 87 18.30 -20.10 -6.10
CA PHE A 87 18.27 -21.46 -6.65
C PHE A 87 18.76 -22.39 -5.56
N LEU A 88 17.85 -23.14 -4.94
CA LEU A 88 18.22 -24.02 -3.84
C LEU A 88 18.56 -25.39 -4.40
N ARG A 89 19.85 -25.74 -4.37
CA ARG A 89 20.33 -27.02 -4.85
C ARG A 89 20.55 -27.95 -3.67
N GLN A 90 20.03 -29.17 -3.77
CA GLN A 90 20.14 -30.16 -2.71
C GLN A 90 20.70 -31.44 -3.28
N GLN A 91 21.72 -32.00 -2.63
CA GLN A 91 22.32 -33.25 -3.06
C GLN A 91 22.31 -34.23 -1.91
N TRP A 92 21.81 -35.44 -2.16
CA TRP A 92 21.86 -36.52 -1.18
C TRP A 92 22.07 -37.82 -1.93
N ASN A 93 22.08 -38.92 -1.19
CA ASN A 93 22.32 -40.25 -1.76
C ASN A 93 21.13 -41.14 -1.45
N ASP A 94 20.49 -41.64 -2.51
CA ASP A 94 19.37 -42.56 -2.37
C ASP A 94 19.77 -43.86 -3.05
N PRO A 95 20.15 -44.89 -2.27
CA PRO A 95 20.65 -46.14 -2.87
C PRO A 95 19.58 -46.95 -3.60
N ARG A 96 18.31 -46.67 -3.38
CA ARG A 96 17.25 -47.36 -4.10
C ARG A 96 17.09 -46.84 -5.52
N LEU A 97 17.65 -45.67 -5.83
CA LEU A 97 17.59 -45.09 -7.16
C LEU A 97 18.83 -45.40 -7.99
N ALA A 98 19.69 -46.30 -7.51
CA ALA A 98 20.95 -46.60 -8.18
C ALA A 98 20.70 -47.65 -9.26
N TYR A 99 20.74 -47.21 -10.51
CA TYR A 99 20.56 -48.09 -11.65
C TYR A 99 21.91 -48.65 -12.11
N SER A 100 21.85 -49.70 -12.94
CA SER A 100 23.06 -50.32 -13.46
C SER A 100 23.02 -50.64 -14.94
N GLU A 101 21.85 -50.76 -15.56
CA GLU A 101 21.77 -51.19 -16.96
C GLU A 101 21.76 -50.04 -17.95
N TYR A 102 21.34 -48.85 -17.53
CA TYR A 102 21.34 -47.70 -18.42
C TYR A 102 22.77 -47.22 -18.62
N PRO A 103 23.15 -46.86 -19.86
CA PRO A 103 24.58 -46.63 -20.14
C PRO A 103 25.13 -45.28 -19.65
N ASP A 104 24.33 -44.22 -19.69
CA ASP A 104 24.86 -42.89 -19.42
C ASP A 104 24.90 -42.60 -17.91
N ASP A 105 25.55 -41.50 -17.58
CA ASP A 105 25.90 -41.17 -16.20
C ASP A 105 24.84 -40.36 -15.47
N SER A 106 23.90 -39.75 -16.18
CA SER A 106 22.90 -38.91 -15.53
C SER A 106 21.61 -38.94 -16.33
N LEU A 107 20.50 -38.67 -15.64
CA LEU A 107 19.17 -38.63 -16.24
C LEU A 107 18.48 -37.35 -15.81
N ASP A 108 18.56 -36.30 -16.63
CA ASP A 108 17.73 -35.12 -16.40
C ASP A 108 16.26 -35.46 -16.67
N LEU A 109 15.42 -35.32 -15.65
CA LEU A 109 14.07 -35.86 -15.70
C LEU A 109 13.02 -34.75 -15.72
N ASP A 110 11.79 -35.17 -16.01
CA ASP A 110 10.64 -34.28 -15.94
C ASP A 110 10.32 -34.02 -14.48
N PRO A 111 10.07 -32.76 -14.07
CA PRO A 111 9.65 -32.51 -12.67
C PRO A 111 8.25 -32.99 -12.28
N SER A 112 7.55 -33.72 -13.15
CA SER A 112 6.38 -34.46 -12.72
C SER A 112 6.77 -35.72 -11.95
N MET A 113 8.03 -36.15 -12.05
CA MET A 113 8.54 -37.29 -11.29
C MET A 113 8.75 -36.95 -9.82
N LEU A 114 8.90 -35.66 -9.49
CA LEU A 114 9.27 -35.23 -8.14
C LEU A 114 8.19 -35.47 -7.10
N ASP A 115 6.97 -35.83 -7.49
CA ASP A 115 5.96 -36.24 -6.53
C ASP A 115 6.09 -37.72 -6.17
N SER A 116 7.08 -38.43 -6.70
CA SER A 116 7.19 -39.86 -6.51
C SER A 116 8.51 -40.31 -5.88
N ILE A 117 9.44 -39.39 -5.62
CA ILE A 117 10.68 -39.73 -4.94
C ILE A 117 10.68 -39.11 -3.55
N TRP A 118 11.66 -39.49 -2.75
CA TRP A 118 11.84 -38.90 -1.44
C TRP A 118 12.55 -37.56 -1.57
N LYS A 119 12.06 -36.55 -0.86
CA LYS A 119 12.71 -35.25 -0.82
C LYS A 119 12.89 -34.82 0.62
N PRO A 120 13.99 -34.13 0.94
CA PRO A 120 14.17 -33.60 2.29
C PRO A 120 13.21 -32.47 2.57
N ASP A 121 12.72 -32.43 3.81
CA ASP A 121 11.75 -31.41 4.22
C ASP A 121 12.46 -30.18 4.78
N LEU A 122 13.22 -29.54 3.90
CA LEU A 122 13.90 -28.31 4.27
C LEU A 122 12.92 -27.15 4.34
N PHE A 123 13.17 -26.23 5.26
CA PHE A 123 12.41 -24.99 5.31
C PHE A 123 13.32 -23.90 5.85
N PHE A 124 12.83 -22.67 5.80
CA PHE A 124 13.57 -21.52 6.29
C PHE A 124 12.91 -21.04 7.57
N ALA A 125 13.73 -20.83 8.61
CA ALA A 125 13.18 -20.48 9.91
C ALA A 125 12.69 -19.03 9.99
N ASN A 126 12.96 -18.23 8.97
CA ASN A 126 12.54 -16.84 8.89
C ASN A 126 11.94 -16.53 7.51
N GLU A 127 10.97 -17.36 7.11
CA GLU A 127 10.34 -17.23 5.79
C GLU A 127 9.61 -15.90 5.63
N LYS A 128 8.69 -15.60 6.54
CA LYS A 128 7.76 -14.45 6.47
C LYS A 128 7.04 -14.43 5.11
N GLY A 129 6.53 -15.60 4.72
CA GLY A 129 5.92 -15.73 3.42
C GLY A 129 6.94 -16.01 2.33
N ALA A 130 6.68 -17.04 1.53
CA ALA A 130 7.55 -17.45 0.44
C ALA A 130 6.74 -18.30 -0.53
N ASN A 131 7.19 -18.32 -1.78
CA ASN A 131 6.45 -19.02 -2.82
C ASN A 131 7.41 -19.64 -3.84
N PHE A 132 6.88 -20.60 -4.59
CA PHE A 132 7.58 -21.16 -5.73
C PHE A 132 7.39 -20.30 -6.96
N HIS A 133 7.91 -20.76 -8.08
CA HIS A 133 7.69 -20.15 -9.38
C HIS A 133 7.17 -21.22 -10.33
N GLU A 134 6.01 -20.97 -10.92
CA GLU A 134 5.29 -21.98 -11.69
C GLU A 134 4.91 -21.46 -13.06
N VAL A 135 5.77 -20.65 -13.66
CA VAL A 135 5.47 -20.04 -14.95
C VAL A 135 6.01 -20.92 -16.07
N THR A 136 5.08 -21.42 -16.90
CA THR A 136 5.19 -22.20 -18.13
C THR A 136 5.59 -23.65 -17.85
N THR A 137 6.07 -23.93 -16.63
CA THR A 137 6.47 -25.23 -16.09
C THR A 137 6.83 -24.93 -14.64
N ASP A 138 6.66 -25.89 -13.72
CA ASP A 138 7.28 -25.77 -12.40
C ASP A 138 8.79 -25.68 -12.55
N ASN A 139 9.37 -24.61 -11.99
CA ASN A 139 10.81 -24.37 -12.13
C ASN A 139 11.55 -25.26 -11.16
N LYS A 140 11.71 -26.52 -11.58
CA LYS A 140 12.34 -27.56 -10.77
C LYS A 140 13.34 -28.31 -11.64
N LEU A 141 14.28 -28.99 -10.97
CA LEU A 141 15.32 -29.75 -11.65
C LEU A 141 15.52 -31.06 -10.92
N LEU A 142 15.76 -32.13 -11.68
CA LEU A 142 16.01 -33.44 -11.10
C LEU A 142 16.96 -34.20 -12.02
N ARG A 143 18.09 -34.63 -11.48
CA ARG A 143 18.97 -35.55 -12.20
C ARG A 143 19.55 -36.56 -11.24
N ILE A 144 19.65 -37.80 -11.69
CA ILE A 144 20.02 -38.94 -10.85
C ILE A 144 21.23 -39.61 -11.47
N SER A 145 22.32 -39.70 -10.70
CA SER A 145 23.54 -40.35 -11.17
C SER A 145 23.39 -41.86 -11.08
N LYS A 146 24.46 -42.57 -11.46
CA LYS A 146 24.40 -44.03 -11.50
C LYS A 146 24.43 -44.64 -10.11
N ASN A 147 25.20 -44.05 -9.20
CA ASN A 147 25.29 -44.56 -7.84
C ASN A 147 24.14 -44.09 -6.94
N GLY A 148 23.24 -43.26 -7.45
CA GLY A 148 22.11 -42.79 -6.68
C GLY A 148 22.19 -41.35 -6.22
N ASN A 149 23.20 -40.61 -6.64
CA ASN A 149 23.31 -39.20 -6.26
C ASN A 149 22.21 -38.40 -6.95
N VAL A 150 21.43 -37.67 -6.16
CA VAL A 150 20.25 -36.96 -6.63
C VAL A 150 20.52 -35.46 -6.51
N LEU A 151 20.41 -34.74 -7.61
CA LEU A 151 20.48 -33.28 -7.60
C LEU A 151 19.08 -32.72 -7.75
N TYR A 152 18.74 -31.77 -6.89
CA TYR A 152 17.37 -31.22 -6.81
C TYR A 152 17.46 -29.71 -6.68
N SER A 153 17.26 -29.01 -7.78
CA SER A 153 17.35 -27.55 -7.83
C SER A 153 15.98 -26.95 -8.06
N ILE A 154 15.57 -26.05 -7.17
CA ILE A 154 14.30 -25.34 -7.30
C ILE A 154 14.54 -23.85 -7.16
N ARG A 155 13.59 -23.08 -7.66
CA ARG A 155 13.66 -21.62 -7.62
C ARG A 155 12.66 -21.12 -6.57
N ILE A 156 13.17 -20.43 -5.56
CA ILE A 156 12.37 -19.96 -4.43
C ILE A 156 12.52 -18.45 -4.34
N THR A 157 11.42 -17.75 -4.08
CA THR A 157 11.43 -16.34 -3.70
C THR A 157 11.12 -16.24 -2.21
N LEU A 158 12.00 -15.62 -1.46
CA LEU A 158 11.92 -15.53 -0.02
C LEU A 158 11.83 -14.07 0.39
N VAL A 159 11.05 -13.77 1.43
CA VAL A 159 11.11 -12.42 2.01
C VAL A 159 11.64 -12.59 3.43
N LEU A 160 12.96 -12.59 3.55
CA LEU A 160 13.59 -13.06 4.78
C LEU A 160 13.70 -11.95 5.81
N ALA A 161 13.55 -12.33 7.07
CA ALA A 161 13.58 -11.39 8.18
C ALA A 161 14.96 -11.35 8.79
N CYS A 162 15.48 -10.13 9.00
CA CYS A 162 16.74 -9.95 9.68
C CYS A 162 16.64 -8.73 10.59
N PRO A 163 17.10 -8.83 11.84
CA PRO A 163 17.03 -7.69 12.75
C PRO A 163 18.07 -6.64 12.39
N MET A 164 17.62 -5.38 12.32
CA MET A 164 18.47 -4.27 11.94
C MET A 164 19.09 -3.67 13.19
N ASP A 165 20.43 -3.59 13.22
CA ASP A 165 21.14 -2.93 14.30
C ASP A 165 21.54 -1.55 13.80
N LEU A 166 20.74 -0.55 14.16
CA LEU A 166 20.83 0.79 13.60
C LEU A 166 21.43 1.80 14.58
N LYS A 167 22.45 1.39 15.34
CA LYS A 167 23.05 2.30 16.31
C LYS A 167 23.80 3.44 15.65
N ASN A 168 24.35 3.20 14.46
CA ASN A 168 25.00 4.24 13.65
C ASN A 168 24.49 4.10 12.21
N PHE A 169 23.38 4.80 11.92
CA PHE A 169 22.53 4.38 10.80
C PHE A 169 23.12 4.57 9.41
N PRO A 170 23.69 5.73 9.01
CA PRO A 170 24.21 5.81 7.63
C PRO A 170 25.54 5.10 7.42
N MET A 171 26.19 4.63 8.49
CA MET A 171 27.51 4.03 8.39
C MET A 171 27.54 2.63 9.01
N ASP A 172 26.43 1.92 9.02
CA ASP A 172 26.41 0.61 9.66
C ASP A 172 26.73 -0.49 8.66
N VAL A 173 27.12 -1.64 9.19
CA VAL A 173 27.37 -2.84 8.41
C VAL A 173 26.38 -3.89 8.89
N GLN A 174 25.31 -4.07 8.14
CA GLN A 174 24.27 -5.04 8.51
C GLN A 174 24.74 -6.46 8.22
N THR A 175 24.21 -7.40 8.99
CA THR A 175 24.48 -8.83 8.80
C THR A 175 23.14 -9.54 8.79
N CYS A 176 22.59 -9.76 7.60
CA CYS A 176 21.30 -10.42 7.45
C CYS A 176 21.53 -11.87 7.03
N ILE A 177 20.86 -12.79 7.71
CA ILE A 177 21.15 -14.21 7.60
C ILE A 177 19.99 -14.91 6.91
N MET A 178 20.21 -16.18 6.56
CA MET A 178 19.16 -17.08 6.14
C MET A 178 19.53 -18.48 6.61
N GLN A 179 18.60 -19.15 7.28
CA GLN A 179 18.88 -20.42 7.94
C GLN A 179 17.92 -21.49 7.45
N LEU A 180 18.48 -22.68 7.20
CA LEU A 180 17.81 -23.77 6.47
C LEU A 180 17.67 -24.94 7.44
N GLU A 181 16.48 -25.13 7.98
CA GLU A 181 16.23 -26.15 8.98
C GLU A 181 15.50 -27.35 8.39
N SER A 182 15.39 -28.39 9.19
CA SER A 182 14.51 -29.51 8.94
C SER A 182 13.35 -29.45 9.92
N PHE A 183 12.20 -29.97 9.50
CA PHE A 183 10.99 -29.84 10.30
C PHE A 183 10.46 -31.16 10.82
N GLY A 184 10.66 -32.26 10.09
CA GLY A 184 10.10 -33.53 10.50
C GLY A 184 11.13 -34.56 10.93
N TYR A 185 12.34 -34.47 10.40
CA TYR A 185 13.41 -35.41 10.71
C TYR A 185 14.40 -34.74 11.67
N THR A 186 14.78 -35.46 12.71
CA THR A 186 15.71 -34.93 13.71
C THR A 186 17.14 -35.12 13.24
N MET A 187 18.09 -34.92 14.15
CA MET A 187 19.51 -35.00 13.81
C MET A 187 19.95 -36.43 13.52
N ASN A 188 19.32 -37.41 14.15
CA ASN A 188 19.67 -38.80 13.92
C ASN A 188 19.06 -39.38 12.65
N ASP A 189 18.39 -38.58 11.83
CA ASP A 189 17.80 -39.03 10.58
C ASP A 189 18.19 -38.20 9.37
N LEU A 190 18.58 -36.95 9.54
CA LEU A 190 18.81 -36.05 8.40
C LEU A 190 19.71 -34.92 8.85
N ILE A 191 20.85 -34.74 8.18
CA ILE A 191 21.85 -33.74 8.54
C ILE A 191 22.11 -32.84 7.34
N PHE A 192 21.96 -31.54 7.53
CA PHE A 192 22.28 -30.55 6.50
C PHE A 192 23.73 -30.11 6.61
N GLU A 193 24.38 -29.97 5.46
CA GLU A 193 25.75 -29.48 5.38
C GLU A 193 25.86 -28.51 4.22
N TRP A 194 26.84 -27.62 4.29
CA TRP A 194 27.24 -26.89 3.11
C TRP A 194 28.35 -27.66 2.40
N ASP A 195 28.46 -27.47 1.10
CA ASP A 195 29.54 -28.07 0.35
C ASP A 195 30.74 -27.13 0.29
N GLU A 196 31.93 -27.71 0.19
CA GLU A 196 33.16 -26.95 0.26
C GLU A 196 33.49 -26.21 -1.03
N LYS A 197 32.77 -26.48 -2.12
CA LYS A 197 33.07 -25.90 -3.43
C LYS A 197 32.20 -24.67 -3.70
N GLY A 198 32.37 -23.64 -2.85
CA GLY A 198 31.65 -22.41 -3.06
C GLY A 198 30.18 -22.51 -2.77
N ALA A 199 29.81 -22.63 -1.49
CA ALA A 199 28.45 -22.94 -1.10
C ALA A 199 27.45 -21.82 -1.33
N VAL A 200 27.89 -20.60 -1.63
CA VAL A 200 26.97 -19.51 -1.99
C VAL A 200 27.54 -18.86 -3.24
N GLN A 201 26.86 -19.05 -4.37
CA GLN A 201 27.20 -18.36 -5.60
C GLN A 201 26.30 -17.14 -5.78
N VAL A 202 26.89 -16.08 -6.34
CA VAL A 202 26.21 -14.82 -6.58
C VAL A 202 26.22 -14.59 -8.09
N ALA A 203 25.17 -13.97 -8.61
CA ALA A 203 25.06 -13.65 -10.02
C ALA A 203 26.15 -12.66 -10.45
N ASP A 204 26.31 -12.53 -11.77
CA ASP A 204 27.44 -11.78 -12.33
C ASP A 204 27.30 -10.29 -12.10
N GLY A 205 26.14 -9.72 -12.44
CA GLY A 205 25.96 -8.29 -12.31
C GLY A 205 24.96 -7.90 -11.25
N LEU A 206 24.97 -8.58 -10.12
CA LEU A 206 24.03 -8.32 -9.03
C LEU A 206 24.49 -7.08 -8.28
N THR A 207 23.83 -5.96 -8.53
CA THR A 207 24.09 -4.71 -7.84
C THR A 207 22.90 -4.33 -6.97
N LEU A 208 23.17 -3.52 -5.95
CA LEU A 208 22.13 -3.05 -5.04
C LEU A 208 22.04 -1.53 -5.08
N PRO A 209 20.84 -0.96 -4.92
CA PRO A 209 20.74 0.50 -4.99
C PRO A 209 21.29 1.21 -3.76
N GLN A 210 21.16 0.61 -2.57
CA GLN A 210 21.58 1.25 -1.34
C GLN A 210 22.76 0.59 -0.67
N PHE A 211 23.04 -0.67 -0.98
CA PHE A 211 24.01 -1.47 -0.27
C PHE A 211 25.07 -2.02 -1.22
N ILE A 212 26.07 -2.67 -0.65
CA ILE A 212 26.99 -3.54 -1.38
C ILE A 212 27.10 -4.85 -0.61
N LEU A 213 27.24 -5.95 -1.33
CA LEU A 213 27.36 -7.27 -0.74
C LEU A 213 28.83 -7.66 -0.70
N LYS A 214 29.35 -7.87 0.50
CA LYS A 214 30.76 -8.22 0.65
C LYS A 214 31.02 -9.65 0.19
N GLU A 215 32.27 -9.91 -0.19
CA GLU A 215 32.62 -11.20 -0.80
C GLU A 215 32.69 -12.31 0.25
N GLU A 216 33.21 -12.01 1.43
CA GLU A 216 33.32 -13.01 2.48
C GLU A 216 31.95 -13.29 3.09
N LYS A 217 31.50 -14.53 2.99
CA LYS A 217 30.20 -14.94 3.50
C LYS A 217 30.39 -16.06 4.50
N ASP A 218 29.93 -15.83 5.73
CA ASP A 218 30.09 -16.82 6.79
C ASP A 218 29.16 -18.01 6.55
N LEU A 219 29.63 -19.20 6.95
CA LEU A 219 28.88 -20.44 6.79
C LEU A 219 29.02 -21.23 8.08
N ARG A 220 28.10 -21.03 9.01
CA ARG A 220 28.18 -21.66 10.32
C ARG A 220 26.91 -22.46 10.58
N TYR A 221 26.84 -23.06 11.78
CA TYR A 221 25.74 -23.91 12.18
C TYR A 221 24.83 -23.20 13.17
N CYS A 222 23.56 -23.60 13.18
CA CYS A 222 22.51 -22.97 13.96
C CYS A 222 21.58 -24.01 14.56
N THR A 223 22.15 -25.13 15.05
CA THR A 223 21.39 -26.32 15.42
C THR A 223 20.40 -26.06 16.55
N LYS A 224 19.13 -26.30 16.27
CA LYS A 224 18.04 -25.91 17.16
C LYS A 224 17.67 -27.06 18.09
N HIS A 225 17.31 -26.70 19.32
CA HIS A 225 16.83 -27.65 20.31
C HIS A 225 15.42 -27.25 20.72
N TYR A 226 14.47 -28.15 20.54
CA TYR A 226 13.10 -27.94 20.97
C TYR A 226 12.73 -28.98 22.02
N ASN A 227 11.47 -28.97 22.44
CA ASN A 227 10.94 -30.05 23.26
C ASN A 227 10.48 -31.25 22.43
N THR A 228 10.54 -31.14 21.10
CA THR A 228 10.28 -32.25 20.20
C THR A 228 11.54 -33.05 19.92
N GLY A 229 12.66 -32.36 19.75
CA GLY A 229 13.93 -33.02 19.53
C GLY A 229 14.99 -31.99 19.21
N LYS A 230 16.07 -32.43 18.58
CA LYS A 230 17.05 -31.52 18.04
C LYS A 230 17.07 -31.65 16.52
N PHE A 231 17.01 -30.52 15.84
CA PHE A 231 16.83 -30.48 14.39
C PHE A 231 18.02 -29.79 13.75
N THR A 232 18.41 -30.26 12.58
CA THR A 232 19.58 -29.71 11.91
C THR A 232 19.27 -28.33 11.34
N CYS A 233 20.33 -27.55 11.15
CA CYS A 233 20.23 -26.18 10.69
C CYS A 233 21.60 -25.75 10.18
N ILE A 234 21.60 -25.08 9.03
CA ILE A 234 22.78 -24.43 8.49
C ILE A 234 22.37 -23.03 8.07
N GLU A 235 23.30 -22.08 8.18
CA GLU A 235 22.96 -20.71 7.83
C GLU A 235 24.14 -19.99 7.22
N ALA A 236 23.82 -18.96 6.43
CA ALA A 236 24.80 -18.16 5.73
C ALA A 236 24.59 -16.70 6.09
N ARG A 237 25.63 -16.06 6.60
CA ARG A 237 25.58 -14.63 6.89
C ARG A 237 25.91 -13.83 5.64
N PHE A 238 25.17 -12.75 5.42
CA PHE A 238 25.43 -11.82 4.33
C PHE A 238 25.73 -10.45 4.93
N HIS A 239 26.93 -9.94 4.67
CA HIS A 239 27.37 -8.66 5.24
C HIS A 239 27.05 -7.56 4.25
N LEU A 240 26.13 -6.68 4.61
CA LEU A 240 25.69 -5.58 3.77
C LEU A 240 26.27 -4.28 4.29
N GLU A 241 26.84 -3.47 3.39
CA GLU A 241 27.46 -2.21 3.73
C GLU A 241 26.80 -1.10 2.93
N ARG A 242 26.42 -0.02 3.59
CA ARG A 242 25.62 1.01 2.93
C ARG A 242 26.45 1.87 2.01
N GLN A 243 25.81 2.33 0.94
CA GLN A 243 26.32 3.42 0.13
C GLN A 243 26.00 4.73 0.84
N MET A 244 27.02 5.41 1.34
CA MET A 244 26.84 6.63 2.12
C MET A 244 26.54 7.83 1.23
N GLY A 245 26.77 7.72 -0.08
CA GLY A 245 26.65 8.83 -1.00
C GLY A 245 25.27 9.42 -1.15
N TYR A 246 24.23 8.66 -0.83
CA TYR A 246 22.88 9.22 -0.87
C TYR A 246 22.64 10.16 0.30
N TYR A 247 23.07 9.77 1.50
CA TYR A 247 22.79 10.56 2.69
C TYR A 247 23.63 11.82 2.78
N LEU A 248 24.72 11.88 2.01
CA LEU A 248 25.48 13.13 1.91
C LEU A 248 24.77 14.13 1.00
N ILE A 249 23.80 13.68 0.21
CA ILE A 249 23.09 14.59 -0.68
C ILE A 249 21.80 15.11 -0.05
N GLN A 250 21.10 14.29 0.72
CA GLN A 250 19.84 14.72 1.31
C GLN A 250 19.95 15.14 2.77
N MET A 251 20.72 14.42 3.59
CA MET A 251 20.73 14.68 5.02
C MET A 251 21.85 15.62 5.46
N TYR A 252 23.10 15.29 5.14
CA TYR A 252 24.23 15.97 5.77
C TYR A 252 24.45 17.38 5.22
N ILE A 253 24.57 17.53 3.91
CA ILE A 253 24.85 18.83 3.30
C ILE A 253 23.64 19.79 3.38
N PRO A 254 22.38 19.41 3.14
CA PRO A 254 21.29 20.37 3.38
C PRO A 254 21.02 20.66 4.85
N SER A 255 21.65 19.97 5.78
CA SER A 255 21.67 20.40 7.17
C SER A 255 22.95 21.16 7.50
N LEU A 256 23.90 21.24 6.56
CA LEU A 256 25.08 22.07 6.73
C LEU A 256 24.91 23.45 6.11
N LEU A 257 23.99 23.61 5.15
CA LEU A 257 23.70 24.94 4.63
C LEU A 257 22.94 25.78 5.63
N ILE A 258 22.02 25.17 6.38
CA ILE A 258 21.21 25.92 7.34
C ILE A 258 22.04 26.37 8.54
N VAL A 259 23.13 25.66 8.86
CA VAL A 259 24.08 26.14 9.85
C VAL A 259 24.79 27.40 9.34
N ILE A 260 25.00 27.50 8.03
CA ILE A 260 25.59 28.71 7.48
C ILE A 260 24.58 29.86 7.47
N LEU A 261 23.29 29.56 7.29
CA LEU A 261 22.24 30.58 7.45
C LEU A 261 22.18 31.12 8.87
N SER A 262 22.47 30.28 9.87
CA SER A 262 22.54 30.77 11.24
C SER A 262 23.77 31.63 11.48
N TRP A 263 24.76 31.58 10.60
CA TRP A 263 25.94 32.43 10.70
C TRP A 263 25.82 33.69 9.85
N VAL A 264 24.77 33.81 9.03
CA VAL A 264 24.50 35.05 8.32
C VAL A 264 24.05 36.13 9.29
N SER A 265 23.34 35.74 10.35
CA SER A 265 22.78 36.67 11.33
C SER A 265 23.84 37.34 12.20
N PHE A 266 25.11 36.96 12.08
CA PHE A 266 26.18 37.55 12.89
C PHE A 266 26.85 38.73 12.20
N TRP A 267 26.33 39.19 11.08
CA TRP A 267 26.99 40.19 10.26
C TRP A 267 26.20 41.48 10.09
N ILE A 268 24.86 41.42 10.11
CA ILE A 268 24.04 42.57 9.74
C ILE A 268 23.84 43.50 10.94
N ASN A 269 24.40 44.72 10.82
CA ASN A 269 24.16 45.90 11.65
C ASN A 269 24.76 45.84 13.06
N MET A 270 25.23 44.65 13.48
CA MET A 270 26.11 44.40 14.63
C MET A 270 25.53 44.71 16.00
N ASP A 271 24.39 45.40 16.08
CA ASP A 271 23.85 45.82 17.37
C ASP A 271 22.43 45.35 17.61
N ALA A 272 21.52 45.61 16.66
CA ALA A 272 20.10 45.38 16.85
C ALA A 272 19.37 45.44 15.52
N ALA A 273 18.56 44.42 15.22
CA ALA A 273 17.75 44.40 14.00
C ALA A 273 16.60 43.43 14.22
N PRO A 274 15.43 43.68 13.61
CA PRO A 274 14.36 42.67 13.65
C PRO A 274 14.66 41.44 12.81
N ALA A 275 15.57 41.54 11.83
CA ALA A 275 15.87 40.42 10.96
C ALA A 275 16.73 39.35 11.62
N ARG A 276 17.52 39.72 12.63
CA ARG A 276 18.38 38.75 13.30
C ARG A 276 17.60 37.82 14.21
N VAL A 277 16.42 38.23 14.70
CA VAL A 277 15.49 37.27 15.27
C VAL A 277 14.81 36.49 14.17
N GLY A 278 14.34 37.17 13.13
CA GLY A 278 13.57 36.54 12.07
C GLY A 278 14.36 35.55 11.24
N LEU A 279 15.67 35.74 11.13
CA LEU A 279 16.50 34.71 10.51
C LEU A 279 16.72 33.55 11.46
N GLY A 280 16.84 33.83 12.77
CA GLY A 280 16.84 32.77 13.76
C GLY A 280 15.47 32.17 14.02
N ILE A 281 14.40 32.86 13.62
CA ILE A 281 13.07 32.27 13.64
C ILE A 281 12.96 31.18 12.58
N THR A 282 13.45 31.44 11.38
CA THR A 282 13.13 30.59 10.24
C THR A 282 14.00 29.35 10.18
N THR A 283 15.28 29.49 10.55
CA THR A 283 16.19 28.34 10.51
C THR A 283 15.88 27.29 11.57
N VAL A 284 15.04 27.59 12.55
CA VAL A 284 14.51 26.58 13.46
C VAL A 284 13.36 25.80 12.82
N LEU A 285 12.55 26.47 11.98
CA LEU A 285 11.45 25.81 11.26
C LEU A 285 11.97 24.70 10.35
N THR A 286 13.10 24.93 9.68
CA THR A 286 13.67 23.90 8.83
C THR A 286 14.26 22.76 9.65
N MET A 287 15.10 23.10 10.63
CA MET A 287 15.81 22.09 11.42
C MET A 287 14.91 21.31 12.38
N THR A 288 13.65 21.74 12.55
CA THR A 288 12.67 20.89 13.22
C THR A 288 11.97 19.98 12.21
N THR A 289 11.64 20.51 11.04
CA THR A 289 10.98 19.72 10.01
C THR A 289 11.95 18.72 9.37
N GLN A 290 13.20 19.15 9.12
CA GLN A 290 14.18 18.25 8.52
C GLN A 290 14.64 17.18 9.49
N SER A 291 14.61 17.47 10.80
CA SER A 291 14.90 16.43 11.78
C SER A 291 13.79 15.39 11.83
N SER A 292 12.54 15.81 11.73
CA SER A 292 11.44 14.86 11.61
C SER A 292 11.42 14.23 10.23
N GLY A 293 11.86 14.96 9.20
CA GLY A 293 11.92 14.42 7.86
C GLY A 293 13.04 13.42 7.64
N SER A 294 14.05 13.45 8.52
CA SER A 294 15.16 12.50 8.40
C SER A 294 14.82 11.11 8.92
N ARG A 295 13.68 10.96 9.59
CA ARG A 295 13.25 9.67 10.12
C ARG A 295 11.88 9.30 9.57
N ALA A 296 11.66 9.55 8.28
CA ALA A 296 10.38 9.26 7.65
C ALA A 296 10.26 7.83 7.17
N SER A 297 11.36 7.14 6.94
CA SER A 297 11.36 5.76 6.46
C SER A 297 12.19 4.88 7.38
N LEU A 298 11.97 5.01 8.68
CA LEU A 298 12.75 4.29 9.68
C LEU A 298 11.85 3.62 10.69
N PRO A 299 12.27 2.50 11.27
CA PRO A 299 11.52 1.91 12.38
C PRO A 299 11.64 2.75 13.63
N LYS A 300 10.76 2.47 14.59
CA LYS A 300 10.66 3.28 15.80
C LYS A 300 11.50 2.63 16.91
N VAL A 301 12.81 2.70 16.71
CA VAL A 301 13.76 2.13 17.66
C VAL A 301 13.89 3.05 18.87
N SER A 302 14.23 2.47 20.01
CA SER A 302 14.28 3.25 21.25
C SER A 302 15.58 4.02 21.39
N TYR A 303 16.69 3.44 20.95
CA TYR A 303 17.99 4.05 21.13
C TYR A 303 18.21 5.21 20.15
N VAL A 304 19.32 5.91 20.33
CA VAL A 304 19.70 7.05 19.51
C VAL A 304 20.66 6.55 18.43
N LYS A 305 20.57 7.14 17.25
CA LYS A 305 21.35 6.72 16.09
C LYS A 305 22.23 7.88 15.60
N ALA A 306 22.98 7.61 14.52
CA ALA A 306 23.96 8.56 14.03
C ALA A 306 23.31 9.78 13.37
N ILE A 307 22.18 9.59 12.71
CA ILE A 307 21.51 10.72 12.06
C ILE A 307 20.77 11.57 13.07
N ASP A 308 20.55 11.07 14.29
CA ASP A 308 19.94 11.89 15.33
C ASP A 308 20.94 12.87 15.93
N ILE A 309 22.13 12.39 16.31
CA ILE A 309 23.11 13.27 16.95
C ILE A 309 23.85 14.15 15.97
N TRP A 310 23.56 14.05 14.66
CA TRP A 310 23.95 15.10 13.72
C TRP A 310 22.85 16.13 13.58
N MET A 311 21.59 15.69 13.52
CA MET A 311 20.48 16.61 13.41
C MET A 311 20.12 17.26 14.74
N ALA A 312 20.68 16.79 15.85
CA ALA A 312 20.46 17.44 17.14
C ALA A 312 21.55 18.45 17.47
N VAL A 313 22.81 18.14 17.18
CA VAL A 313 23.88 19.11 17.41
C VAL A 313 23.79 20.27 16.43
N CYS A 314 23.44 20.00 15.18
CA CYS A 314 23.16 21.09 14.24
C CYS A 314 21.85 21.79 14.52
N LEU A 315 20.99 21.24 15.38
CA LEU A 315 19.83 21.98 15.87
C LEU A 315 20.24 22.97 16.95
N LEU A 316 21.25 22.61 17.75
CA LEU A 316 21.76 23.52 18.78
C LEU A 316 22.46 24.73 18.17
N PHE A 317 23.27 24.51 17.13
CA PHE A 317 24.02 25.60 16.53
C PHE A 317 23.11 26.56 15.76
N VAL A 318 21.91 26.08 15.39
CA VAL A 318 20.86 26.99 14.93
C VAL A 318 20.23 27.69 16.11
N PHE A 319 19.94 26.94 17.17
CA PHE A 319 19.25 27.48 18.34
C PHE A 319 20.16 28.39 19.17
N SER A 320 21.47 28.14 19.17
CA SER A 320 22.37 29.00 19.92
C SER A 320 22.65 30.30 19.17
N ALA A 321 22.41 30.32 17.86
CA ALA A 321 22.58 31.55 17.09
C ALA A 321 21.48 32.55 17.41
N LEU A 322 20.25 32.06 17.60
CA LEU A 322 19.17 32.91 18.06
C LEU A 322 19.36 33.26 19.53
N LEU A 323 19.95 32.35 20.31
CA LEU A 323 20.17 32.60 21.72
C LEU A 323 21.31 33.59 21.94
N GLU A 324 22.23 33.66 20.97
CA GLU A 324 23.34 34.61 21.08
C GLU A 324 22.86 36.04 20.84
N TYR A 325 22.01 36.23 19.82
CA TYR A 325 21.49 37.56 19.53
C TYR A 325 20.53 38.03 20.62
N ALA A 326 19.83 37.10 21.27
CA ALA A 326 19.01 37.44 22.41
C ALA A 326 19.87 37.88 23.59
N ALA A 327 21.09 37.35 23.66
CA ALA A 327 22.02 37.79 24.70
C ALA A 327 22.61 39.15 24.36
N VAL A 328 22.68 39.48 23.06
CA VAL A 328 23.19 40.79 22.65
C VAL A 328 22.17 41.88 22.93
N ASN A 329 20.92 41.63 22.56
CA ASN A 329 19.87 42.65 22.68
C ASN A 329 19.48 42.87 24.14
N PHE A 330 19.66 41.85 24.98
CA PHE A 330 19.39 42.02 26.40
C PHE A 330 20.47 42.87 27.07
N ILE A 331 21.68 42.87 26.52
CA ILE A 331 22.76 43.66 27.08
C ILE A 331 22.82 45.04 26.43
N ALA A 332 22.47 45.11 25.13
CA ALA A 332 22.50 46.39 24.43
C ALA A 332 21.35 47.29 24.86
N ARG A 333 20.19 46.71 25.18
CA ARG A 333 19.05 47.46 25.70
C ARG A 333 18.99 47.36 27.23
N GLN A 334 20.00 47.89 27.88
CA GLN A 334 20.12 47.86 29.33
C GLN A 334 20.17 49.24 29.97
N HIS A 335 20.83 50.20 29.31
CA HIS A 335 20.97 51.59 29.74
C HIS A 335 21.57 51.74 31.14
N VAL A 396 26.16 55.56 29.85
CA VAL A 396 26.52 56.50 30.90
C VAL A 396 27.20 57.73 30.32
N GLU A 397 27.98 58.43 31.15
CA GLU A 397 28.67 59.63 30.68
C GLU A 397 29.86 59.27 29.81
N GLU A 398 30.73 58.38 30.28
CA GLU A 398 31.84 57.85 29.51
C GLU A 398 31.62 56.40 29.08
N MET A 399 30.92 55.62 29.89
CA MET A 399 30.78 54.19 29.67
C MET A 399 29.85 53.83 28.51
N ARG A 400 29.16 54.80 27.91
CA ARG A 400 28.22 54.48 26.83
C ARG A 400 28.92 54.04 25.55
N LYS A 401 30.18 54.40 25.36
CA LYS A 401 30.95 53.85 24.25
C LYS A 401 31.46 52.45 24.57
N LEU A 402 31.78 52.18 25.83
CA LEU A 402 32.08 50.83 26.28
C LEU A 402 30.81 49.98 26.36
N PHE A 403 29.65 50.62 26.47
CA PHE A 403 28.38 49.90 26.56
C PHE A 403 27.99 49.28 25.22
N ILE A 404 28.51 49.82 24.12
CA ILE A 404 28.37 49.17 22.83
C ILE A 404 29.48 48.13 22.64
N SER A 405 30.65 48.36 23.26
CA SER A 405 31.72 47.38 23.21
C SER A 405 31.43 46.15 24.06
N ARG A 406 30.44 46.21 24.95
CA ARG A 406 29.95 45.00 25.60
C ARG A 406 29.02 44.21 24.70
N ALA A 407 28.47 44.86 23.66
CA ALA A 407 27.62 44.20 22.69
C ALA A 407 28.30 43.96 21.36
N LYS A 408 29.52 44.48 21.18
CA LYS A 408 30.27 44.24 19.95
C LYS A 408 31.33 43.16 20.13
N ARG A 409 31.92 43.06 21.33
CA ARG A 409 32.90 42.00 21.59
C ARG A 409 32.24 40.63 21.62
N ILE A 410 30.98 40.55 22.02
CA ILE A 410 30.24 39.29 21.95
C ILE A 410 29.99 38.91 20.49
N ASP A 411 29.72 39.89 19.64
CA ASP A 411 29.43 39.62 18.23
C ASP A 411 30.68 39.32 17.40
N THR A 412 31.89 39.55 17.92
CA THR A 412 33.10 39.17 17.22
C THR A 412 33.76 37.92 17.79
N VAL A 413 33.31 37.44 18.95
CA VAL A 413 33.69 36.11 19.41
C VAL A 413 32.76 35.06 18.82
N SER A 414 31.45 35.34 18.79
CA SER A 414 30.48 34.44 18.21
C SER A 414 30.59 34.34 16.69
N ARG A 415 31.27 35.29 16.06
CA ARG A 415 31.53 35.21 14.63
C ARG A 415 32.72 34.30 14.31
N VAL A 416 33.60 34.06 15.28
CA VAL A 416 34.82 33.30 15.07
C VAL A 416 34.80 31.97 15.82
N ALA A 417 34.27 31.94 17.04
CA ALA A 417 34.33 30.72 17.85
C ALA A 417 33.32 29.66 17.40
N PHE A 418 32.20 30.06 16.80
CA PHE A 418 31.27 29.07 16.29
C PHE A 418 31.77 28.31 15.06
N PRO A 419 32.59 28.90 14.14
CA PRO A 419 33.32 28.02 13.20
C PRO A 419 34.51 27.28 13.80
N LEU A 420 34.71 27.36 15.11
CA LEU A 420 35.66 26.50 15.78
C LEU A 420 34.98 25.37 16.56
N VAL A 421 33.79 25.64 17.12
CA VAL A 421 33.06 24.60 17.83
C VAL A 421 32.37 23.65 16.84
N PHE A 422 31.87 24.19 15.73
CA PHE A 422 31.31 23.33 14.69
C PHE A 422 32.40 22.53 13.98
N LEU A 423 33.59 23.09 13.85
CA LEU A 423 34.67 22.38 13.19
C LEU A 423 35.32 21.33 14.09
N ILE A 424 35.24 21.48 15.42
CA ILE A 424 35.77 20.46 16.30
C ILE A 424 34.76 19.35 16.55
N PHE A 425 33.46 19.60 16.36
CA PHE A 425 32.49 18.52 16.38
C PHE A 425 32.53 17.72 15.09
N ASN A 426 32.78 18.39 13.97
CA ASN A 426 32.77 17.73 12.67
C ASN A 426 33.96 16.79 12.54
N ILE A 427 35.07 17.09 13.21
CA ILE A 427 36.20 16.17 13.26
C ILE A 427 35.91 15.03 14.24
N PHE A 428 35.27 15.34 15.37
CA PHE A 428 34.96 14.33 16.38
C PHE A 428 33.86 13.38 15.93
N TYR A 429 33.00 13.80 14.98
CA TYR A 429 31.90 12.96 14.55
C TYR A 429 32.36 11.88 13.58
N TRP A 430 33.08 12.26 12.53
CA TRP A 430 33.42 11.31 11.48
C TRP A 430 34.54 10.36 11.85
N ILE A 431 35.41 10.74 12.78
CA ILE A 431 36.42 9.80 13.25
C ILE A 431 35.79 8.73 14.13
N THR A 432 34.75 9.09 14.88
CA THR A 432 34.05 8.13 15.74
C THR A 432 33.32 7.06 14.92
N TYR A 433 32.84 7.42 13.73
CA TYR A 433 32.07 6.50 12.91
C TYR A 433 32.83 5.96 11.71
N LYS A 434 34.08 6.36 11.51
CA LYS A 434 34.96 5.64 10.60
C LYS A 434 35.85 4.63 11.31
N ILE A 435 35.96 4.73 12.64
CA ILE A 435 36.69 3.74 13.42
C ILE A 435 35.80 2.56 13.80
N ILE A 436 34.49 2.65 13.50
CA ILE A 436 33.41 1.67 13.73
C ILE A 436 33.44 1.04 15.13
N PRO B 31 -24.58 -53.18 15.90
CA PRO B 31 -24.81 -51.85 16.47
C PRO B 31 -24.69 -50.74 15.43
N MET B 32 -24.62 -51.13 14.15
CA MET B 32 -24.44 -50.26 12.98
C MET B 32 -23.23 -49.35 13.15
N PRO B 33 -22.01 -49.86 12.93
CA PRO B 33 -20.80 -49.04 13.10
C PRO B 33 -20.80 -47.84 12.17
N PRO B 34 -20.31 -46.68 12.64
CA PRO B 34 -20.53 -45.42 11.92
C PRO B 34 -19.69 -45.23 10.67
N SER B 35 -18.73 -46.13 10.39
CA SER B 35 -18.01 -46.03 9.13
C SER B 35 -18.87 -46.47 7.95
N GLU B 36 -19.81 -47.39 8.19
CA GLU B 36 -20.70 -47.88 7.16
C GLU B 36 -21.93 -47.00 6.97
N PHE B 37 -22.42 -46.39 8.05
CA PHE B 37 -23.63 -45.59 7.99
C PHE B 37 -23.43 -44.29 7.22
N LEU B 38 -22.19 -43.79 7.15
CA LEU B 38 -21.91 -42.61 6.36
C LEU B 38 -22.01 -42.91 4.87
N ASP B 39 -21.46 -44.05 4.43
CA ASP B 39 -21.53 -44.41 3.01
C ASP B 39 -22.86 -45.00 2.61
N LYS B 40 -23.66 -45.48 3.57
CA LYS B 40 -24.94 -46.09 3.25
C LYS B 40 -25.97 -45.05 2.82
N LEU B 41 -25.93 -43.87 3.42
CA LEU B 41 -26.94 -42.85 3.20
C LEU B 41 -26.47 -41.76 2.22
N MET B 42 -25.18 -41.70 1.92
CA MET B 42 -24.62 -40.70 1.03
C MET B 42 -24.13 -41.24 -0.30
N GLY B 43 -23.74 -42.52 -0.35
CA GLY B 43 -23.01 -43.07 -1.48
C GLY B 43 -23.84 -43.37 -2.71
N LYS B 44 -23.37 -44.37 -3.47
CA LYS B 44 -24.04 -44.74 -4.72
C LYS B 44 -25.39 -45.38 -4.48
N VAL B 45 -25.56 -46.04 -3.34
CA VAL B 45 -26.85 -46.63 -2.99
C VAL B 45 -27.81 -45.53 -2.52
N SER B 46 -29.09 -45.90 -2.46
CA SER B 46 -30.24 -45.08 -2.04
C SER B 46 -30.55 -43.92 -2.99
N GLY B 47 -29.85 -43.83 -4.12
CA GLY B 47 -30.17 -42.86 -5.16
C GLY B 47 -29.95 -41.41 -4.80
N TYR B 48 -29.09 -41.11 -3.84
CA TYR B 48 -28.85 -39.73 -3.46
C TYR B 48 -27.87 -39.09 -4.43
N ASP B 49 -28.35 -38.11 -5.19
CA ASP B 49 -27.53 -37.37 -6.13
C ASP B 49 -27.40 -35.94 -5.62
N ALA B 50 -26.17 -35.48 -5.44
CA ALA B 50 -25.90 -34.16 -4.87
C ALA B 50 -26.13 -33.03 -5.87
N ARG B 51 -26.39 -33.34 -7.14
CA ARG B 51 -26.65 -32.33 -8.15
C ARG B 51 -28.12 -31.97 -8.24
N ILE B 52 -28.97 -32.60 -7.43
CA ILE B 52 -30.42 -32.43 -7.50
C ILE B 52 -30.89 -31.88 -6.16
N ARG B 53 -31.67 -30.81 -6.20
CA ARG B 53 -32.16 -30.18 -5.00
C ARG B 53 -33.24 -31.05 -4.33
N PRO B 54 -33.48 -30.88 -3.03
CA PRO B 54 -34.59 -31.59 -2.39
C PRO B 54 -35.93 -31.11 -2.93
N ASN B 55 -36.91 -32.02 -2.90
CA ASN B 55 -38.26 -31.81 -3.41
C ASN B 55 -38.23 -31.37 -4.87
N PHE B 56 -37.64 -32.23 -5.70
CA PHE B 56 -37.45 -31.89 -7.10
C PHE B 56 -38.76 -31.94 -7.85
N LYS B 57 -39.04 -30.87 -8.61
CA LYS B 57 -40.33 -30.59 -9.24
C LYS B 57 -41.47 -30.66 -8.22
N GLY B 58 -41.27 -29.96 -7.11
CA GLY B 58 -42.27 -29.80 -6.09
C GLY B 58 -42.26 -28.39 -5.55
N PRO B 59 -42.51 -28.24 -4.25
CA PRO B 59 -42.39 -26.93 -3.63
C PRO B 59 -40.93 -26.51 -3.53
N PRO B 60 -40.65 -25.20 -3.50
CA PRO B 60 -39.26 -24.76 -3.43
C PRO B 60 -38.62 -25.02 -2.07
N VAL B 61 -37.30 -25.07 -2.08
CA VAL B 61 -36.52 -25.33 -0.87
C VAL B 61 -36.49 -24.07 -0.01
N ASN B 62 -36.94 -24.18 1.23
CA ASN B 62 -36.99 -23.03 2.14
C ASN B 62 -35.73 -23.07 3.02
N VAL B 63 -34.78 -22.21 2.69
CA VAL B 63 -33.52 -22.12 3.41
C VAL B 63 -33.59 -20.92 4.35
N THR B 64 -33.49 -21.17 5.65
CA THR B 64 -33.49 -20.11 6.65
C THR B 64 -32.08 -19.86 7.16
N CYS B 65 -31.75 -18.60 7.40
CA CYS B 65 -30.37 -18.19 7.65
C CYS B 65 -30.28 -17.28 8.86
N ASN B 66 -29.12 -17.31 9.51
CA ASN B 66 -28.74 -16.32 10.51
C ASN B 66 -27.22 -16.26 10.58
N ILE B 67 -26.69 -15.10 10.98
CA ILE B 67 -25.26 -14.86 10.98
C ILE B 67 -24.80 -14.50 12.37
N PHE B 68 -23.53 -14.77 12.65
CA PHE B 68 -22.86 -14.38 13.88
C PHE B 68 -21.63 -13.57 13.50
N ILE B 69 -21.60 -12.30 13.89
CA ILE B 69 -20.51 -11.41 13.51
C ILE B 69 -19.40 -11.54 14.55
N ASN B 70 -18.29 -12.18 14.16
CA ASN B 70 -17.12 -12.21 15.02
C ASN B 70 -16.41 -10.86 15.03
N SER B 71 -15.95 -10.42 13.87
CA SER B 71 -15.20 -9.17 13.74
C SER B 71 -15.95 -8.23 12.81
N PHE B 72 -15.87 -6.95 13.13
CA PHE B 72 -16.47 -5.91 12.31
C PHE B 72 -15.49 -4.75 12.26
N GLY B 73 -15.44 -4.07 11.12
CA GLY B 73 -14.62 -2.86 11.07
C GLY B 73 -13.65 -2.76 9.93
N SER B 74 -12.57 -2.01 10.15
CA SER B 74 -11.70 -1.45 9.12
C SER B 74 -12.54 -0.79 8.03
N ILE B 75 -13.42 0.11 8.47
CA ILE B 75 -14.42 0.74 7.60
C ILE B 75 -13.70 1.87 6.86
N ALA B 76 -13.17 1.58 5.68
CA ALA B 76 -12.51 2.59 4.90
C ALA B 76 -13.54 3.46 4.18
N GLU B 77 -13.11 4.68 3.84
CA GLU B 77 -13.99 5.63 3.17
C GLU B 77 -13.47 6.07 1.81
N THR B 78 -12.17 5.99 1.57
CA THR B 78 -11.66 6.19 0.21
C THR B 78 -12.13 5.08 -0.71
N THR B 79 -12.20 3.85 -0.19
CA THR B 79 -12.69 2.70 -0.94
C THR B 79 -14.20 2.50 -0.76
N MET B 80 -14.77 3.07 0.31
CA MET B 80 -16.16 2.91 0.72
C MET B 80 -16.53 1.43 0.88
N ASP B 81 -15.82 0.78 1.80
CA ASP B 81 -16.07 -0.62 2.09
C ASP B 81 -15.85 -0.88 3.56
N TYR B 82 -16.24 -2.08 4.00
CA TYR B 82 -16.02 -2.49 5.38
C TYR B 82 -15.82 -3.99 5.41
N ARG B 83 -14.96 -4.44 6.31
CA ARG B 83 -14.62 -5.86 6.44
C ARG B 83 -15.40 -6.45 7.59
N VAL B 84 -16.02 -7.61 7.36
CA VAL B 84 -16.79 -8.33 8.37
C VAL B 84 -16.27 -9.76 8.38
N ASN B 85 -16.57 -10.48 9.47
CA ASN B 85 -16.14 -11.86 9.64
C ASN B 85 -17.31 -12.60 10.28
N ILE B 86 -18.05 -13.35 9.48
CA ILE B 86 -19.33 -13.90 9.91
C ILE B 86 -19.27 -15.42 10.02
N PHE B 87 -20.15 -15.95 10.84
CA PHE B 87 -20.50 -17.37 10.86
C PHE B 87 -21.85 -17.51 10.15
N LEU B 88 -21.83 -18.00 8.91
CA LEU B 88 -23.03 -18.11 8.11
C LEU B 88 -23.68 -19.46 8.35
N ARG B 89 -24.80 -19.47 9.06
CA ARG B 89 -25.54 -20.71 9.35
C ARG B 89 -26.70 -20.81 8.37
N GLN B 90 -26.90 -22.00 7.81
CA GLN B 90 -27.97 -22.25 6.87
C GLN B 90 -28.72 -23.50 7.29
N GLN B 91 -30.05 -23.42 7.33
CA GLN B 91 -30.88 -24.56 7.69
C GLN B 91 -31.91 -24.80 6.60
N TRP B 92 -31.92 -26.01 6.05
CA TRP B 92 -32.94 -26.42 5.10
C TRP B 92 -33.36 -27.85 5.44
N ASN B 93 -34.30 -28.38 4.68
CA ASN B 93 -34.81 -29.72 4.89
C ASN B 93 -34.50 -30.56 3.66
N ASP B 94 -33.84 -31.69 3.88
CA ASP B 94 -33.53 -32.64 2.80
C ASP B 94 -34.14 -33.98 3.19
N PRO B 95 -35.28 -34.35 2.59
CA PRO B 95 -35.95 -35.60 2.99
C PRO B 95 -35.21 -36.87 2.61
N ARG B 96 -34.23 -36.79 1.71
CA ARG B 96 -33.42 -37.95 1.37
C ARG B 96 -32.37 -38.26 2.42
N LEU B 97 -32.08 -37.31 3.31
CA LEU B 97 -31.12 -37.50 4.38
C LEU B 97 -31.78 -37.87 5.71
N ALA B 98 -33.03 -38.30 5.67
CA ALA B 98 -33.79 -38.62 6.89
C ALA B 98 -33.56 -40.09 7.23
N TYR B 99 -32.80 -40.33 8.29
CA TYR B 99 -32.54 -41.67 8.77
C TYR B 99 -33.57 -42.07 9.82
N SER B 100 -33.65 -43.38 10.08
CA SER B 100 -34.58 -43.90 11.07
C SER B 100 -34.00 -44.93 12.02
N GLU B 101 -32.92 -45.63 11.67
CA GLU B 101 -32.39 -46.70 12.49
C GLU B 101 -31.36 -46.24 13.50
N TYR B 102 -30.68 -45.13 13.24
CA TYR B 102 -29.71 -44.61 14.20
C TYR B 102 -30.44 -43.98 15.38
N PRO B 103 -29.98 -44.21 16.62
CA PRO B 103 -30.79 -43.83 17.78
C PRO B 103 -30.79 -42.35 18.13
N ASP B 104 -29.67 -41.66 17.93
CA ASP B 104 -29.55 -40.29 18.44
C ASP B 104 -30.15 -39.28 17.45
N ASP B 105 -30.26 -38.04 17.93
CA ASP B 105 -31.01 -37.00 17.24
C ASP B 105 -30.18 -36.18 16.26
N SER B 106 -28.85 -36.23 16.34
CA SER B 106 -28.02 -35.41 15.48
C SER B 106 -26.70 -36.12 15.22
N LEU B 107 -26.08 -35.79 14.09
CA LEU B 107 -24.80 -36.35 13.68
C LEU B 107 -23.89 -35.20 13.25
N ASP B 108 -23.04 -34.73 14.15
CA ASP B 108 -22.00 -33.80 13.76
C ASP B 108 -20.94 -34.53 12.92
N LEU B 109 -20.77 -34.09 11.69
CA LEU B 109 -20.02 -34.85 10.69
C LEU B 109 -18.72 -34.15 10.31
N ASP B 110 -17.90 -34.90 9.59
CA ASP B 110 -16.65 -34.36 9.04
C ASP B 110 -16.97 -33.45 7.87
N PRO B 111 -16.33 -32.28 7.74
CA PRO B 111 -16.53 -31.46 6.54
C PRO B 111 -15.92 -32.00 5.24
N SER B 112 -15.37 -33.21 5.24
CA SER B 112 -15.10 -33.90 3.98
C SER B 112 -16.36 -34.48 3.36
N MET B 113 -17.45 -34.56 4.12
CA MET B 113 -18.73 -35.03 3.62
C MET B 113 -19.45 -33.97 2.80
N LEU B 114 -19.10 -32.69 2.98
CA LEU B 114 -19.82 -31.58 2.37
C LEU B 114 -19.63 -31.49 0.86
N ASP B 115 -18.71 -32.25 0.28
CA ASP B 115 -18.62 -32.34 -1.18
C ASP B 115 -19.59 -33.38 -1.75
N SER B 116 -20.41 -34.02 -0.91
CA SER B 116 -21.27 -35.10 -1.34
C SER B 116 -22.76 -34.85 -1.09
N ILE B 117 -23.12 -33.78 -0.41
CA ILE B 117 -24.52 -33.44 -0.19
C ILE B 117 -24.88 -32.22 -1.02
N TRP B 118 -26.17 -31.91 -1.07
CA TRP B 118 -26.64 -30.71 -1.75
C TRP B 118 -26.44 -29.50 -0.85
N LYS B 119 -25.97 -28.40 -1.41
CA LYS B 119 -25.82 -27.15 -0.69
C LYS B 119 -26.43 -26.02 -1.50
N PRO B 120 -27.08 -25.05 -0.84
CA PRO B 120 -27.60 -23.89 -1.56
C PRO B 120 -26.47 -23.01 -2.07
N ASP B 121 -26.69 -22.42 -3.24
CA ASP B 121 -25.68 -21.57 -3.88
C ASP B 121 -25.86 -20.11 -3.48
N LEU B 122 -25.72 -19.87 -2.18
CA LEU B 122 -25.79 -18.52 -1.65
C LEU B 122 -24.54 -17.74 -2.00
N PHE B 123 -24.71 -16.46 -2.28
CA PHE B 123 -23.58 -15.56 -2.47
C PHE B 123 -23.98 -14.19 -1.98
N PHE B 124 -23.02 -13.27 -1.99
CA PHE B 124 -23.24 -11.91 -1.55
C PHE B 124 -23.14 -11.00 -2.77
N ALA B 125 -24.14 -10.12 -2.94
CA ALA B 125 -24.17 -9.28 -4.13
C ALA B 125 -23.18 -8.13 -4.07
N ASN B 126 -22.50 -7.94 -2.95
CA ASN B 126 -21.50 -6.91 -2.76
C ASN B 126 -20.25 -7.49 -2.09
N GLU B 127 -19.73 -8.59 -2.66
CA GLU B 127 -18.58 -9.29 -2.09
C GLU B 127 -17.32 -8.44 -2.09
N LYS B 128 -16.93 -7.91 -3.26
CA LYS B 128 -15.67 -7.19 -3.50
C LYS B 128 -14.48 -8.01 -2.99
N GLY B 129 -14.47 -9.29 -3.33
CA GLY B 129 -13.46 -10.18 -2.83
C GLY B 129 -13.81 -10.76 -1.47
N ALA B 130 -13.78 -12.09 -1.37
CA ALA B 130 -14.10 -12.78 -0.14
C ALA B 130 -13.45 -14.16 -0.19
N ASN B 131 -13.18 -14.72 0.99
CA ASN B 131 -12.49 -16.00 1.08
C ASN B 131 -12.99 -16.79 2.27
N PHE B 132 -12.71 -18.09 2.23
CA PHE B 132 -12.95 -18.96 3.37
C PHE B 132 -11.78 -18.90 4.34
N HIS B 133 -11.89 -19.66 5.42
CA HIS B 133 -10.81 -19.88 6.36
C HIS B 133 -10.51 -21.36 6.42
N GLU B 134 -9.26 -21.72 6.11
CA GLU B 134 -8.87 -23.12 5.93
C GLU B 134 -7.69 -23.46 6.81
N VAL B 135 -7.61 -22.86 8.00
CA VAL B 135 -6.47 -23.07 8.88
C VAL B 135 -6.74 -24.26 9.79
N THR B 136 -5.90 -25.30 9.63
CA THR B 136 -5.75 -26.56 10.38
C THR B 136 -6.88 -27.54 10.06
N THR B 137 -7.97 -27.05 9.45
CA THR B 137 -9.14 -27.79 8.99
C THR B 137 -9.97 -26.73 8.25
N ASP B 138 -10.73 -27.12 7.22
CA ASP B 138 -11.76 -26.24 6.68
C ASP B 138 -12.77 -25.90 7.78
N ASN B 139 -12.94 -24.61 8.05
CA ASN B 139 -13.83 -24.16 9.12
C ASN B 139 -15.27 -24.28 8.64
N LYS B 140 -15.80 -25.50 8.71
CA LYS B 140 -17.13 -25.84 8.27
C LYS B 140 -17.81 -26.69 9.32
N LEU B 141 -19.14 -26.73 9.27
CA LEU B 141 -19.94 -27.48 10.22
C LEU B 141 -21.08 -28.16 9.48
N LEU B 142 -21.45 -29.36 9.93
CA LEU B 142 -22.53 -30.11 9.31
C LEU B 142 -23.16 -31.00 10.37
N ARG B 143 -24.47 -30.88 10.56
CA ARG B 143 -25.20 -31.82 11.40
C ARG B 143 -26.59 -32.04 10.84
N ILE B 144 -27.06 -33.28 10.92
CA ILE B 144 -28.27 -33.73 10.25
C ILE B 144 -29.19 -34.34 11.30
N SER B 145 -30.40 -33.80 11.40
CA SER B 145 -31.37 -34.31 12.36
C SER B 145 -32.03 -35.57 11.81
N LYS B 146 -32.97 -36.13 12.58
CA LYS B 146 -33.60 -37.38 12.18
C LYS B 146 -34.60 -37.17 11.05
N ASN B 147 -35.33 -36.06 11.08
CA ASN B 147 -36.29 -35.76 10.02
C ASN B 147 -35.65 -35.19 8.76
N GLY B 148 -34.35 -34.89 8.80
CA GLY B 148 -33.65 -34.40 7.64
C GLY B 148 -33.22 -32.95 7.70
N ASN B 149 -33.41 -32.27 8.83
CA ASN B 149 -32.98 -30.89 8.96
C ASN B 149 -31.46 -30.82 8.96
N VAL B 150 -30.90 -29.97 8.11
CA VAL B 150 -29.46 -29.89 7.89
C VAL B 150 -28.98 -28.52 8.33
N LEU B 151 -28.09 -28.49 9.32
CA LEU B 151 -27.42 -27.26 9.73
C LEU B 151 -26.05 -27.19 9.07
N TYR B 152 -25.71 -26.03 8.55
CA TYR B 152 -24.49 -25.84 7.76
C TYR B 152 -23.90 -24.48 8.12
N SER B 153 -22.83 -24.49 8.91
CA SER B 153 -22.20 -23.27 9.40
C SER B 153 -20.79 -23.16 8.85
N ILE B 154 -20.49 -22.03 8.21
CA ILE B 154 -19.17 -21.77 7.66
C ILE B 154 -18.69 -20.39 8.10
N ARG B 155 -17.38 -20.21 8.09
CA ARG B 155 -16.74 -18.96 8.46
C ARG B 155 -16.27 -18.26 7.19
N ILE B 156 -16.77 -17.04 6.97
CA ILE B 156 -16.47 -16.27 5.75
C ILE B 156 -15.91 -14.92 6.18
N THR B 157 -14.87 -14.46 5.49
CA THR B 157 -14.39 -13.09 5.61
C THR B 157 -14.82 -12.31 4.37
N LEU B 158 -15.58 -11.25 4.57
CA LEU B 158 -16.15 -10.44 3.50
C LEU B 158 -15.57 -9.05 3.55
N VAL B 159 -15.36 -8.43 2.39
CA VAL B 159 -15.04 -7.00 2.36
C VAL B 159 -16.20 -6.31 1.66
N LEU B 160 -17.22 -5.97 2.41
CA LEU B 160 -18.51 -5.61 1.81
C LEU B 160 -18.52 -4.15 1.41
N ALA B 161 -19.24 -3.85 0.33
CA ALA B 161 -19.34 -2.51 -0.20
C ALA B 161 -20.63 -1.84 0.27
N CYS B 162 -20.52 -0.63 0.80
CA CYS B 162 -21.68 0.14 1.16
C CYS B 162 -21.46 1.60 0.74
N PRO B 163 -22.45 2.23 0.10
CA PRO B 163 -22.28 3.63 -0.30
C PRO B 163 -22.38 4.55 0.91
N MET B 164 -21.43 5.48 1.00
CA MET B 164 -21.36 6.40 2.12
C MET B 164 -22.12 7.67 1.77
N ASP B 165 -23.07 8.06 2.63
CA ASP B 165 -23.80 9.32 2.48
C ASP B 165 -23.20 10.29 3.48
N LEU B 166 -22.33 11.18 2.99
CA LEU B 166 -21.50 12.03 3.82
C LEU B 166 -21.92 13.50 3.76
N LYS B 167 -23.24 13.76 3.76
CA LYS B 167 -23.71 15.14 3.68
C LYS B 167 -23.41 15.91 4.96
N ASN B 168 -23.43 15.25 6.10
CA ASN B 168 -23.03 15.84 7.39
C ASN B 168 -22.02 14.89 8.04
N PHE B 169 -20.73 15.10 7.72
CA PHE B 169 -19.76 14.01 7.84
C PHE B 169 -19.43 13.57 9.27
N PRO B 170 -19.08 14.44 10.22
CA PRO B 170 -18.74 13.91 11.55
C PRO B 170 -19.95 13.50 12.38
N MET B 171 -21.16 13.83 11.96
CA MET B 171 -22.36 13.56 12.74
C MET B 171 -23.37 12.70 11.98
N ASP B 172 -22.90 11.84 11.08
CA ASP B 172 -23.83 11.06 10.27
C ASP B 172 -24.09 9.68 10.88
N VAL B 173 -25.19 9.09 10.45
CA VAL B 173 -25.54 7.73 10.84
C VAL B 173 -25.56 6.91 9.56
N GLN B 174 -24.48 6.16 9.32
CA GLN B 174 -24.38 5.33 8.14
C GLN B 174 -25.25 4.10 8.25
N THR B 175 -25.66 3.56 7.10
CA THR B 175 -26.44 2.34 7.04
C THR B 175 -25.80 1.44 5.99
N CYS B 176 -24.93 0.54 6.44
CA CYS B 176 -24.22 -0.36 5.55
C CYS B 176 -24.86 -1.74 5.61
N ILE B 177 -25.13 -2.31 4.44
CA ILE B 177 -25.97 -3.49 4.32
C ILE B 177 -25.11 -4.68 3.88
N MET B 178 -25.74 -5.86 3.89
CA MET B 178 -25.19 -7.06 3.27
C MET B 178 -26.35 -7.92 2.81
N GLN B 179 -26.32 -8.33 1.55
CA GLN B 179 -27.46 -9.01 0.93
C GLN B 179 -27.04 -10.36 0.39
N LEU B 180 -27.88 -11.36 0.62
CA LEU B 180 -27.58 -12.78 0.44
C LEU B 180 -28.49 -13.31 -0.65
N GLU B 181 -27.95 -13.51 -1.84
CA GLU B 181 -28.74 -13.90 -3.01
C GLU B 181 -28.47 -15.34 -3.40
N SER B 182 -29.33 -15.86 -4.24
CA SER B 182 -29.09 -17.12 -4.93
C SER B 182 -28.70 -16.83 -6.37
N PHE B 183 -27.85 -17.67 -6.93
CA PHE B 183 -27.31 -17.40 -8.26
C PHE B 183 -27.86 -18.31 -9.34
N GLY B 184 -28.06 -19.60 -9.05
CA GLY B 184 -28.51 -20.53 -10.07
C GLY B 184 -29.95 -20.97 -9.96
N TYR B 185 -30.54 -20.88 -8.78
CA TYR B 185 -31.91 -21.28 -8.55
C TYR B 185 -32.79 -20.04 -8.43
N THR B 186 -33.93 -20.06 -9.13
CA THR B 186 -34.83 -18.92 -9.13
C THR B 186 -35.78 -19.01 -7.93
N MET B 187 -36.82 -18.16 -7.92
CA MET B 187 -37.73 -18.10 -6.79
C MET B 187 -38.60 -19.34 -6.69
N ASN B 188 -38.92 -19.97 -7.82
CA ASN B 188 -39.74 -21.18 -7.80
C ASN B 188 -38.96 -22.44 -7.45
N ASP B 189 -37.70 -22.31 -7.04
CA ASP B 189 -36.87 -23.46 -6.64
C ASP B 189 -36.19 -23.30 -5.29
N LEU B 190 -35.97 -22.08 -4.81
CA LEU B 190 -35.17 -21.87 -3.61
C LEU B 190 -35.50 -20.49 -3.05
N ILE B 191 -35.89 -20.45 -1.77
CA ILE B 191 -36.32 -19.21 -1.11
C ILE B 191 -35.48 -19.02 0.15
N PHE B 192 -34.85 -17.86 0.25
CA PHE B 192 -34.10 -17.48 1.45
C PHE B 192 -34.99 -16.74 2.44
N GLU B 193 -34.83 -17.05 3.72
CA GLU B 193 -35.58 -16.40 4.79
C GLU B 193 -34.63 -16.14 5.95
N TRP B 194 -34.97 -15.13 6.75
CA TRP B 194 -34.36 -15.00 8.06
C TRP B 194 -35.21 -15.75 9.07
N ASP B 195 -34.56 -16.30 10.09
CA ASP B 195 -35.30 -16.94 11.16
C ASP B 195 -35.72 -15.91 12.23
N GLU B 196 -36.79 -16.24 12.94
CA GLU B 196 -37.38 -15.30 13.89
C GLU B 196 -36.64 -15.24 15.21
N LYS B 197 -35.72 -16.17 15.46
CA LYS B 197 -35.03 -16.27 16.75
C LYS B 197 -33.68 -15.56 16.72
N GLY B 198 -33.73 -14.25 16.49
CA GLY B 198 -32.51 -13.46 16.50
C GLY B 198 -31.62 -13.72 15.30
N ALA B 199 -32.05 -13.24 14.13
CA ALA B 199 -31.38 -13.59 12.87
C ALA B 199 -30.00 -12.97 12.70
N VAL B 200 -29.60 -12.02 13.54
CA VAL B 200 -28.24 -11.49 13.53
C VAL B 200 -27.75 -11.47 14.96
N GLN B 201 -26.79 -12.33 15.28
CA GLN B 201 -26.14 -12.29 16.58
C GLN B 201 -24.82 -11.55 16.47
N VAL B 202 -24.46 -10.85 17.54
CA VAL B 202 -23.24 -10.06 17.61
C VAL B 202 -22.40 -10.62 18.74
N ALA B 203 -21.07 -10.59 18.57
CA ALA B 203 -20.14 -11.06 19.59
C ALA B 203 -20.24 -10.22 20.86
N ASP B 204 -19.65 -10.76 21.93
CA ASP B 204 -19.85 -10.20 23.27
C ASP B 204 -19.14 -8.86 23.43
N GLY B 205 -17.86 -8.81 23.10
CA GLY B 205 -17.10 -7.58 23.29
C GLY B 205 -16.70 -6.91 21.99
N LEU B 206 -17.59 -6.91 21.01
CA LEU B 206 -17.30 -6.33 19.70
C LEU B 206 -17.40 -4.81 19.79
N THR B 207 -16.25 -4.15 19.81
CA THR B 207 -16.18 -2.70 19.81
C THR B 207 -15.58 -2.20 18.51
N LEU B 208 -15.84 -0.94 18.20
CA LEU B 208 -15.32 -0.32 16.99
C LEU B 208 -14.51 0.91 17.36
N PRO B 209 -13.44 1.20 16.60
CA PRO B 209 -12.61 2.37 16.94
C PRO B 209 -13.27 3.70 16.61
N GLN B 210 -14.03 3.78 15.52
CA GLN B 210 -14.61 5.04 15.08
C GLN B 210 -16.13 5.09 15.20
N PHE B 211 -16.79 3.94 15.28
CA PHE B 211 -18.23 3.82 15.18
C PHE B 211 -18.80 3.12 16.40
N ILE B 212 -20.12 3.07 16.47
CA ILE B 212 -20.84 2.16 17.35
C ILE B 212 -21.91 1.46 16.53
N LEU B 213 -22.21 0.21 16.87
CA LEU B 213 -23.19 -0.58 16.17
C LEU B 213 -24.49 -0.58 16.97
N LYS B 214 -25.55 -0.04 16.38
CA LYS B 214 -26.82 0.06 17.09
C LYS B 214 -27.49 -1.31 17.18
N GLU B 215 -28.35 -1.46 18.19
CA GLU B 215 -28.93 -2.77 18.49
C GLU B 215 -30.03 -3.14 17.49
N GLU B 216 -30.83 -2.17 17.06
CA GLU B 216 -31.89 -2.45 16.11
C GLU B 216 -31.31 -2.65 14.71
N LYS B 217 -31.54 -3.83 14.15
CA LYS B 217 -31.02 -4.19 12.83
C LYS B 217 -32.19 -4.58 11.95
N ASP B 218 -32.33 -3.90 10.82
CA ASP B 218 -33.43 -4.17 9.91
C ASP B 218 -33.21 -5.49 9.17
N LEU B 219 -34.31 -6.16 8.85
CA LEU B 219 -34.28 -7.46 8.16
C LEU B 219 -35.38 -7.43 7.10
N ARG B 220 -35.05 -6.99 5.90
CA ARG B 220 -36.04 -6.84 4.85
C ARG B 220 -35.62 -7.65 3.62
N TYR B 221 -36.44 -7.56 2.57
CA TYR B 221 -36.23 -8.33 1.35
C TYR B 221 -35.71 -7.42 0.23
N CYS B 222 -34.97 -8.03 -0.68
CA CYS B 222 -34.26 -7.33 -1.76
C CYS B 222 -34.35 -8.10 -3.06
N THR B 223 -35.53 -8.67 -3.36
CA THR B 223 -35.72 -9.64 -4.43
C THR B 223 -35.37 -9.07 -5.80
N LYS B 224 -34.40 -9.68 -6.46
CA LYS B 224 -33.82 -9.16 -7.69
C LYS B 224 -34.53 -9.72 -8.90
N HIS B 225 -34.70 -8.88 -9.92
CA HIS B 225 -35.27 -9.27 -11.19
C HIS B 225 -34.24 -9.04 -12.28
N TYR B 226 -33.98 -10.08 -13.07
CA TYR B 226 -33.06 -9.98 -14.20
C TYR B 226 -33.81 -10.39 -15.47
N ASN B 227 -33.08 -10.49 -16.56
CA ASN B 227 -33.60 -11.10 -17.78
C ASN B 227 -33.45 -12.61 -17.77
N THR B 228 -32.80 -13.17 -16.74
CA THR B 228 -32.70 -14.61 -16.54
C THR B 228 -33.87 -15.13 -15.72
N GLY B 229 -34.27 -14.38 -14.70
CA GLY B 229 -35.39 -14.78 -13.87
C GLY B 229 -35.46 -13.88 -12.67
N LYS B 230 -36.24 -14.29 -11.67
CA LYS B 230 -36.28 -13.60 -10.39
C LYS B 230 -35.62 -14.47 -9.34
N PHE B 231 -34.69 -13.89 -8.59
CA PHE B 231 -33.84 -14.63 -7.67
C PHE B 231 -34.06 -14.12 -6.26
N THR B 232 -34.00 -15.03 -5.29
CA THR B 232 -34.28 -14.65 -3.91
C THR B 232 -33.13 -13.85 -3.33
N CYS B 233 -33.45 -13.06 -2.32
CA CYS B 233 -32.52 -12.14 -1.69
C CYS B 233 -33.07 -11.75 -0.35
N ILE B 234 -32.22 -11.78 0.67
CA ILE B 234 -32.52 -11.23 1.99
C ILE B 234 -31.34 -10.37 2.39
N GLU B 235 -31.61 -9.31 3.15
CA GLU B 235 -30.53 -8.42 3.55
C GLU B 235 -30.76 -7.89 4.95
N ALA B 236 -29.66 -7.51 5.59
CA ALA B 236 -29.65 -7.01 6.95
C ALA B 236 -28.94 -5.67 6.98
N ARG B 237 -29.66 -4.63 7.38
CA ARG B 237 -29.07 -3.30 7.54
C ARG B 237 -28.34 -3.20 8.87
N PHE B 238 -27.20 -2.51 8.86
CA PHE B 238 -26.45 -2.21 10.08
C PHE B 238 -26.32 -0.70 10.20
N HIS B 239 -26.86 -0.14 11.28
CA HIS B 239 -26.85 1.31 11.49
C HIS B 239 -25.63 1.66 12.33
N LEU B 240 -24.67 2.32 11.72
CA LEU B 240 -23.43 2.74 12.37
C LEU B 240 -23.51 4.22 12.71
N GLU B 241 -23.06 4.56 13.91
CA GLU B 241 -23.07 5.94 14.39
C GLU B 241 -21.66 6.32 14.81
N ARG B 242 -21.18 7.48 14.35
CA ARG B 242 -19.81 7.85 14.57
C ARG B 242 -19.55 8.29 16.01
N GLN B 243 -18.33 8.04 16.46
CA GLN B 243 -17.81 8.66 17.67
C GLN B 243 -17.28 10.03 17.31
N MET B 244 -17.96 11.08 17.77
CA MET B 244 -17.61 12.45 17.42
C MET B 244 -16.40 12.94 18.21
N GLY B 245 -16.00 12.24 19.27
CA GLY B 245 -14.95 12.70 20.17
C GLY B 245 -13.57 12.79 19.55
N TYR B 246 -13.33 12.09 18.43
CA TYR B 246 -12.06 12.25 17.74
C TYR B 246 -11.98 13.55 16.98
N TYR B 247 -13.06 13.92 16.28
CA TYR B 247 -13.03 15.11 15.44
C TYR B 247 -13.07 16.40 16.24
N LEU B 248 -13.51 16.34 17.50
CA LEU B 248 -13.37 17.50 18.37
C LEU B 248 -11.92 17.74 18.77
N ILE B 249 -11.11 16.69 18.81
CA ILE B 249 -9.72 16.85 19.24
C ILE B 249 -8.83 17.33 18.10
N GLN B 250 -9.07 16.88 16.87
CA GLN B 250 -8.21 17.26 15.75
C GLN B 250 -8.78 18.37 14.89
N MET B 251 -10.08 18.34 14.58
CA MET B 251 -10.64 19.29 13.62
C MET B 251 -11.23 20.54 14.28
N TYR B 252 -12.16 20.36 15.22
CA TYR B 252 -12.97 21.49 15.68
C TYR B 252 -12.21 22.44 16.60
N ILE B 253 -11.60 21.92 17.67
CA ILE B 253 -10.90 22.76 18.64
C ILE B 253 -9.60 23.36 18.08
N PRO B 254 -8.72 22.66 17.34
CA PRO B 254 -7.59 23.37 16.73
C PRO B 254 -7.96 24.32 15.58
N SER B 255 -9.19 24.30 15.10
CA SER B 255 -9.68 25.37 14.25
C SER B 255 -10.43 26.43 15.04
N LEU B 256 -10.62 26.22 16.34
CA LEU B 256 -11.18 27.24 17.22
C LEU B 256 -10.09 28.06 17.91
N LEU B 257 -8.88 27.51 18.03
CA LEU B 257 -7.77 28.29 18.58
C LEU B 257 -7.28 29.34 17.59
N ILE B 258 -7.26 29.01 16.30
CA ILE B 258 -6.76 29.94 15.28
C ILE B 258 -7.72 31.10 15.08
N VAL B 259 -9.01 30.91 15.37
CA VAL B 259 -9.95 32.03 15.39
C VAL B 259 -9.62 32.98 16.55
N ILE B 260 -9.09 32.44 17.66
CA ILE B 260 -8.67 33.31 18.76
C ILE B 260 -7.37 34.04 18.39
N LEU B 261 -6.50 33.42 17.60
CA LEU B 261 -5.31 34.13 17.10
C LEU B 261 -5.69 35.28 16.17
N SER B 262 -6.80 35.16 15.44
CA SER B 262 -7.27 36.28 14.64
C SER B 262 -7.89 37.38 15.49
N TRP B 263 -8.17 37.11 16.77
CA TRP B 263 -8.68 38.11 17.68
C TRP B 263 -7.59 38.71 18.56
N VAL B 264 -6.37 38.16 18.51
CA VAL B 264 -5.23 38.78 19.19
C VAL B 264 -4.85 40.08 18.50
N SER B 265 -5.01 40.14 17.17
CA SER B 265 -4.63 41.30 16.38
C SER B 265 -5.52 42.52 16.60
N PHE B 266 -6.61 42.40 17.35
CA PHE B 266 -7.53 43.49 17.61
C PHE B 266 -7.15 44.31 18.84
N TRP B 267 -6.00 44.02 19.46
CA TRP B 267 -5.65 44.61 20.73
C TRP B 267 -4.36 45.42 20.70
N ILE B 268 -3.42 45.12 19.81
CA ILE B 268 -2.09 45.71 19.87
C ILE B 268 -2.05 47.04 19.11
N ASN B 269 -1.81 48.13 19.86
CA ASN B 269 -1.45 49.48 19.43
C ASN B 269 -2.58 50.26 18.76
N MET B 270 -3.69 49.60 18.44
CA MET B 270 -5.00 50.18 18.10
C MET B 270 -5.07 51.00 16.82
N ASP B 271 -3.94 51.35 16.22
CA ASP B 271 -3.95 52.24 15.06
C ASP B 271 -3.24 51.65 13.85
N ALA B 272 -1.99 51.20 14.03
CA ALA B 272 -1.15 50.79 12.92
C ALA B 272 0.06 50.00 13.43
N ALA B 273 0.32 48.83 12.84
CA ALA B 273 1.48 48.02 13.17
C ALA B 273 1.75 47.08 12.01
N PRO B 274 3.02 46.73 11.76
CA PRO B 274 3.29 45.68 10.77
C PRO B 274 2.90 44.29 11.23
N ALA B 275 2.78 44.07 12.54
CA ALA B 275 2.45 42.76 13.07
C ALA B 275 0.99 42.38 12.88
N ARG B 276 0.09 43.36 12.77
CA ARG B 276 -1.33 43.06 12.60
C ARG B 276 -1.65 42.58 11.18
N VAL B 277 -0.83 42.92 10.19
CA VAL B 277 -0.90 42.21 8.92
C VAL B 277 -0.23 40.85 9.05
N GLY B 278 0.94 40.80 9.69
CA GLY B 278 1.70 39.57 9.78
C GLY B 278 1.05 38.49 10.63
N LEU B 279 0.23 38.88 11.60
CA LEU B 279 -0.57 37.89 12.31
C LEU B 279 -1.75 37.44 11.44
N GLY B 280 -2.32 38.36 10.66
CA GLY B 280 -3.31 37.96 9.67
C GLY B 280 -2.72 37.31 8.44
N ILE B 281 -1.41 37.45 8.23
CA ILE B 281 -0.73 36.68 7.20
C ILE B 281 -0.65 35.20 7.61
N THR B 282 -0.30 34.94 8.86
CA THR B 282 0.08 33.59 9.27
C THR B 282 -1.15 32.72 9.52
N THR B 283 -2.20 33.28 10.11
CA THR B 283 -3.40 32.51 10.41
C THR B 283 -4.19 32.09 9.17
N VAL B 284 -3.87 32.64 8.00
CA VAL B 284 -4.42 32.14 6.74
C VAL B 284 -3.63 30.92 6.25
N LEU B 285 -2.32 30.87 6.52
CA LEU B 285 -1.49 29.71 6.17
C LEU B 285 -1.97 28.44 6.86
N THR B 286 -2.39 28.56 8.11
CA THR B 286 -2.91 27.39 8.83
C THR B 286 -4.27 26.99 8.30
N MET B 287 -5.20 27.95 8.21
CA MET B 287 -6.58 27.65 7.83
C MET B 287 -6.74 27.28 6.37
N THR B 288 -5.71 27.46 5.54
CA THR B 288 -5.71 26.88 4.21
C THR B 288 -5.15 25.46 4.24
N THR B 289 -4.10 25.23 5.02
CA THR B 289 -3.50 23.91 5.12
C THR B 289 -4.39 22.96 5.93
N GLN B 290 -4.99 23.46 7.02
CA GLN B 290 -5.83 22.62 7.85
C GLN B 290 -7.16 22.31 7.16
N SER B 291 -7.63 23.20 6.28
CA SER B 291 -8.80 22.88 5.48
C SER B 291 -8.51 21.80 4.45
N SER B 292 -7.29 21.82 3.89
CA SER B 292 -6.87 20.73 3.03
C SER B 292 -6.51 19.49 3.83
N GLY B 293 -6.01 19.68 5.06
CA GLY B 293 -5.70 18.56 5.92
C GLY B 293 -6.92 17.87 6.49
N SER B 294 -8.07 18.54 6.50
CA SER B 294 -9.30 17.94 7.00
C SER B 294 -9.93 16.97 6.01
N ARG B 295 -9.47 16.95 4.77
CA ARG B 295 -9.97 16.06 3.73
C ARG B 295 -8.86 15.20 3.15
N ALA B 296 -7.98 14.71 4.02
CA ALA B 296 -6.84 13.91 3.59
C ALA B 296 -7.15 12.44 3.45
N SER B 297 -8.18 11.94 4.13
CA SER B 297 -8.58 10.53 4.09
C SER B 297 -10.05 10.41 3.75
N LEU B 298 -10.48 11.13 2.72
CA LEU B 298 -11.88 11.21 2.35
C LEU B 298 -12.05 10.95 0.86
N PRO B 299 -13.19 10.41 0.44
CA PRO B 299 -13.47 10.30 -0.99
C PRO B 299 -13.76 11.68 -1.59
N LYS B 300 -13.71 11.73 -2.92
CA LYS B 300 -13.84 13.00 -3.63
C LYS B 300 -15.29 13.20 -4.05
N VAL B 301 -16.14 13.42 -3.04
CA VAL B 301 -17.56 13.64 -3.26
C VAL B 301 -17.78 15.04 -3.80
N SER B 302 -18.84 15.19 -4.59
CA SER B 302 -19.10 16.47 -5.25
C SER B 302 -19.75 17.47 -4.32
N TYR B 303 -20.65 17.01 -3.46
CA TYR B 303 -21.40 17.90 -2.57
C TYR B 303 -20.53 18.40 -1.43
N VAL B 304 -21.08 19.35 -0.68
CA VAL B 304 -20.42 19.96 0.47
C VAL B 304 -20.85 19.22 1.73
N LYS B 305 -19.93 19.08 2.68
CA LYS B 305 -20.18 18.32 3.91
C LYS B 305 -20.02 19.21 5.13
N ALA B 306 -20.21 18.62 6.30
CA ALA B 306 -20.26 19.39 7.55
C ALA B 306 -18.90 19.92 7.96
N ILE B 307 -17.83 19.19 7.65
CA ILE B 307 -16.49 19.66 8.01
C ILE B 307 -16.00 20.73 7.04
N ASP B 308 -16.65 20.88 5.89
CA ASP B 308 -16.28 21.95 4.97
C ASP B 308 -16.83 23.29 5.43
N ILE B 309 -18.11 23.35 5.79
CA ILE B 309 -18.72 24.62 6.19
C ILE B 309 -18.40 25.01 7.62
N TRP B 310 -17.60 24.22 8.33
CA TRP B 310 -16.95 24.70 9.54
C TRP B 310 -15.56 25.24 9.24
N MET B 311 -14.84 24.60 8.32
CA MET B 311 -13.53 25.07 7.93
C MET B 311 -13.59 26.20 6.90
N ALA B 312 -14.77 26.50 6.37
CA ALA B 312 -14.93 27.65 5.48
C ALA B 312 -15.41 28.88 6.20
N VAL B 313 -16.34 28.75 7.16
CA VAL B 313 -16.78 29.90 7.92
C VAL B 313 -15.68 30.37 8.88
N CYS B 314 -14.95 29.43 9.49
CA CYS B 314 -13.78 29.81 10.28
C CYS B 314 -12.61 30.27 9.41
N LEU B 315 -12.66 30.03 8.09
CA LEU B 315 -11.69 30.65 7.20
C LEU B 315 -12.03 32.11 6.94
N LEU B 316 -13.33 32.44 6.90
CA LEU B 316 -13.76 33.82 6.74
C LEU B 316 -13.41 34.68 7.95
N PHE B 317 -13.61 34.14 9.16
CA PHE B 317 -13.36 34.93 10.37
C PHE B 317 -11.87 35.14 10.61
N VAL B 318 -11.04 34.31 9.98
CA VAL B 318 -9.61 34.62 9.89
C VAL B 318 -9.38 35.67 8.81
N PHE B 319 -10.04 35.49 7.66
CA PHE B 319 -9.83 36.40 6.53
C PHE B 319 -10.47 37.76 6.75
N SER B 320 -11.56 37.83 7.53
CA SER B 320 -12.17 39.12 7.79
C SER B 320 -11.42 39.89 8.86
N ALA B 321 -10.60 39.19 9.65
CA ALA B 321 -9.78 39.88 10.65
C ALA B 321 -8.62 40.62 9.98
N LEU B 322 -8.06 40.03 8.93
CA LEU B 322 -7.05 40.74 8.14
C LEU B 322 -7.70 41.82 7.28
N LEU B 323 -8.93 41.58 6.84
CA LEU B 323 -9.64 42.56 6.03
C LEU B 323 -10.10 43.74 6.87
N GLU B 324 -10.28 43.52 8.17
CA GLU B 324 -10.68 44.60 9.07
C GLU B 324 -9.53 45.57 9.31
N TYR B 325 -8.33 45.03 9.54
CA TYR B 325 -7.16 45.88 9.78
C TYR B 325 -6.75 46.62 8.50
N ALA B 326 -7.00 46.00 7.34
CA ALA B 326 -6.78 46.69 6.07
C ALA B 326 -7.76 47.85 5.92
N ALA B 327 -8.96 47.72 6.49
CA ALA B 327 -9.92 48.81 6.47
C ALA B 327 -9.54 49.89 7.47
N VAL B 328 -8.79 49.53 8.52
CA VAL B 328 -8.35 50.52 9.50
C VAL B 328 -7.21 51.36 8.93
N ASN B 329 -6.22 50.70 8.34
CA ASN B 329 -5.03 51.40 7.86
C ASN B 329 -5.33 52.23 6.62
N PHE B 330 -6.35 51.84 5.86
CA PHE B 330 -6.76 52.63 4.69
C PHE B 330 -7.47 53.91 5.12
N ILE B 331 -8.11 53.88 6.30
CA ILE B 331 -8.82 55.07 6.79
C ILE B 331 -7.90 55.90 7.68
N ALA B 332 -6.97 55.24 8.39
CA ALA B 332 -6.06 55.98 9.25
C ALA B 332 -5.00 56.72 8.43
N ARG B 333 -4.54 56.13 7.33
CA ARG B 333 -3.58 56.78 6.44
C ARG B 333 -4.30 57.46 5.27
N GLN B 334 -5.18 58.39 5.61
CA GLN B 334 -5.98 59.12 4.63
C GLN B 334 -5.68 60.62 4.60
N HIS B 335 -5.41 61.21 5.76
CA HIS B 335 -5.08 62.63 5.95
C HIS B 335 -6.13 63.58 5.36
N VAL B 396 -7.16 67.23 10.30
CA VAL B 396 -7.46 68.65 10.09
C VAL B 396 -7.04 69.47 11.30
N GLU B 397 -7.58 70.68 11.41
CA GLU B 397 -7.25 71.55 12.53
C GLU B 397 -7.90 71.05 13.82
N GLU B 398 -9.19 70.71 13.75
CA GLU B 398 -9.90 70.12 14.87
C GLU B 398 -10.24 68.66 14.65
N MET B 399 -10.51 68.26 13.40
CA MET B 399 -11.00 66.93 13.07
C MET B 399 -9.94 65.85 13.17
N ARG B 400 -8.67 66.19 13.41
CA ARG B 400 -7.62 65.18 13.46
C ARG B 400 -7.72 64.29 14.70
N LYS B 401 -8.36 64.77 15.77
CA LYS B 401 -8.64 63.89 16.90
C LYS B 401 -9.84 63.01 16.62
N LEU B 402 -10.81 63.51 15.87
CA LEU B 402 -11.91 62.69 15.39
C LEU B 402 -11.46 61.77 14.26
N PHE B 403 -10.35 62.09 13.61
CA PHE B 403 -9.82 61.26 12.52
C PHE B 403 -9.19 59.98 13.05
N ILE B 404 -8.78 59.99 14.32
CA ILE B 404 -8.36 58.75 14.97
C ILE B 404 -9.57 58.03 15.55
N SER B 405 -10.61 58.78 15.93
CA SER B 405 -11.84 58.16 16.39
C SER B 405 -12.63 57.50 15.27
N ARG B 406 -12.30 57.79 14.01
CA ARG B 406 -12.83 57.00 12.91
C ARG B 406 -12.08 55.68 12.76
N ALA B 407 -10.87 55.60 13.30
CA ALA B 407 -10.08 54.37 13.27
C ALA B 407 -10.06 53.65 14.61
N LYS B 408 -10.62 54.25 15.65
CA LYS B 408 -10.71 53.59 16.95
C LYS B 408 -12.09 52.99 17.20
N ARG B 409 -13.15 53.63 16.69
CA ARG B 409 -14.50 53.09 16.82
C ARG B 409 -14.67 51.81 16.01
N ILE B 410 -13.96 51.69 14.89
CA ILE B 410 -13.96 50.44 14.14
C ILE B 410 -13.26 49.34 14.93
N ASP B 411 -12.19 49.70 15.65
CA ASP B 411 -11.43 48.71 16.41
C ASP B 411 -12.12 48.28 17.70
N THR B 412 -13.14 49.00 18.17
CA THR B 412 -13.90 48.58 19.33
C THR B 412 -15.24 47.94 18.99
N VAL B 413 -15.67 48.03 17.74
CA VAL B 413 -16.80 47.23 17.28
C VAL B 413 -16.33 45.85 16.83
N SER B 414 -15.21 45.80 16.10
CA SER B 414 -14.63 44.54 15.66
C SER B 414 -14.04 43.73 16.80
N ARG B 415 -13.80 44.34 17.95
CA ARG B 415 -13.34 43.62 19.13
C ARG B 415 -14.49 42.94 19.87
N VAL B 416 -15.73 43.41 19.68
CA VAL B 416 -16.87 42.93 20.42
C VAL B 416 -17.87 42.19 19.54
N ALA B 417 -18.11 42.69 18.32
CA ALA B 417 -19.13 42.09 17.46
C ALA B 417 -18.68 40.77 16.83
N PHE B 418 -17.38 40.57 16.63
CA PHE B 418 -16.92 39.29 16.10
C PHE B 418 -17.03 38.13 17.11
N PRO B 419 -16.91 38.32 18.45
CA PRO B 419 -17.41 37.26 19.35
C PRO B 419 -18.91 37.20 19.51
N LEU B 420 -19.66 37.98 18.73
CA LEU B 420 -21.10 37.80 18.64
C LEU B 420 -21.53 37.11 17.35
N VAL B 421 -20.81 37.35 16.25
CA VAL B 421 -21.12 36.70 14.98
C VAL B 421 -20.60 35.26 14.99
N PHE B 422 -19.43 35.04 15.60
CA PHE B 422 -18.92 33.68 15.76
C PHE B 422 -19.76 32.88 16.74
N LEU B 423 -20.33 33.54 17.75
CA LEU B 423 -21.13 32.84 18.73
C LEU B 423 -22.54 32.56 18.23
N ILE B 424 -23.06 33.37 17.31
CA ILE B 424 -24.37 33.08 16.74
C ILE B 424 -24.30 32.04 15.62
N PHE B 425 -23.12 31.88 15.00
CA PHE B 425 -22.95 30.77 14.06
C PHE B 425 -22.74 29.46 14.79
N ASN B 426 -22.02 29.50 15.92
CA ASN B 426 -21.71 28.28 16.67
C ASN B 426 -22.95 27.67 17.30
N ILE B 427 -23.94 28.51 17.62
CA ILE B 427 -25.24 28.01 18.06
C ILE B 427 -26.04 27.49 16.87
N PHE B 428 -25.97 28.19 15.74
CA PHE B 428 -26.70 27.79 14.53
C PHE B 428 -26.12 26.53 13.90
N TYR B 429 -24.84 26.24 14.13
CA TYR B 429 -24.22 25.07 13.52
C TYR B 429 -24.63 23.78 14.20
N TRP B 430 -24.46 23.70 15.52
CA TRP B 430 -24.66 22.43 16.22
C TRP B 430 -26.12 22.08 16.41
N ILE B 431 -27.03 23.06 16.39
CA ILE B 431 -28.45 22.73 16.46
C ILE B 431 -28.91 22.14 15.13
N THR B 432 -28.32 22.59 14.02
CA THR B 432 -28.69 22.09 12.70
C THR B 432 -28.28 20.63 12.53
N TYR B 433 -27.18 20.21 13.17
CA TYR B 433 -26.65 18.87 13.01
C TYR B 433 -26.91 17.95 14.19
N LYS B 434 -27.53 18.45 15.26
CA LYS B 434 -28.08 17.58 16.29
C LYS B 434 -29.56 17.30 16.08
N ILE B 435 -30.24 18.07 15.21
CA ILE B 435 -31.62 17.79 14.86
C ILE B 435 -31.70 16.82 13.70
N ILE B 436 -30.56 16.45 13.11
CA ILE B 436 -30.36 15.51 11.98
C ILE B 436 -31.32 15.74 10.82
N PRO C 31 -14.97 -41.80 -41.47
CA PRO C 31 -14.50 -40.42 -41.65
C PRO C 31 -13.58 -39.97 -40.53
N MET C 32 -13.17 -40.91 -39.66
CA MET C 32 -12.31 -40.72 -38.49
C MET C 32 -12.85 -39.62 -37.58
N PRO C 33 -13.88 -39.91 -36.77
CA PRO C 33 -14.47 -38.88 -35.88
C PRO C 33 -13.44 -38.33 -34.91
N PRO C 34 -13.50 -37.02 -34.62
CA PRO C 34 -12.38 -36.36 -33.93
C PRO C 34 -12.29 -36.67 -32.44
N SER C 35 -13.26 -37.36 -31.85
CA SER C 35 -13.12 -37.76 -30.45
C SER C 35 -12.13 -38.90 -30.31
N GLU C 36 -12.02 -39.75 -31.33
CA GLU C 36 -11.12 -40.89 -31.31
C GLU C 36 -9.69 -40.51 -31.71
N PHE C 37 -9.56 -39.55 -32.63
CA PHE C 37 -8.23 -39.18 -33.15
C PHE C 37 -7.39 -38.47 -32.11
N LEU C 38 -8.01 -37.83 -31.12
CA LEU C 38 -7.25 -37.18 -30.07
C LEU C 38 -6.58 -38.20 -29.15
N ASP C 39 -7.33 -39.23 -28.73
CA ASP C 39 -6.79 -40.26 -27.85
C ASP C 39 -5.90 -41.26 -28.59
N LYS C 40 -6.01 -41.33 -29.92
CA LYS C 40 -5.20 -42.29 -30.68
C LYS C 40 -3.74 -41.86 -30.75
N LEU C 41 -3.49 -40.56 -30.79
CA LEU C 41 -2.14 -40.05 -31.00
C LEU C 41 -1.50 -39.52 -29.72
N MET C 42 -2.28 -39.37 -28.65
CA MET C 42 -1.78 -38.85 -27.38
C MET C 42 -1.74 -39.86 -26.25
N GLY C 43 -2.62 -40.86 -26.29
CA GLY C 43 -2.86 -41.73 -25.14
C GLY C 43 -1.80 -42.79 -24.92
N LYS C 44 -2.24 -43.92 -24.34
CA LYS C 44 -1.33 -45.01 -24.01
C LYS C 44 -0.80 -45.70 -25.27
N VAL C 45 -1.60 -45.71 -26.34
CA VAL C 45 -1.14 -46.28 -27.60
C VAL C 45 -0.14 -45.34 -28.27
N SER C 46 0.61 -45.89 -29.24
CA SER C 46 1.65 -45.26 -30.04
C SER C 46 2.88 -44.83 -29.24
N GLY C 47 2.94 -45.16 -27.95
CA GLY C 47 4.14 -44.95 -27.16
C GLY C 47 4.51 -43.51 -26.86
N TYR C 48 3.54 -42.60 -26.90
CA TYR C 48 3.86 -41.19 -26.65
C TYR C 48 3.92 -40.95 -25.15
N ASP C 49 5.11 -40.61 -24.66
CA ASP C 49 5.32 -40.29 -23.26
C ASP C 49 5.62 -38.81 -23.16
N ALA C 50 4.82 -38.09 -22.37
CA ALA C 50 4.96 -36.64 -22.23
C ALA C 50 6.12 -36.22 -21.37
N ARG C 51 6.84 -37.15 -20.75
CA ARG C 51 8.00 -36.85 -19.92
C ARG C 51 9.30 -36.88 -20.71
N ILE C 52 9.25 -37.23 -22.00
CA ILE C 52 10.43 -37.44 -22.82
C ILE C 52 10.40 -36.42 -23.95
N ARG C 53 11.50 -35.70 -24.13
CA ARG C 53 11.59 -34.67 -25.14
C ARG C 53 11.66 -35.31 -26.54
N PRO C 54 11.29 -34.56 -27.59
CA PRO C 54 11.47 -35.08 -28.94
C PRO C 54 12.94 -35.23 -29.30
N ASN C 55 13.20 -36.20 -30.19
CA ASN C 55 14.54 -36.57 -30.64
C ASN C 55 15.44 -36.93 -29.45
N PHE C 56 15.03 -37.97 -28.73
CA PHE C 56 15.71 -38.34 -27.50
C PHE C 56 17.03 -39.03 -27.82
N LYS C 57 18.10 -38.57 -27.15
CA LYS C 57 19.48 -38.94 -27.44
C LYS C 57 19.83 -38.71 -28.90
N GLY C 58 19.49 -37.52 -29.38
CA GLY C 58 19.83 -37.09 -30.72
C GLY C 58 20.20 -35.63 -30.72
N PRO C 59 19.82 -34.92 -31.78
CA PRO C 59 20.05 -33.48 -31.81
C PRO C 59 19.12 -32.77 -30.85
N PRO C 60 19.50 -31.59 -30.35
CA PRO C 60 18.64 -30.90 -29.39
C PRO C 60 17.40 -30.30 -30.04
N VAL C 61 16.40 -30.05 -29.20
CA VAL C 61 15.14 -29.49 -29.65
C VAL C 61 15.33 -27.99 -29.89
N ASN C 62 14.98 -27.54 -31.09
CA ASN C 62 15.15 -26.14 -31.46
C ASN C 62 13.80 -25.44 -31.31
N VAL C 63 13.64 -24.74 -30.20
CA VAL C 63 12.41 -24.01 -29.88
C VAL C 63 12.60 -22.56 -30.29
N THR C 64 11.79 -22.08 -31.22
CA THR C 64 11.83 -20.69 -31.64
C THR C 64 10.66 -19.93 -31.02
N CYS C 65 10.92 -18.67 -30.66
CA CYS C 65 10.00 -17.91 -29.83
C CYS C 65 9.78 -16.51 -30.39
N ASN C 66 8.59 -15.97 -30.15
CA ASN C 66 8.29 -14.57 -30.37
C ASN C 66 7.16 -14.15 -29.43
N ILE C 67 7.17 -12.88 -29.05
CA ILE C 67 6.22 -12.37 -28.06
C ILE C 67 5.37 -11.27 -28.67
N PHE C 68 4.19 -11.07 -28.11
CA PHE C 68 3.29 -9.98 -28.47
C PHE C 68 2.95 -9.22 -27.20
N ILE C 69 3.38 -7.97 -27.12
CA ILE C 69 3.18 -7.17 -25.91
C ILE C 69 1.80 -6.52 -25.99
N ASN C 70 0.88 -7.00 -25.15
CA ASN C 70 -0.43 -6.35 -25.03
C ASN C 70 -0.30 -5.05 -24.26
N SER C 71 0.11 -5.14 -23.00
CA SER C 71 0.21 -4.00 -22.11
C SER C 71 1.65 -3.86 -21.62
N PHE C 72 2.10 -2.61 -21.54
CA PHE C 72 3.42 -2.30 -21.03
C PHE C 72 3.27 -1.14 -20.06
N GLY C 73 4.10 -1.11 -19.04
CA GLY C 73 4.07 0.05 -18.16
C GLY C 73 3.97 -0.23 -16.68
N SER C 74 3.42 0.76 -15.96
CA SER C 74 3.53 0.89 -14.50
C SER C 74 4.99 0.71 -14.06
N ILE C 75 5.86 1.48 -14.70
CA ILE C 75 7.32 1.35 -14.54
C ILE C 75 7.67 2.07 -13.25
N ALA C 76 7.72 1.33 -12.15
CA ALA C 76 8.09 1.93 -10.87
C ALA C 76 9.60 2.07 -10.79
N GLU C 77 10.03 3.06 -10.01
CA GLU C 77 11.44 3.34 -9.83
C GLU C 77 11.93 3.13 -8.41
N THR C 78 11.04 3.21 -7.41
CA THR C 78 11.41 2.80 -6.06
C THR C 78 11.69 1.30 -6.00
N THR C 79 10.91 0.52 -6.73
CA THR C 79 11.08 -0.93 -6.80
C THR C 79 12.01 -1.33 -7.94
N MET C 80 12.19 -0.44 -8.93
CA MET C 80 12.97 -0.67 -10.16
C MET C 80 12.46 -1.91 -10.90
N ASP C 81 11.21 -1.83 -11.33
CA ASP C 81 10.58 -2.91 -12.07
C ASP C 81 9.56 -2.34 -13.05
N TYR C 82 9.01 -3.21 -13.88
CA TYR C 82 7.98 -2.82 -14.81
C TYR C 82 7.08 -4.02 -15.07
N ARG C 83 5.81 -3.74 -15.36
CA ARG C 83 4.83 -4.79 -15.61
C ARG C 83 4.54 -4.88 -17.10
N VAL C 84 4.60 -6.10 -17.63
CA VAL C 84 4.32 -6.35 -19.04
C VAL C 84 3.27 -7.45 -19.09
N ASN C 85 2.59 -7.55 -20.23
CA ASN C 85 1.53 -8.53 -20.43
C ASN C 85 1.71 -9.08 -21.85
N ILE C 86 2.29 -10.27 -21.97
CA ILE C 86 2.75 -10.77 -23.25
C ILE C 86 1.95 -11.98 -23.68
N PHE C 87 2.01 -12.25 -24.99
CA PHE C 87 1.58 -13.52 -25.58
C PHE C 87 2.85 -14.28 -25.95
N LEU C 88 3.20 -15.29 -25.16
CA LEU C 88 4.43 -16.04 -25.39
C LEU C 88 4.16 -17.20 -26.34
N ARG C 89 4.65 -17.09 -27.57
CA ARG C 89 4.48 -18.13 -28.58
C ARG C 89 5.74 -18.96 -28.65
N GLN C 90 5.58 -20.28 -28.70
CA GLN C 90 6.69 -21.21 -28.78
C GLN C 90 6.42 -22.19 -29.90
N GLN C 91 7.40 -22.38 -30.78
CA GLN C 91 7.28 -23.32 -31.89
C GLN C 91 8.45 -24.30 -31.84
N TRP C 92 8.13 -25.59 -31.78
CA TRP C 92 9.14 -26.64 -31.86
C TRP C 92 8.60 -27.74 -32.74
N ASN C 93 9.40 -28.79 -32.92
CA ASN C 93 9.02 -29.92 -33.76
C ASN C 93 8.98 -31.18 -32.91
N ASP C 94 7.85 -31.87 -32.95
CA ASP C 94 7.67 -33.13 -32.22
C ASP C 94 7.30 -34.19 -33.26
N PRO C 95 8.24 -35.04 -33.67
CA PRO C 95 7.95 -36.03 -34.72
C PRO C 95 6.99 -37.12 -34.30
N ARG C 96 6.75 -37.30 -33.00
CA ARG C 96 5.77 -38.27 -32.54
C ARG C 96 4.33 -37.78 -32.72
N LEU C 97 4.14 -36.48 -32.92
CA LEU C 97 2.83 -35.90 -33.14
C LEU C 97 2.52 -35.72 -34.62
N ALA C 98 3.32 -36.31 -35.50
CA ALA C 98 3.16 -36.12 -36.94
C ALA C 98 2.12 -37.12 -37.46
N TYR C 99 0.93 -36.63 -37.73
CA TYR C 99 -0.13 -37.47 -38.28
C TYR C 99 -0.06 -37.50 -39.81
N SER C 100 -0.77 -38.46 -40.39
CA SER C 100 -0.79 -38.61 -41.84
C SER C 100 -2.16 -38.85 -42.44
N GLU C 101 -3.14 -39.34 -41.69
CA GLU C 101 -4.43 -39.72 -42.25
C GLU C 101 -5.46 -38.60 -42.21
N TYR C 102 -5.29 -37.63 -41.31
CA TYR C 102 -6.23 -36.52 -41.23
C TYR C 102 -5.99 -35.57 -42.40
N PRO C 103 -7.05 -35.05 -43.03
CA PRO C 103 -6.87 -34.31 -44.29
C PRO C 103 -6.35 -32.88 -44.13
N ASP C 104 -6.73 -32.18 -43.08
CA ASP C 104 -6.41 -30.77 -43.00
C ASP C 104 -5.01 -30.55 -42.41
N ASP C 105 -4.53 -29.31 -42.53
CA ASP C 105 -3.14 -28.97 -42.24
C ASP C 105 -2.90 -28.59 -40.78
N SER C 106 -3.94 -28.31 -40.01
CA SER C 106 -3.75 -27.88 -38.63
C SER C 106 -4.93 -28.32 -37.79
N LEU C 107 -4.67 -28.47 -36.49
CA LEU C 107 -5.69 -28.87 -35.51
C LEU C 107 -5.59 -27.92 -34.31
N ASP C 108 -6.39 -26.87 -34.30
CA ASP C 108 -6.53 -26.06 -33.09
C ASP C 108 -7.27 -26.87 -32.02
N LEU C 109 -6.62 -27.08 -30.89
CA LEU C 109 -7.09 -28.06 -29.91
C LEU C 109 -7.55 -27.39 -28.62
N ASP C 110 -8.17 -28.20 -27.78
CA ASP C 110 -8.56 -27.77 -26.44
C ASP C 110 -7.33 -27.69 -25.57
N PRO C 111 -7.15 -26.62 -24.77
CA PRO C 111 -6.01 -26.58 -23.83
C PRO C 111 -6.08 -27.53 -22.64
N SER C 112 -7.06 -28.42 -22.58
CA SER C 112 -6.99 -29.55 -21.66
C SER C 112 -6.03 -30.64 -22.16
N MET C 113 -5.63 -30.57 -23.43
CA MET C 113 -4.68 -31.51 -24.00
C MET C 113 -3.24 -31.20 -23.58
N LEU C 114 -2.97 -29.95 -23.17
CA LEU C 114 -1.62 -29.48 -22.89
C LEU C 114 -0.96 -30.13 -21.68
N ASP C 115 -1.72 -30.85 -20.85
CA ASP C 115 -1.11 -31.63 -19.79
C ASP C 115 -0.65 -33.01 -20.25
N SER C 116 -0.76 -33.31 -21.55
CA SER C 116 -0.43 -34.62 -22.08
C SER C 116 0.62 -34.59 -23.18
N ILE C 117 1.12 -33.43 -23.58
CA ILE C 117 2.18 -33.33 -24.56
C ILE C 117 3.43 -32.82 -23.87
N TRP C 118 4.56 -32.88 -24.59
CA TRP C 118 5.80 -32.31 -24.10
C TRP C 118 5.78 -30.80 -24.28
N LYS C 119 6.27 -30.08 -23.27
CA LYS C 119 6.40 -28.64 -23.36
C LYS C 119 7.79 -28.21 -22.87
N PRO C 120 8.39 -27.20 -23.48
CA PRO C 120 9.66 -26.68 -22.99
C PRO C 120 9.48 -25.98 -21.66
N ASP C 121 10.46 -26.14 -20.78
CA ASP C 121 10.43 -25.55 -19.45
C ASP C 121 11.08 -24.16 -19.46
N LEU C 122 10.46 -23.27 -20.22
CA LEU C 122 10.92 -21.89 -20.29
C LEU C 122 10.55 -21.15 -19.01
N PHE C 123 11.44 -20.25 -18.59
CA PHE C 123 11.13 -19.35 -17.49
C PHE C 123 11.85 -18.04 -17.74
N PHE C 124 11.60 -17.08 -16.87
CA PHE C 124 12.21 -15.76 -16.97
C PHE C 124 13.15 -15.59 -15.79
N ALA C 125 14.39 -15.17 -16.08
CA ALA C 125 15.40 -15.06 -15.02
C ALA C 125 15.18 -13.88 -14.10
N ASN C 126 14.26 -12.99 -14.44
CA ASN C 126 13.91 -11.81 -13.65
C ASN C 126 12.40 -11.70 -13.50
N GLU C 127 11.77 -12.80 -13.04
CA GLU C 127 10.31 -12.85 -12.89
C GLU C 127 9.81 -11.85 -11.87
N LYS C 128 10.30 -11.94 -10.63
CA LYS C 128 9.82 -11.17 -9.46
C LYS C 128 8.31 -11.32 -9.31
N GLY C 129 7.85 -12.56 -9.39
CA GLY C 129 6.42 -12.81 -9.33
C GLY C 129 5.77 -12.70 -10.70
N ALA C 130 5.06 -13.75 -11.11
CA ALA C 130 4.36 -13.78 -12.39
C ALA C 130 3.26 -14.83 -12.30
N ASN C 131 2.25 -14.67 -13.15
CA ASN C 131 1.08 -15.55 -13.09
C ASN C 131 0.48 -15.70 -14.48
N PHE C 132 -0.36 -16.73 -14.61
CA PHE C 132 -1.14 -16.95 -15.81
C PHE C 132 -2.44 -16.14 -15.76
N HIS C 133 -3.28 -16.35 -16.76
CA HIS C 133 -4.62 -15.81 -16.79
C HIS C 133 -5.59 -16.95 -17.02
N GLU C 134 -6.54 -17.11 -16.10
CA GLU C 134 -7.42 -18.28 -16.09
C GLU C 134 -8.88 -17.85 -16.03
N VAL C 135 -9.23 -16.79 -16.75
CA VAL C 135 -10.59 -16.25 -16.71
C VAL C 135 -11.39 -16.83 -17.87
N THR C 136 -12.43 -17.60 -17.51
CA THR C 136 -13.49 -18.24 -18.30
C THR C 136 -12.97 -19.46 -19.07
N THR C 137 -11.64 -19.60 -19.16
CA THR C 137 -10.90 -20.71 -19.75
C THR C 137 -9.44 -20.36 -19.45
N ASP C 138 -8.56 -21.36 -19.31
CA ASP C 138 -7.13 -21.10 -19.34
C ASP C 138 -6.75 -20.48 -20.67
N ASN C 139 -6.10 -19.31 -20.63
CA ASN C 139 -5.75 -18.58 -21.86
C ASN C 139 -4.52 -19.23 -22.46
N LYS C 140 -4.76 -20.31 -23.20
CA LYS C 140 -3.73 -21.12 -23.81
C LYS C 140 -4.13 -21.44 -25.25
N LEU C 141 -3.14 -21.82 -26.05
CA LEU C 141 -3.36 -22.14 -27.46
C LEU C 141 -2.50 -23.32 -27.84
N LEU C 142 -3.03 -24.19 -28.68
CA LEU C 142 -2.30 -25.36 -29.17
C LEU C 142 -2.78 -25.69 -30.57
N ARG C 143 -1.86 -25.76 -31.52
CA ARG C 143 -2.19 -26.28 -32.84
C ARG C 143 -1.00 -27.05 -33.38
N ILE C 144 -1.29 -28.17 -34.06
CA ILE C 144 -0.30 -29.14 -34.48
C ILE C 144 -0.42 -29.31 -35.99
N SER C 145 0.67 -29.05 -36.71
CA SER C 145 0.69 -29.23 -38.15
C SER C 145 0.86 -30.70 -38.51
N LYS C 146 0.95 -30.98 -39.81
CA LYS C 146 1.02 -32.37 -40.27
C LYS C 146 2.39 -32.97 -40.00
N ASN C 147 3.45 -32.20 -40.19
CA ASN C 147 4.80 -32.69 -39.95
C ASN C 147 5.20 -32.67 -38.48
N GLY C 148 4.36 -32.15 -37.60
CA GLY C 148 4.65 -32.13 -36.19
C GLY C 148 4.98 -30.77 -35.61
N ASN C 149 4.83 -29.70 -36.39
CA ASN C 149 5.09 -28.36 -35.89
C ASN C 149 4.02 -27.98 -34.88
N VAL C 150 4.44 -27.58 -33.69
CA VAL C 150 3.54 -27.33 -32.56
C VAL C 150 3.64 -25.86 -32.20
N LEU C 151 2.52 -25.14 -32.32
CA LEU C 151 2.42 -23.77 -31.85
C LEU C 151 1.78 -23.75 -30.48
N TYR C 152 2.40 -23.02 -29.55
CA TYR C 152 1.95 -23.00 -28.15
C TYR C 152 2.02 -21.55 -27.67
N SER C 153 0.85 -20.93 -27.52
CA SER C 153 0.74 -19.53 -27.15
C SER C 153 0.02 -19.42 -25.82
N ILE C 154 0.64 -18.74 -24.86
CA ILE C 154 0.05 -18.50 -23.55
C ILE C 154 0.18 -17.02 -23.21
N ARG C 155 -0.72 -16.56 -22.35
CA ARG C 155 -0.76 -15.18 -21.88
C ARG C 155 -0.18 -15.13 -20.49
N ILE C 156 0.88 -14.34 -20.32
CA ILE C 156 1.61 -14.25 -19.06
C ILE C 156 1.66 -12.78 -18.64
N THR C 157 1.39 -12.52 -17.36
CA THR C 157 1.64 -11.22 -16.76
C THR C 157 2.92 -11.29 -15.95
N LEU C 158 3.88 -10.43 -16.29
CA LEU C 158 5.20 -10.44 -15.70
C LEU C 158 5.45 -9.11 -15.00
N VAL C 159 6.12 -9.16 -13.85
CA VAL C 159 6.59 -7.91 -13.24
C VAL C 159 8.11 -7.94 -13.30
N LEU C 160 8.67 -7.51 -14.42
CA LEU C 160 10.06 -7.78 -14.72
C LEU C 160 10.97 -6.75 -14.05
N ALA C 161 12.14 -7.22 -13.62
CA ALA C 161 13.11 -6.37 -12.94
C ALA C 161 14.15 -5.87 -13.93
N CYS C 162 14.42 -4.56 -13.89
CA CYS C 162 15.47 -3.98 -14.69
C CYS C 162 16.19 -2.92 -13.86
N PRO C 163 17.52 -2.90 -13.87
CA PRO C 163 18.25 -1.88 -13.12
C PRO C 163 18.17 -0.52 -13.79
N MET C 164 17.84 0.50 -13.01
CA MET C 164 17.70 1.85 -13.52
C MET C 164 19.04 2.56 -13.41
N ASP C 165 19.52 3.11 -14.53
CA ASP C 165 20.74 3.91 -14.55
C ASP C 165 20.32 5.36 -14.62
N LEU C 166 20.30 6.03 -13.47
CA LEU C 166 19.71 7.35 -13.31
C LEU C 166 20.76 8.44 -13.15
N LYS C 167 21.86 8.35 -13.91
CA LYS C 167 22.91 9.35 -13.79
C LYS C 167 22.46 10.72 -14.30
N ASN C 168 21.60 10.75 -15.31
CA ASN C 168 20.98 11.98 -15.80
C ASN C 168 19.47 11.76 -15.90
N PHE C 169 18.76 12.05 -14.80
CA PHE C 169 17.47 11.41 -14.56
C PHE C 169 16.34 11.83 -15.51
N PRO C 170 16.05 13.12 -15.75
CA PRO C 170 14.91 13.41 -16.64
C PRO C 170 15.21 13.23 -18.12
N MET C 171 16.48 13.01 -18.50
CA MET C 171 16.88 12.91 -19.89
C MET C 171 17.57 11.60 -20.21
N ASP C 172 17.25 10.54 -19.47
CA ASP C 172 17.95 9.27 -19.70
C ASP C 172 17.18 8.38 -20.67
N VAL C 173 17.89 7.39 -21.19
CA VAL C 173 17.32 6.37 -22.06
C VAL C 173 17.52 5.04 -21.35
N GLN C 174 16.46 4.53 -20.73
CA GLN C 174 16.55 3.27 -20.00
C GLN C 174 16.50 2.09 -20.95
N THR C 175 17.25 1.04 -20.61
CA THR C 175 17.28 -0.20 -21.39
C THR C 175 16.86 -1.32 -20.44
N CYS C 176 15.58 -1.65 -20.45
CA CYS C 176 15.05 -2.71 -19.61
C CYS C 176 14.83 -3.96 -20.45
N ILE C 177 15.31 -5.09 -19.94
CA ILE C 177 15.40 -6.32 -20.72
C ILE C 177 14.42 -7.35 -20.17
N MET C 178 14.28 -8.44 -20.91
CA MET C 178 13.60 -9.65 -20.43
C MET C 178 14.28 -10.85 -21.08
N GLN C 179 14.61 -11.85 -20.28
CA GLN C 179 15.41 -12.97 -20.74
C GLN C 179 14.71 -14.29 -20.43
N LEU C 180 14.76 -15.20 -21.40
CA LEU C 180 13.95 -16.42 -21.44
C LEU C 180 14.89 -17.61 -21.38
N GLU C 181 14.98 -18.25 -20.23
CA GLU C 181 15.94 -19.31 -20.01
C GLU C 181 15.25 -20.66 -19.93
N SER C 182 16.07 -21.71 -19.96
CA SER C 182 15.63 -23.07 -19.64
C SER C 182 16.16 -23.45 -18.27
N PHE C 183 15.41 -24.29 -17.57
CA PHE C 183 15.74 -24.61 -16.19
C PHE C 183 16.19 -26.04 -15.98
N GLY C 184 15.68 -26.99 -16.79
CA GLY C 184 15.99 -28.39 -16.58
C GLY C 184 16.81 -29.02 -17.68
N TYR C 185 16.68 -28.52 -18.90
CA TYR C 185 17.40 -29.05 -20.05
C TYR C 185 18.58 -28.13 -20.36
N THR C 186 19.74 -28.73 -20.60
CA THR C 186 20.95 -27.97 -20.87
C THR C 186 21.02 -27.62 -22.36
N MET C 187 22.18 -27.13 -22.81
CA MET C 187 22.34 -26.70 -24.19
C MET C 187 22.33 -27.86 -25.16
N ASN C 188 22.79 -29.03 -24.73
CA ASN C 188 22.80 -30.21 -25.60
C ASN C 188 21.44 -30.92 -25.67
N ASP C 189 20.39 -30.33 -25.11
CA ASP C 189 19.05 -30.91 -25.16
C ASP C 189 17.97 -29.95 -25.64
N LEU C 190 18.16 -28.64 -25.48
CA LEU C 190 17.09 -27.67 -25.78
C LEU C 190 17.72 -26.31 -26.02
N ILE C 191 17.47 -25.74 -27.20
CA ILE C 191 18.05 -24.46 -27.60
C ILE C 191 16.92 -23.50 -27.91
N PHE C 192 16.96 -22.32 -27.28
CA PHE C 192 16.01 -21.25 -27.57
C PHE C 192 16.56 -20.32 -28.65
N GLU C 193 15.68 -19.89 -29.54
CA GLU C 193 16.02 -18.98 -30.63
C GLU C 193 14.91 -17.97 -30.80
N TRP C 194 15.25 -16.81 -31.34
CA TRP C 194 14.24 -15.91 -31.87
C TRP C 194 14.02 -16.23 -33.35
N ASP C 195 12.80 -15.97 -33.82
CA ASP C 195 12.53 -16.13 -35.24
C ASP C 195 12.80 -14.84 -36.00
N GLU C 196 13.14 -14.99 -37.28
CA GLU C 196 13.56 -13.86 -38.09
C GLU C 196 12.40 -12.99 -38.56
N LYS C 197 11.17 -13.44 -38.39
CA LYS C 197 10.00 -12.73 -38.90
C LYS C 197 9.35 -11.86 -37.83
N GLY C 198 10.12 -10.89 -37.34
CA GLY C 198 9.59 -9.96 -36.35
C GLY C 198 9.38 -10.59 -35.00
N ALA C 199 10.47 -10.87 -34.29
CA ALA C 199 10.41 -11.65 -33.06
C ALA C 199 9.78 -10.92 -31.88
N VAL C 200 9.53 -9.61 -31.97
CA VAL C 200 8.80 -8.89 -30.93
C VAL C 200 7.76 -8.04 -31.63
N GLN C 201 6.49 -8.40 -31.48
CA GLN C 201 5.39 -7.57 -31.96
C GLN C 201 4.83 -6.73 -30.82
N VAL C 202 4.38 -5.53 -31.16
CA VAL C 202 3.82 -4.57 -30.21
C VAL C 202 2.39 -4.29 -30.66
N ALA C 203 1.50 -4.05 -29.70
CA ALA C 203 0.11 -3.73 -29.99
C ALA C 203 0.00 -2.39 -30.73
N ASP C 204 -1.19 -2.16 -31.29
CA ASP C 204 -1.38 -1.05 -32.23
C ASP C 204 -1.34 0.29 -31.52
N GLY C 205 -2.13 0.44 -30.46
CA GLY C 205 -2.20 1.71 -29.76
C GLY C 205 -1.57 1.70 -28.39
N LEU C 206 -0.44 1.01 -28.25
CA LEU C 206 0.24 0.89 -26.96
C LEU C 206 1.03 2.17 -26.69
N THR C 207 0.51 3.00 -25.81
CA THR C 207 1.18 4.22 -25.38
C THR C 207 1.58 4.10 -23.91
N LEU C 208 2.51 4.96 -23.51
CA LEU C 208 2.99 4.98 -22.14
C LEU C 208 2.80 6.37 -21.55
N PRO C 209 2.51 6.48 -20.25
CA PRO C 209 2.30 7.81 -19.67
C PRO C 209 3.57 8.61 -19.49
N GLN C 210 4.69 7.96 -19.15
CA GLN C 210 5.93 8.66 -18.86
C GLN C 210 7.02 8.42 -19.88
N PHE C 211 6.87 7.41 -20.73
CA PHE C 211 7.93 6.94 -21.61
C PHE C 211 7.42 6.84 -23.04
N ILE C 212 8.35 6.52 -23.95
CA ILE C 212 8.02 6.04 -25.29
C ILE C 212 8.86 4.82 -25.56
N LEU C 213 8.31 3.88 -26.33
CA LEU C 213 9.00 2.65 -26.67
C LEU C 213 9.55 2.77 -28.08
N LYS C 214 10.88 2.68 -28.21
CA LYS C 214 11.51 2.85 -29.51
C LYS C 214 11.30 1.62 -30.38
N GLU C 215 11.41 1.82 -31.69
CA GLU C 215 11.08 0.76 -32.64
C GLU C 215 12.18 -0.29 -32.72
N GLU C 216 13.45 0.11 -32.63
CA GLU C 216 14.55 -0.84 -32.72
C GLU C 216 14.69 -1.58 -31.39
N LYS C 217 14.57 -2.89 -31.44
CA LYS C 217 14.66 -3.74 -30.25
C LYS C 217 15.75 -4.76 -30.47
N ASP C 218 16.74 -4.77 -29.58
CA ASP C 218 17.87 -5.68 -29.71
C ASP C 218 17.45 -7.10 -29.35
N LEU C 219 18.08 -8.08 -30.02
CA LEU C 219 17.78 -9.49 -29.84
C LEU C 219 19.11 -10.24 -29.80
N ARG C 220 19.66 -10.41 -28.60
CA ARG C 220 20.97 -11.04 -28.45
C ARG C 220 20.85 -12.25 -27.52
N TYR C 221 21.99 -12.88 -27.27
CA TYR C 221 22.06 -14.10 -26.47
C TYR C 221 22.66 -13.81 -25.09
N CYS C 222 22.25 -14.62 -24.12
CA CYS C 222 22.57 -14.42 -22.71
C CYS C 222 22.88 -15.74 -22.03
N THR C 223 23.62 -16.61 -22.73
CA THR C 223 23.80 -18.02 -22.32
C THR C 223 24.50 -18.14 -20.97
N LYS C 224 23.81 -18.77 -20.02
CA LYS C 224 24.25 -18.82 -18.64
C LYS C 224 25.07 -20.06 -18.37
N HIS C 225 26.09 -19.91 -17.51
CA HIS C 225 26.91 -21.02 -17.05
C HIS C 225 26.78 -21.13 -15.55
N TYR C 226 26.42 -22.32 -15.08
CA TYR C 226 26.33 -22.61 -13.66
C TYR C 226 27.30 -23.75 -13.33
N ASN C 227 27.25 -24.21 -12.07
CA ASN C 227 27.94 -25.43 -11.71
C ASN C 227 27.10 -26.68 -12.01
N THR C 228 25.87 -26.50 -12.47
CA THR C 228 25.03 -27.59 -12.94
C THR C 228 25.26 -27.86 -14.42
N GLY C 229 25.35 -26.81 -15.23
CA GLY C 229 25.62 -26.97 -16.63
C GLY C 229 25.54 -25.63 -17.31
N LYS C 230 25.40 -25.65 -18.63
CA LYS C 230 25.15 -24.43 -19.39
C LYS C 230 23.75 -24.51 -19.98
N PHE C 231 23.01 -23.42 -19.87
CA PHE C 231 21.59 -23.39 -20.19
C PHE C 231 21.32 -22.30 -21.22
N THR C 232 20.36 -22.56 -22.10
CA THR C 232 20.08 -21.63 -23.17
C THR C 232 19.34 -20.40 -22.64
N CYS C 233 19.46 -19.31 -23.38
CA CYS C 233 18.92 -18.02 -22.96
C CYS C 233 18.85 -17.12 -24.18
N ILE C 234 17.70 -16.46 -24.34
CA ILE C 234 17.53 -15.42 -25.34
C ILE C 234 16.91 -14.23 -24.64
N GLU C 235 17.28 -13.02 -25.07
CA GLU C 235 16.77 -11.84 -24.42
C GLU C 235 16.52 -10.72 -25.42
N ALA C 236 15.57 -9.86 -25.07
CA ALA C 236 15.15 -8.74 -25.89
C ALA C 236 15.30 -7.46 -25.09
N ARG C 237 16.10 -6.53 -25.60
CA ARG C 237 16.24 -5.22 -24.99
C ARG C 237 15.12 -4.30 -25.44
N PHE C 238 14.62 -3.49 -24.51
CA PHE C 238 13.64 -2.46 -24.83
C PHE C 238 14.21 -1.11 -24.44
N HIS C 239 14.31 -0.20 -25.40
CA HIS C 239 14.88 1.12 -25.18
C HIS C 239 13.75 2.10 -24.90
N LEU C 240 13.66 2.58 -23.66
CA LEU C 240 12.63 3.48 -23.22
C LEU C 240 13.21 4.89 -23.10
N GLU C 241 12.52 5.87 -23.66
CA GLU C 241 12.93 7.26 -23.62
C GLU C 241 11.87 8.07 -22.91
N ARG C 242 12.28 8.95 -22.00
CA ARG C 242 11.32 9.65 -21.16
C ARG C 242 10.62 10.78 -21.89
N GLN C 243 9.39 11.04 -21.47
CA GLN C 243 8.68 12.26 -21.81
C GLN C 243 9.14 13.34 -20.84
N MET C 244 9.96 14.27 -21.32
CA MET C 244 10.53 15.32 -20.49
C MET C 244 9.52 16.40 -20.15
N GLY C 245 8.39 16.46 -20.85
CA GLY C 245 7.42 17.53 -20.71
C GLY C 245 6.73 17.60 -19.36
N TYR C 246 6.75 16.52 -18.59
CA TYR C 246 6.20 16.59 -17.24
C TYR C 246 7.13 17.35 -16.30
N TYR C 247 8.43 17.09 -16.40
CA TYR C 247 9.38 17.71 -15.47
C TYR C 247 9.62 19.17 -15.77
N LEU C 248 9.27 19.63 -16.97
CA LEU C 248 9.31 21.06 -17.27
C LEU C 248 8.12 21.79 -16.65
N ILE C 249 7.13 21.06 -16.16
CA ILE C 249 5.96 21.70 -15.55
C ILE C 249 6.09 21.73 -14.03
N GLN C 250 6.67 20.70 -13.42
CA GLN C 250 6.76 20.64 -11.96
C GLN C 250 8.14 21.00 -11.40
N MET C 251 9.22 20.52 -12.02
CA MET C 251 10.54 20.68 -11.45
C MET C 251 11.29 21.91 -11.97
N TYR C 252 11.42 22.06 -13.29
CA TYR C 252 12.35 23.05 -13.82
C TYR C 252 11.80 24.47 -13.72
N ILE C 253 10.62 24.72 -14.26
CA ILE C 253 10.04 26.07 -14.28
C ILE C 253 9.60 26.56 -12.89
N PRO C 254 8.96 25.78 -12.01
CA PRO C 254 8.74 26.30 -10.64
C PRO C 254 9.99 26.41 -9.78
N SER C 255 11.14 25.94 -10.23
CA SER C 255 12.41 26.31 -9.63
C SER C 255 13.09 27.44 -10.37
N LEU C 256 12.54 27.86 -11.50
CA LEU C 256 13.03 29.04 -12.20
C LEU C 256 12.28 30.29 -11.80
N LEU C 257 11.06 30.17 -11.27
CA LEU C 257 10.35 31.32 -10.75
C LEU C 257 10.97 31.82 -9.45
N ILE C 258 11.41 30.90 -8.58
CA ILE C 258 11.98 31.27 -7.29
C ILE C 258 13.34 31.94 -7.45
N VAL C 259 14.05 31.64 -8.54
CA VAL C 259 15.27 32.38 -8.87
C VAL C 259 14.92 33.83 -9.23
N ILE C 260 13.75 34.06 -9.83
CA ILE C 260 13.31 35.43 -10.12
C ILE C 260 12.86 36.13 -8.84
N LEU C 261 12.30 35.40 -7.87
CA LEU C 261 12.00 35.99 -6.57
C LEU C 261 13.27 36.41 -5.83
N SER C 262 14.38 35.70 -6.03
CA SER C 262 15.64 36.13 -5.45
C SER C 262 16.22 37.35 -6.16
N TRP C 263 15.71 37.69 -7.34
CA TRP C 263 16.13 38.89 -8.04
C TRP C 263 15.20 40.07 -7.81
N VAL C 264 14.07 39.85 -7.13
CA VAL C 264 13.20 40.96 -6.72
C VAL C 264 13.89 41.78 -5.64
N SER C 265 14.68 41.12 -4.79
CA SER C 265 15.35 41.77 -3.66
C SER C 265 16.48 42.72 -4.07
N PHE C 266 16.82 42.79 -5.35
CA PHE C 266 17.91 43.64 -5.82
C PHE C 266 17.42 45.02 -6.27
N TRP C 267 16.14 45.32 -6.07
CA TRP C 267 15.53 46.53 -6.60
C TRP C 267 14.98 47.48 -5.55
N ILE C 268 14.62 46.99 -4.37
CA ILE C 268 13.89 47.80 -3.39
C ILE C 268 14.87 48.53 -2.47
N ASN C 269 14.83 49.87 -2.55
CA ASN C 269 15.41 50.86 -1.64
C ASN C 269 16.94 50.96 -1.69
N MET C 270 17.60 50.02 -2.37
CA MET C 270 18.99 50.06 -2.83
C MET C 270 20.07 50.09 -1.73
N ASP C 271 19.70 50.31 -0.48
CA ASP C 271 20.69 50.46 0.58
C ASP C 271 20.48 49.50 1.74
N ALA C 272 19.28 49.46 2.30
CA ALA C 272 18.98 48.73 3.52
C ALA C 272 17.48 48.59 3.74
N ALA C 273 17.01 47.37 4.00
CA ALA C 273 15.61 47.12 4.29
C ALA C 273 15.51 45.81 5.05
N PRO C 274 14.55 45.67 5.97
CA PRO C 274 14.31 44.35 6.58
C PRO C 274 13.70 43.35 5.64
N ALA C 275 13.05 43.79 4.56
CA ALA C 275 12.40 42.88 3.62
C ALA C 275 13.39 42.15 2.72
N ARG C 276 14.57 42.72 2.50
CA ARG C 276 15.56 42.07 1.63
C ARG C 276 16.23 40.89 2.29
N VAL C 277 16.30 40.87 3.63
CA VAL C 277 16.62 39.61 4.31
C VAL C 277 15.42 38.68 4.27
N GLY C 278 14.23 39.21 4.56
CA GLY C 278 13.04 38.37 4.66
C GLY C 278 12.59 37.76 3.35
N LEU C 279 12.90 38.40 2.23
CA LEU C 279 12.69 37.76 0.93
C LEU C 279 13.74 36.70 0.67
N GLY C 280 14.98 36.94 1.11
CA GLY C 280 16.00 35.91 1.08
C GLY C 280 15.83 34.87 2.17
N ILE C 281 15.05 35.17 3.20
CA ILE C 281 14.65 34.15 4.16
C ILE C 281 13.70 33.14 3.53
N THR C 282 12.70 33.63 2.79
CA THR C 282 11.59 32.80 2.38
C THR C 282 11.93 31.93 1.18
N THR C 283 12.71 32.46 0.23
CA THR C 283 13.06 31.70 -0.97
C THR C 283 14.03 30.55 -0.69
N VAL C 284 14.62 30.49 0.50
CA VAL C 284 15.38 29.31 0.91
C VAL C 284 14.45 28.21 1.44
N LEU C 285 13.34 28.60 2.07
CA LEU C 285 12.34 27.63 2.55
C LEU C 285 11.75 26.80 1.42
N THR C 286 11.51 27.44 0.27
CA THR C 286 11.00 26.70 -0.88
C THR C 286 12.07 25.80 -1.48
N MET C 287 13.25 26.36 -1.76
CA MET C 287 14.32 25.64 -2.44
C MET C 287 14.97 24.56 -1.57
N THR C 288 14.68 24.52 -0.27
CA THR C 288 15.03 23.36 0.54
C THR C 288 13.93 22.31 0.49
N THR C 289 12.67 22.74 0.53
CA THR C 289 11.54 21.81 0.48
C THR C 289 11.36 21.24 -0.92
N GLN C 290 11.49 22.08 -1.96
CA GLN C 290 11.32 21.61 -3.32
C GLN C 290 12.48 20.73 -3.77
N SER C 291 13.67 20.93 -3.20
CA SER C 291 14.77 20.00 -3.46
C SER C 291 14.53 18.65 -2.82
N SER C 292 13.96 18.65 -1.61
CA SER C 292 13.55 17.39 -1.00
C SER C 292 12.30 16.83 -1.67
N GLY C 293 11.43 17.71 -2.18
CA GLY C 293 10.25 17.28 -2.88
C GLY C 293 10.51 16.73 -4.27
N SER C 294 11.67 17.05 -4.84
CA SER C 294 12.04 16.55 -6.17
C SER C 294 12.50 15.09 -6.14
N ARG C 295 12.77 14.55 -4.96
CA ARG C 295 13.21 13.17 -4.80
C ARG C 295 12.24 12.39 -3.91
N ALA C 296 10.95 12.62 -4.09
CA ALA C 296 9.93 11.97 -3.28
C ALA C 296 9.55 10.59 -3.77
N SER C 297 9.75 10.30 -5.06
CA SER C 297 9.39 9.02 -5.65
C SER C 297 10.59 8.43 -6.40
N LEU C 298 11.74 8.45 -5.75
CA LEU C 298 12.99 8.01 -6.36
C LEU C 298 13.71 7.02 -5.47
N PRO C 299 14.49 6.11 -6.05
CA PRO C 299 15.34 5.24 -5.23
C PRO C 299 16.50 6.02 -4.63
N LYS C 300 17.13 5.40 -3.63
CA LYS C 300 18.17 6.07 -2.86
C LYS C 300 19.54 5.71 -3.43
N VAL C 301 19.78 6.22 -4.64
CA VAL C 301 21.05 5.98 -5.32
C VAL C 301 22.14 6.84 -4.70
N SER C 302 23.37 6.34 -4.77
CA SER C 302 24.49 7.04 -4.13
C SER C 302 25.00 8.19 -4.96
N TYR C 303 25.02 8.04 -6.28
CA TYR C 303 25.55 9.06 -7.17
C TYR C 303 24.60 10.26 -7.27
N VAL C 304 25.10 11.32 -7.89
CA VAL C 304 24.35 12.55 -8.11
C VAL C 304 23.73 12.48 -9.50
N LYS C 305 22.52 13.01 -9.63
CA LYS C 305 21.76 12.94 -10.87
C LYS C 305 21.51 14.33 -11.42
N ALA C 306 20.78 14.40 -12.54
CA ALA C 306 20.59 15.65 -13.26
C ALA C 306 19.67 16.61 -12.53
N ILE C 307 18.65 16.10 -11.84
CA ILE C 307 17.73 16.97 -11.12
C ILE C 307 18.34 17.46 -9.81
N ASP C 308 19.42 16.84 -9.35
CA ASP C 308 20.11 17.34 -8.16
C ASP C 308 20.96 18.55 -8.48
N ILE C 309 21.75 18.49 -9.56
CA ILE C 309 22.63 19.62 -9.89
C ILE C 309 21.89 20.74 -10.61
N TRP C 310 20.58 20.63 -10.80
CA TRP C 310 19.75 21.79 -11.11
C TRP C 310 19.17 22.39 -9.85
N MET C 311 18.71 21.55 -8.92
CA MET C 311 18.15 22.05 -7.68
C MET C 311 19.22 22.47 -6.68
N ALA C 312 20.49 22.14 -6.92
CA ALA C 312 21.57 22.63 -6.06
C ALA C 312 22.17 23.93 -6.57
N VAL C 313 22.35 24.09 -7.88
CA VAL C 313 22.88 25.34 -8.41
C VAL C 313 21.84 26.45 -8.29
N CYS C 314 20.56 26.15 -8.51
CA CYS C 314 19.51 27.13 -8.24
C CYS C 314 19.29 27.35 -6.75
N LEU C 315 19.80 26.47 -5.88
CA LEU C 315 19.81 26.75 -4.46
C LEU C 315 20.89 27.78 -4.11
N LEU C 316 22.01 27.74 -4.85
CA LEU C 316 23.08 28.72 -4.63
C LEU C 316 22.66 30.12 -5.06
N PHE C 317 21.96 30.24 -6.19
CA PHE C 317 21.56 31.56 -6.69
C PHE C 317 20.47 32.18 -5.82
N VAL C 318 19.75 31.35 -5.06
CA VAL C 318 18.90 31.86 -4.00
C VAL C 318 19.75 32.25 -2.79
N PHE C 319 20.71 31.39 -2.45
CA PHE C 319 21.55 31.62 -1.27
C PHE C 319 22.56 32.73 -1.49
N SER C 320 22.97 32.96 -2.74
CA SER C 320 23.92 34.05 -3.00
C SER C 320 23.20 35.40 -3.05
N ALA C 321 21.87 35.38 -3.25
CA ALA C 321 21.11 36.63 -3.24
C ALA C 321 20.98 37.16 -1.82
N LEU C 322 20.79 36.26 -0.85
CA LEU C 322 20.80 36.66 0.56
C LEU C 322 22.21 37.00 1.00
N LEU C 323 23.21 36.33 0.45
CA LEU C 323 24.60 36.58 0.83
C LEU C 323 25.09 37.90 0.24
N GLU C 324 24.48 38.33 -0.87
CA GLU C 324 24.86 39.60 -1.48
C GLU C 324 24.35 40.78 -0.66
N TYR C 325 23.10 40.70 -0.19
CA TYR C 325 22.54 41.79 0.61
C TYR C 325 23.20 41.85 1.98
N ALA C 326 23.63 40.71 2.50
CA ALA C 326 24.40 40.69 3.74
C ALA C 326 25.76 41.34 3.54
N ALA C 327 26.29 41.28 2.32
CA ALA C 327 27.54 41.97 2.01
C ALA C 327 27.31 43.46 1.85
N VAL C 328 26.09 43.85 1.46
CA VAL C 328 25.78 45.28 1.31
C VAL C 328 25.61 45.93 2.68
N ASN C 329 24.85 45.27 3.56
CA ASN C 329 24.54 45.86 4.87
C ASN C 329 25.76 45.88 5.78
N PHE C 330 26.69 44.94 5.57
CA PHE C 330 27.92 44.93 6.35
C PHE C 330 28.85 46.06 5.93
N ILE C 331 28.75 46.50 4.67
CA ILE C 331 29.59 47.59 4.19
C ILE C 331 28.89 48.93 4.40
N ALA C 332 27.55 48.94 4.31
CA ALA C 332 26.82 50.19 4.51
C ALA C 332 26.79 50.60 5.98
N ARG C 333 26.73 49.62 6.90
CA ARG C 333 26.77 49.91 8.33
C ARG C 333 28.19 49.73 8.87
N GLN C 334 29.11 50.52 8.31
CA GLN C 334 30.52 50.48 8.69
C GLN C 334 31.02 51.77 9.32
N HIS C 335 30.49 52.91 8.85
CA HIS C 335 30.83 54.27 9.33
C HIS C 335 32.33 54.57 9.29
N VAL C 396 32.43 59.84 6.09
CA VAL C 396 33.46 60.81 6.43
C VAL C 396 33.00 62.22 6.06
N GLU C 397 33.97 63.14 5.92
CA GLU C 397 33.64 64.52 5.59
C GLU C 397 33.25 64.64 4.11
N GLU C 398 34.03 64.03 3.22
CA GLU C 398 33.71 63.96 1.81
C GLU C 398 33.36 62.55 1.35
N MET C 399 33.97 61.54 1.96
CA MET C 399 33.84 60.15 1.52
C MET C 399 32.50 59.52 1.83
N ARG C 400 31.62 60.22 2.57
CA ARG C 400 30.33 59.63 2.93
C ARG C 400 29.39 59.50 1.73
N LYS C 401 29.59 60.28 0.67
CA LYS C 401 28.84 60.06 -0.56
C LYS C 401 29.43 58.90 -1.36
N LEU C 402 30.76 58.73 -1.30
CA LEU C 402 31.39 57.54 -1.85
C LEU C 402 31.14 56.31 -1.00
N PHE C 403 30.81 56.50 0.28
CA PHE C 403 30.54 55.39 1.19
C PHE C 403 29.21 54.73 0.87
N ILE C 404 28.29 55.46 0.23
CA ILE C 404 27.07 54.85 -0.29
C ILE C 404 27.35 54.28 -1.68
N SER C 405 28.29 54.86 -2.42
CA SER C 405 28.67 54.32 -3.72
C SER C 405 29.48 53.04 -3.60
N ARG C 406 29.97 52.70 -2.41
CA ARG C 406 30.52 51.37 -2.18
C ARG C 406 29.41 50.36 -1.96
N ALA C 407 28.21 50.82 -1.60
CA ALA C 407 27.07 49.95 -1.41
C ALA C 407 26.07 50.03 -2.56
N LYS C 408 26.28 50.94 -3.52
CA LYS C 408 25.42 51.03 -4.68
C LYS C 408 26.03 50.37 -5.91
N ARG C 409 27.36 50.43 -6.04
CA ARG C 409 28.03 49.76 -7.16
C ARG C 409 27.94 48.24 -7.05
N ILE C 410 27.89 47.71 -5.82
CA ILE C 410 27.65 46.29 -5.64
C ILE C 410 26.23 45.92 -6.06
N ASP C 411 25.27 46.80 -5.79
CA ASP C 411 23.89 46.52 -6.12
C ASP C 411 23.56 46.70 -7.60
N THR C 412 24.45 47.29 -8.40
CA THR C 412 24.24 47.37 -9.84
C THR C 412 25.08 46.39 -10.62
N VAL C 413 26.04 45.72 -9.98
CA VAL C 413 26.70 44.57 -10.59
C VAL C 413 25.89 43.30 -10.33
N SER C 414 25.38 43.15 -9.10
CA SER C 414 24.55 42.00 -8.76
C SER C 414 23.18 42.03 -9.43
N ARG C 415 22.78 43.19 -9.96
CA ARG C 415 21.53 43.28 -10.70
C ARG C 415 21.71 42.87 -12.16
N VAL C 416 22.94 42.86 -12.66
CA VAL C 416 23.23 42.59 -14.07
C VAL C 416 24.01 41.29 -14.25
N ALA C 417 24.99 41.03 -13.38
CA ALA C 417 25.85 39.86 -13.57
C ALA C 417 25.18 38.55 -13.20
N PHE C 418 24.21 38.57 -12.28
CA PHE C 418 23.50 37.33 -11.96
C PHE C 418 22.56 36.83 -13.08
N PRO C 419 21.94 37.71 -13.92
CA PRO C 419 21.37 37.18 -15.17
C PRO C 419 22.38 36.86 -16.26
N LEU C 420 23.67 36.94 -15.96
CA LEU C 420 24.71 36.43 -16.85
C LEU C 420 25.31 35.12 -16.35
N VAL C 421 25.41 34.94 -15.04
CA VAL C 421 25.91 33.68 -14.49
C VAL C 421 24.84 32.60 -14.55
N PHE C 422 23.57 32.98 -14.31
CA PHE C 422 22.48 32.03 -14.47
C PHE C 422 22.26 31.68 -15.93
N LEU C 423 22.50 32.61 -16.84
CA LEU C 423 22.30 32.34 -18.26
C LEU C 423 23.45 31.53 -18.85
N ILE C 424 24.64 31.60 -18.27
CA ILE C 424 25.75 30.78 -18.77
C ILE C 424 25.71 29.36 -18.17
N PHE C 425 25.07 29.18 -17.03
CA PHE C 425 24.84 27.82 -16.54
C PHE C 425 23.69 27.16 -17.28
N ASN C 426 22.68 27.93 -17.66
CA ASN C 426 21.51 27.39 -18.34
C ASN C 426 21.86 26.91 -19.74
N ILE C 427 22.87 27.52 -20.36
CA ILE C 427 23.38 27.03 -21.64
C ILE C 427 24.28 25.82 -21.43
N PHE C 428 25.09 25.84 -20.36
CA PHE C 428 26.00 24.73 -20.06
C PHE C 428 25.26 23.48 -19.59
N TYR C 429 24.07 23.64 -19.01
CA TYR C 429 23.34 22.49 -18.48
C TYR C 429 22.66 21.67 -19.57
N TRP C 430 21.91 22.35 -20.45
CA TRP C 430 21.11 21.61 -21.43
C TRP C 430 21.91 21.09 -22.60
N ILE C 431 23.05 21.71 -22.93
CA ILE C 431 23.89 21.16 -23.98
C ILE C 431 24.60 19.90 -23.49
N THR C 432 24.94 19.85 -22.19
CA THR C 432 25.60 18.68 -21.61
C THR C 432 24.68 17.46 -21.61
N TYR C 433 23.37 17.67 -21.49
CA TYR C 433 22.42 16.58 -21.39
C TYR C 433 21.59 16.36 -22.65
N LYS C 434 21.77 17.20 -23.68
CA LYS C 434 21.26 16.87 -25.01
C LYS C 434 22.31 16.20 -25.88
N ILE C 435 23.59 16.26 -25.50
CA ILE C 435 24.65 15.57 -26.21
C ILE C 435 24.80 14.14 -25.72
N ILE C 436 24.07 13.77 -24.65
CA ILE C 436 24.02 12.46 -23.98
C ILE C 436 25.39 11.83 -23.73
N PRO D 31 -40.66 -42.50 -15.32
CA PRO D 31 -40.77 -41.04 -15.33
C PRO D 31 -39.43 -40.35 -15.58
N MET D 32 -38.40 -41.15 -15.95
CA MET D 32 -37.03 -40.72 -16.23
C MET D 32 -36.44 -39.93 -15.06
N PRO D 33 -36.01 -40.59 -13.99
CA PRO D 33 -35.46 -39.88 -12.82
C PRO D 33 -34.24 -39.06 -13.18
N PRO D 34 -34.10 -37.87 -12.58
CA PRO D 34 -33.12 -36.90 -13.09
C PRO D 34 -31.68 -37.22 -12.78
N SER D 35 -31.39 -38.22 -11.95
CA SER D 35 -30.00 -38.61 -11.72
C SER D 35 -29.43 -39.35 -12.93
N GLU D 36 -30.27 -40.07 -13.67
CA GLU D 36 -29.84 -40.80 -14.85
C GLU D 36 -29.76 -39.94 -16.09
N PHE D 37 -30.64 -38.94 -16.21
CA PHE D 37 -30.72 -38.12 -17.41
C PHE D 37 -29.52 -37.19 -17.54
N LEU D 38 -28.85 -36.88 -16.42
CA LEU D 38 -27.66 -36.05 -16.49
C LEU D 38 -26.49 -36.81 -17.09
N ASP D 39 -26.28 -38.05 -16.67
CA ASP D 39 -25.17 -38.85 -17.20
C ASP D 39 -25.46 -39.43 -18.58
N LYS D 40 -26.73 -39.49 -18.98
CA LYS D 40 -27.07 -40.06 -20.28
C LYS D 40 -26.70 -39.14 -21.42
N LEU D 41 -26.86 -37.83 -21.23
CA LEU D 41 -26.64 -36.86 -22.29
C LEU D 41 -25.27 -36.20 -22.21
N MET D 42 -24.54 -36.38 -21.12
CA MET D 42 -23.23 -35.79 -20.93
C MET D 42 -22.10 -36.80 -20.90
N GLY D 43 -22.35 -38.04 -20.49
CA GLY D 43 -21.31 -39.00 -20.16
C GLY D 43 -20.65 -39.65 -21.36
N LYS D 44 -20.17 -40.89 -21.14
CA LYS D 44 -19.44 -41.60 -22.18
C LYS D 44 -20.33 -42.01 -23.33
N VAL D 45 -21.61 -42.25 -23.07
CA VAL D 45 -22.55 -42.58 -24.13
C VAL D 45 -22.91 -41.32 -24.92
N SER D 46 -23.52 -41.54 -26.08
CA SER D 46 -23.98 -40.55 -27.07
C SER D 46 -22.85 -39.76 -27.73
N GLY D 47 -21.59 -40.10 -27.45
CA GLY D 47 -20.46 -39.52 -28.15
C GLY D 47 -20.19 -38.05 -27.88
N TYR D 48 -20.62 -37.53 -26.75
CA TYR D 48 -20.41 -36.12 -26.45
C TYR D 48 -18.99 -35.92 -25.91
N ASP D 49 -18.15 -35.25 -26.69
CA ASP D 49 -16.79 -34.94 -26.29
C ASP D 49 -16.70 -33.44 -26.04
N ALA D 50 -16.31 -33.06 -24.83
CA ALA D 50 -16.27 -31.66 -24.43
C ALA D 50 -15.08 -30.89 -25.00
N ARG D 51 -14.17 -31.57 -25.71
CA ARG D 51 -13.04 -30.92 -26.34
C ARG D 51 -13.34 -30.47 -27.76
N ILE D 52 -14.55 -30.73 -28.26
CA ILE D 52 -14.92 -30.49 -29.65
C ILE D 52 -16.08 -29.50 -29.68
N ARG D 53 -15.93 -28.43 -30.45
CA ARG D 53 -16.94 -27.40 -30.53
C ARG D 53 -18.17 -27.91 -31.28
N PRO D 54 -19.34 -27.28 -31.07
CA PRO D 54 -20.51 -27.63 -31.88
C PRO D 54 -20.32 -27.26 -33.33
N ASN D 55 -20.99 -28.02 -34.20
CA ASN D 55 -20.92 -27.91 -35.66
C ASN D 55 -19.47 -27.98 -36.15
N PHE D 56 -18.86 -29.13 -35.87
CA PHE D 56 -17.45 -29.32 -36.18
C PHE D 56 -17.25 -29.49 -37.67
N LYS D 57 -16.30 -28.72 -38.22
CA LYS D 57 -16.07 -28.57 -39.66
C LYS D 57 -17.36 -28.18 -40.39
N GLY D 58 -18.00 -27.15 -39.87
CA GLY D 58 -19.18 -26.58 -40.49
C GLY D 58 -19.18 -25.07 -40.33
N PRO D 59 -20.36 -24.50 -40.09
CA PRO D 59 -20.44 -23.07 -39.80
C PRO D 59 -19.87 -22.77 -38.43
N PRO D 60 -19.37 -21.56 -38.19
CA PRO D 60 -18.80 -21.23 -36.89
C PRO D 60 -19.87 -21.08 -35.81
N VAL D 61 -19.42 -21.22 -34.57
CA VAL D 61 -20.31 -21.12 -33.41
C VAL D 61 -20.60 -19.65 -33.15
N ASN D 62 -21.89 -19.29 -33.15
CA ASN D 62 -22.31 -17.91 -32.93
C ASN D 62 -22.67 -17.74 -31.46
N VAL D 63 -21.77 -17.13 -30.70
CA VAL D 63 -21.96 -16.90 -29.27
C VAL D 63 -22.39 -15.46 -29.08
N THR D 64 -23.59 -15.25 -28.56
CA THR D 64 -24.09 -13.92 -28.27
C THR D 64 -23.98 -13.64 -26.77
N CYS D 65 -23.63 -12.41 -26.44
CA CYS D 65 -23.23 -12.05 -25.08
C CYS D 65 -23.93 -10.79 -24.62
N ASN D 66 -24.16 -10.71 -23.31
CA ASN D 66 -24.56 -9.47 -22.66
C ASN D 66 -24.09 -9.50 -21.21
N ILE D 67 -23.83 -8.32 -20.66
CA ILE D 67 -23.25 -8.20 -19.32
C ILE D 67 -24.20 -7.44 -18.41
N PHE D 68 -24.09 -7.68 -17.11
CA PHE D 68 -24.81 -6.95 -16.08
C PHE D 68 -23.78 -6.41 -15.10
N ILE D 69 -23.71 -5.10 -14.97
CA ILE D 69 -22.71 -4.46 -14.13
C ILE D 69 -23.26 -4.32 -12.72
N ASN D 70 -22.77 -5.15 -11.80
CA ASN D 70 -23.13 -5.00 -10.39
C ASN D 70 -22.45 -3.79 -9.78
N SER D 71 -21.13 -3.80 -9.75
CA SER D 71 -20.34 -2.74 -9.13
C SER D 71 -19.42 -2.12 -10.18
N PHE D 72 -19.30 -0.81 -10.09
CA PHE D 72 -18.41 -0.06 -10.97
C PHE D 72 -17.65 0.93 -10.11
N GLY D 73 -16.41 1.21 -10.50
CA GLY D 73 -15.67 2.25 -9.79
C GLY D 73 -14.32 1.87 -9.27
N SER D 74 -13.90 2.57 -8.20
CA SER D 74 -12.51 2.67 -7.75
C SER D 74 -11.59 2.99 -8.93
N ILE D 75 -11.96 4.03 -9.67
CA ILE D 75 -11.30 4.40 -10.91
C ILE D 75 -10.02 5.15 -10.53
N ALA D 76 -8.90 4.44 -10.49
CA ALA D 76 -7.64 5.06 -10.18
C ALA D 76 -7.07 5.76 -11.42
N GLU D 77 -6.17 6.70 -11.17
CA GLU D 77 -5.54 7.45 -12.24
C GLU D 77 -4.02 7.36 -12.24
N THR D 78 -3.41 7.09 -11.09
CA THR D 78 -1.98 6.78 -11.07
C THR D 78 -1.71 5.47 -11.80
N THR D 79 -2.60 4.50 -11.64
CA THR D 79 -2.49 3.21 -12.31
C THR D 79 -3.22 3.20 -13.65
N MET D 80 -4.16 4.14 -13.85
CA MET D 80 -5.04 4.24 -15.01
C MET D 80 -5.81 2.94 -15.25
N ASP D 81 -6.62 2.58 -14.24
CA ASP D 81 -7.44 1.38 -14.32
C ASP D 81 -8.75 1.62 -13.56
N TYR D 82 -9.67 0.68 -13.72
CA TYR D 82 -10.94 0.74 -13.02
C TYR D 82 -11.41 -0.68 -12.74
N ARG D 83 -12.12 -0.85 -11.64
CA ARG D 83 -12.62 -2.15 -11.22
C ARG D 83 -14.09 -2.27 -11.53
N VAL D 84 -14.49 -3.37 -12.14
CA VAL D 84 -15.88 -3.64 -12.47
C VAL D 84 -16.20 -5.05 -11.97
N ASN D 85 -17.49 -5.31 -11.76
CA ASN D 85 -17.96 -6.59 -11.24
C ASN D 85 -19.17 -6.99 -12.09
N ILE D 86 -18.96 -7.86 -13.07
CA ILE D 86 -19.96 -8.12 -14.10
C ILE D 86 -20.55 -9.52 -13.95
N PHE D 87 -21.75 -9.67 -14.52
CA PHE D 87 -22.36 -10.97 -14.78
C PHE D 87 -22.23 -11.24 -16.27
N LEU D 88 -21.31 -12.12 -16.65
CA LEU D 88 -21.05 -12.39 -18.06
C LEU D 88 -21.95 -13.53 -18.52
N ARG D 89 -22.95 -13.20 -19.33
CA ARG D 89 -23.88 -14.19 -19.87
C ARG D 89 -23.47 -14.53 -21.29
N GLN D 90 -23.46 -15.82 -21.60
CA GLN D 90 -23.07 -16.29 -22.93
C GLN D 90 -24.14 -17.26 -23.42
N GLN D 91 -24.61 -17.06 -24.64
CA GLN D 91 -25.61 -17.93 -25.25
C GLN D 91 -25.10 -18.44 -26.59
N TRP D 92 -25.09 -19.75 -26.75
CA TRP D 92 -24.75 -20.38 -28.02
C TRP D 92 -25.68 -21.57 -28.22
N ASN D 93 -25.45 -22.30 -29.31
CA ASN D 93 -26.26 -23.45 -29.64
C ASN D 93 -25.36 -24.68 -29.74
N ASP D 94 -25.72 -25.72 -29.00
CA ASP D 94 -25.00 -27.00 -29.03
C ASP D 94 -26.02 -28.07 -29.40
N PRO D 95 -26.01 -28.54 -30.66
CA PRO D 95 -27.02 -29.52 -31.09
C PRO D 95 -26.86 -30.89 -30.45
N ARG D 96 -25.71 -31.20 -29.87
CA ARG D 96 -25.52 -32.46 -29.17
C ARG D 96 -26.19 -32.48 -27.80
N LEU D 97 -26.56 -31.30 -27.29
CA LEU D 97 -27.24 -31.20 -26.00
C LEU D 97 -28.76 -31.07 -26.15
N ALA D 98 -29.29 -31.34 -27.35
CA ALA D 98 -30.71 -31.18 -27.61
C ALA D 98 -31.45 -32.45 -27.21
N TYR D 99 -32.22 -32.37 -26.14
CA TYR D 99 -33.02 -33.49 -25.68
C TYR D 99 -34.43 -33.43 -26.29
N SER D 100 -35.14 -34.56 -26.20
CA SER D 100 -36.50 -34.63 -26.72
C SER D 100 -37.50 -35.32 -25.81
N GLU D 101 -37.07 -36.15 -24.85
CA GLU D 101 -37.99 -36.93 -24.04
C GLU D 101 -38.37 -36.24 -22.74
N TYR D 102 -37.56 -35.31 -22.25
CA TYR D 102 -37.87 -34.60 -21.02
C TYR D 102 -38.97 -33.57 -21.31
N PRO D 103 -39.96 -33.43 -20.42
CA PRO D 103 -41.15 -32.63 -20.77
C PRO D 103 -40.95 -31.12 -20.71
N ASP D 104 -40.15 -30.63 -19.77
CA ASP D 104 -40.07 -29.19 -19.55
C ASP D 104 -39.05 -28.53 -20.48
N ASP D 105 -39.11 -27.20 -20.53
CA ASP D 105 -38.39 -26.42 -21.52
C ASP D 105 -36.97 -26.03 -21.12
N SER D 106 -36.62 -26.14 -19.83
CA SER D 106 -35.30 -25.71 -19.40
C SER D 106 -34.85 -26.57 -18.23
N LEU D 107 -33.54 -26.70 -18.07
CA LEU D 107 -32.92 -27.47 -17.00
C LEU D 107 -31.84 -26.61 -16.35
N ASP D 108 -32.18 -25.90 -15.28
CA ASP D 108 -31.16 -25.25 -14.48
C ASP D 108 -30.34 -26.30 -13.72
N LEU D 109 -29.04 -26.33 -13.97
CA LEU D 109 -28.20 -27.44 -13.56
C LEU D 109 -27.20 -27.03 -12.48
N ASP D 110 -26.53 -28.04 -11.94
CA ASP D 110 -25.45 -27.82 -11.00
C ASP D 110 -24.23 -27.31 -11.75
N PRO D 111 -23.51 -26.29 -11.23
CA PRO D 111 -22.25 -25.89 -11.87
C PRO D 111 -21.09 -26.87 -11.75
N SER D 112 -21.30 -28.06 -11.16
CA SER D 112 -20.33 -29.13 -11.30
C SER D 112 -20.39 -29.81 -12.66
N MET D 113 -21.46 -29.56 -13.42
CA MET D 113 -21.60 -30.08 -14.77
C MET D 113 -20.73 -29.33 -15.77
N LEU D 114 -20.33 -28.09 -15.44
CA LEU D 114 -19.64 -27.19 -16.37
C LEU D 114 -18.23 -27.64 -16.73
N ASP D 115 -17.67 -28.62 -16.03
CA ASP D 115 -16.40 -29.20 -16.45
C ASP D 115 -16.57 -30.30 -17.50
N SER D 116 -17.79 -30.52 -17.99
CA SER D 116 -18.06 -31.62 -18.90
C SER D 116 -18.74 -31.19 -20.20
N ILE D 117 -19.01 -29.91 -20.39
CA ILE D 117 -19.58 -29.41 -21.64
C ILE D 117 -18.55 -28.52 -22.34
N TRP D 118 -18.84 -28.17 -23.57
CA TRP D 118 -18.01 -27.22 -24.30
C TRP D 118 -18.33 -25.80 -23.84
N LYS D 119 -17.29 -25.00 -23.66
CA LYS D 119 -17.46 -23.60 -23.33
C LYS D 119 -16.55 -22.76 -24.21
N PRO D 120 -17.00 -21.56 -24.61
CA PRO D 120 -16.13 -20.67 -25.39
C PRO D 120 -15.01 -20.12 -24.53
N ASP D 121 -13.84 -19.98 -25.15
CA ASP D 121 -12.66 -19.48 -24.46
C ASP D 121 -12.54 -17.96 -24.57
N LEU D 122 -13.54 -17.30 -23.98
CA LEU D 122 -13.55 -15.85 -23.94
C LEU D 122 -12.55 -15.34 -22.92
N PHE D 123 -11.90 -14.23 -23.27
CA PHE D 123 -11.05 -13.53 -22.32
C PHE D 123 -11.15 -12.05 -22.61
N PHE D 124 -10.54 -11.24 -21.76
CA PHE D 124 -10.54 -9.80 -21.91
C PHE D 124 -9.13 -9.36 -22.29
N ALA D 125 -9.02 -8.52 -23.32
CA ALA D 125 -7.70 -8.11 -23.79
C ALA D 125 -7.03 -7.11 -22.88
N ASN D 126 -7.75 -6.58 -21.89
CA ASN D 126 -7.24 -5.63 -20.92
C ASN D 126 -7.60 -6.07 -19.50
N GLU D 127 -7.30 -7.34 -19.17
CA GLU D 127 -7.65 -7.90 -17.87
C GLU D 127 -6.94 -7.18 -16.73
N LYS D 128 -5.60 -7.14 -16.76
CA LYS D 128 -4.74 -6.66 -15.67
C LYS D 128 -5.10 -7.34 -14.34
N GLY D 129 -5.23 -8.67 -14.40
CA GLY D 129 -5.64 -9.42 -13.23
C GLY D 129 -7.15 -9.46 -13.08
N ALA D 130 -7.69 -10.67 -12.88
CA ALA D 130 -9.11 -10.88 -12.70
C ALA D 130 -9.31 -12.22 -12.02
N ASN D 131 -10.45 -12.37 -11.34
CA ASN D 131 -10.72 -13.58 -10.58
C ASN D 131 -12.20 -13.92 -10.60
N PHE D 132 -12.50 -15.19 -10.33
CA PHE D 132 -13.87 -15.62 -10.13
C PHE D 132 -14.32 -15.35 -8.71
N HIS D 133 -15.55 -15.73 -8.41
CA HIS D 133 -16.09 -15.68 -7.06
C HIS D 133 -16.56 -17.06 -6.67
N GLU D 134 -15.98 -17.61 -5.61
CA GLU D 134 -16.18 -19.01 -5.25
C GLU D 134 -16.65 -19.12 -3.80
N VAL D 135 -17.49 -18.19 -3.36
CA VAL D 135 -17.96 -18.18 -1.98
C VAL D 135 -19.26 -18.97 -1.88
N THR D 136 -19.20 -20.07 -1.12
CA THR D 136 -20.24 -21.01 -0.69
C THR D 136 -20.67 -21.94 -1.84
N THR D 137 -20.31 -21.59 -3.07
CA THR D 137 -20.55 -22.32 -4.31
C THR D 137 -19.80 -21.52 -5.37
N ASP D 138 -19.27 -22.17 -6.41
CA ASP D 138 -18.83 -21.44 -7.60
C ASP D 138 -20.00 -20.66 -8.18
N ASN D 139 -19.86 -19.34 -8.26
CA ASN D 139 -20.94 -18.48 -8.73
C ASN D 139 -21.05 -18.61 -10.25
N LYS D 140 -21.73 -19.67 -10.67
CA LYS D 140 -21.90 -20.03 -12.07
C LYS D 140 -23.34 -20.42 -12.31
N LEU D 141 -23.72 -20.44 -13.58
CA LEU D 141 -25.09 -20.75 -13.99
C LEU D 141 -25.07 -21.53 -15.30
N LEU D 142 -25.96 -22.51 -15.40
CA LEU D 142 -26.08 -23.30 -16.62
C LEU D 142 -27.53 -23.71 -16.78
N ARG D 143 -28.11 -23.43 -17.95
CA ARG D 143 -29.42 -23.96 -18.29
C ARG D 143 -29.48 -24.25 -19.78
N ILE D 144 -30.16 -25.34 -20.13
CA ILE D 144 -30.15 -25.89 -21.48
C ILE D 144 -31.59 -26.02 -21.94
N SER D 145 -31.92 -25.37 -23.06
CA SER D 145 -33.26 -25.46 -23.63
C SER D 145 -33.43 -26.78 -24.40
N LYS D 146 -34.60 -26.96 -25.00
CA LYS D 146 -34.89 -28.21 -25.69
C LYS D 146 -34.14 -28.31 -27.01
N ASN D 147 -33.99 -27.21 -27.73
CA ASN D 147 -33.30 -27.23 -29.00
C ASN D 147 -31.78 -27.12 -28.87
N GLY D 148 -31.26 -27.04 -27.65
CA GLY D 148 -29.83 -26.98 -27.43
C GLY D 148 -29.27 -25.62 -27.07
N ASN D 149 -30.13 -24.62 -26.87
CA ASN D 149 -29.68 -23.30 -26.47
C ASN D 149 -29.12 -23.36 -25.05
N VAL D 150 -27.89 -22.89 -24.89
CA VAL D 150 -27.16 -23.01 -23.63
C VAL D 150 -26.91 -21.61 -23.09
N LEU D 151 -27.39 -21.35 -21.88
CA LEU D 151 -27.12 -20.10 -21.17
C LEU D 151 -26.04 -20.35 -20.12
N TYR D 152 -25.07 -19.46 -20.05
CA TYR D 152 -23.90 -19.64 -19.19
C TYR D 152 -23.56 -18.28 -18.57
N SER D 153 -23.95 -18.08 -17.32
CA SER D 153 -23.74 -16.84 -16.61
C SER D 153 -22.75 -17.04 -15.47
N ILE D 154 -21.70 -16.23 -15.44
CA ILE D 154 -20.69 -16.29 -14.39
C ILE D 154 -20.44 -14.88 -13.86
N ARG D 155 -19.93 -14.82 -12.64
CA ARG D 155 -19.62 -13.56 -11.97
C ARG D 155 -18.11 -13.36 -12.00
N ILE D 156 -17.67 -12.28 -12.62
CA ILE D 156 -16.25 -11.97 -12.79
C ILE D 156 -15.98 -10.61 -12.19
N THR D 157 -14.89 -10.49 -11.44
CA THR D 157 -14.36 -9.19 -11.00
C THR D 157 -13.14 -8.86 -11.84
N LEU D 158 -13.20 -7.74 -12.53
CA LEU D 158 -12.16 -7.31 -13.46
C LEU D 158 -11.50 -6.05 -12.94
N VAL D 159 -10.21 -5.87 -13.19
CA VAL D 159 -9.58 -4.57 -12.96
C VAL D 159 -9.11 -4.06 -14.31
N LEU D 160 -9.99 -3.42 -15.04
CA LEU D 160 -9.77 -3.18 -16.46
C LEU D 160 -8.92 -1.94 -16.67
N ALA D 161 -8.10 -1.97 -17.73
CA ALA D 161 -7.22 -0.88 -18.06
C ALA D 161 -7.86 0.00 -19.12
N CYS D 162 -7.76 1.32 -18.95
CA CYS D 162 -8.21 2.26 -19.96
C CYS D 162 -7.28 3.46 -19.97
N PRO D 163 -6.84 3.92 -21.14
CA PRO D 163 -5.97 5.09 -21.20
C PRO D 163 -6.74 6.38 -20.90
N MET D 164 -6.19 7.18 -20.00
CA MET D 164 -6.82 8.42 -19.58
C MET D 164 -6.34 9.56 -20.46
N ASP D 165 -7.26 10.28 -21.07
CA ASP D 165 -6.96 11.46 -21.88
C ASP D 165 -7.29 12.68 -21.03
N LEU D 166 -6.27 13.22 -20.37
CA LEU D 166 -6.43 14.25 -19.35
C LEU D 166 -6.03 15.64 -19.84
N LYS D 167 -6.35 15.97 -21.10
CA LYS D 167 -5.97 17.26 -21.65
C LYS D 167 -6.70 18.41 -20.97
N ASN D 168 -7.93 18.18 -20.52
CA ASN D 168 -8.69 19.15 -19.73
C ASN D 168 -9.28 18.40 -18.53
N PHE D 169 -8.51 18.39 -17.43
CA PHE D 169 -8.69 17.33 -16.42
C PHE D 169 -10.00 17.39 -15.64
N PRO D 170 -10.43 18.51 -15.03
CA PRO D 170 -11.70 18.43 -14.28
C PRO D 170 -12.94 18.45 -15.15
N MET D 171 -12.81 18.71 -16.45
CA MET D 171 -13.96 18.84 -17.34
C MET D 171 -13.90 17.85 -18.49
N ASP D 172 -13.31 16.68 -18.30
CA ASP D 172 -13.16 15.73 -19.38
C ASP D 172 -14.28 14.70 -19.37
N VAL D 173 -14.44 14.03 -20.51
CA VAL D 173 -15.37 12.92 -20.66
C VAL D 173 -14.52 11.71 -21.03
N GLN D 174 -14.23 10.85 -20.05
CA GLN D 174 -13.43 9.67 -20.30
C GLN D 174 -14.27 8.59 -20.98
N THR D 175 -13.60 7.80 -21.81
CA THR D 175 -14.24 6.68 -22.51
C THR D 175 -13.41 5.44 -22.21
N CYS D 176 -13.80 4.69 -21.21
CA CYS D 176 -13.09 3.48 -20.81
C CYS D 176 -13.85 2.26 -21.31
N ILE D 177 -13.12 1.35 -21.96
CA ILE D 177 -13.73 0.27 -22.73
C ILE D 177 -13.46 -1.06 -22.05
N MET D 178 -14.12 -2.10 -22.56
CA MET D 178 -13.81 -3.48 -22.21
C MET D 178 -14.10 -4.34 -23.43
N GLN D 179 -13.13 -5.16 -23.82
CA GLN D 179 -13.21 -5.91 -25.06
C GLN D 179 -13.04 -7.40 -24.79
N LEU D 180 -13.85 -8.20 -25.48
CA LEU D 180 -14.06 -9.62 -25.19
C LEU D 180 -13.58 -10.41 -26.40
N GLU D 181 -12.44 -11.06 -26.28
CA GLU D 181 -11.80 -11.75 -27.40
C GLU D 181 -11.87 -13.25 -27.23
N SER D 182 -11.54 -13.97 -28.29
CA SER D 182 -11.30 -15.40 -28.26
C SER D 182 -9.81 -15.65 -28.39
N PHE D 183 -9.33 -16.69 -27.72
CA PHE D 183 -7.90 -16.94 -27.66
C PHE D 183 -7.44 -18.13 -28.48
N GLY D 184 -8.28 -19.16 -28.61
CA GLY D 184 -7.88 -20.36 -29.30
C GLY D 184 -8.58 -20.61 -30.62
N TYR D 185 -9.81 -20.14 -30.75
CA TYR D 185 -10.60 -20.33 -31.96
C TYR D 185 -10.57 -19.05 -32.79
N THR D 186 -10.34 -19.20 -34.09
CA THR D 186 -10.26 -18.06 -34.99
C THR D 186 -11.66 -17.65 -35.45
N MET D 187 -11.73 -16.77 -36.45
CA MET D 187 -13.01 -16.27 -36.93
C MET D 187 -13.82 -17.33 -37.65
N ASN D 188 -13.15 -18.29 -38.28
CA ASN D 188 -13.86 -19.36 -39.00
C ASN D 188 -14.36 -20.46 -38.07
N ASP D 189 -14.24 -20.31 -36.75
CA ASP D 189 -14.72 -21.30 -35.79
C ASP D 189 -15.60 -20.74 -34.70
N LEU D 190 -15.53 -19.44 -34.39
CA LEU D 190 -16.22 -18.90 -33.23
C LEU D 190 -16.35 -17.39 -33.40
N ILE D 191 -17.58 -16.89 -33.37
CA ILE D 191 -17.89 -15.48 -33.59
C ILE D 191 -18.64 -14.95 -32.38
N PHE D 192 -18.15 -13.85 -31.81
CA PHE D 192 -18.83 -13.16 -30.72
C PHE D 192 -19.73 -12.06 -31.26
N GLU D 193 -20.92 -11.94 -30.67
CA GLU D 193 -21.87 -10.90 -31.01
C GLU D 193 -22.48 -10.35 -29.73
N TRP D 194 -22.97 -9.11 -29.81
CA TRP D 194 -23.87 -8.61 -28.78
C TRP D 194 -25.30 -8.90 -29.19
N ASP D 195 -26.17 -9.10 -28.21
CA ASP D 195 -27.58 -9.29 -28.50
C ASP D 195 -28.29 -7.94 -28.58
N GLU D 196 -29.35 -7.89 -29.38
CA GLU D 196 -30.06 -6.64 -29.65
C GLU D 196 -30.96 -6.20 -28.50
N LYS D 197 -31.17 -7.05 -27.50
CA LYS D 197 -32.11 -6.78 -26.42
C LYS D 197 -31.39 -6.21 -25.18
N GLY D 198 -30.75 -5.06 -25.37
CA GLY D 198 -30.08 -4.40 -24.27
C GLY D 198 -28.83 -5.13 -23.82
N ALA D 199 -27.77 -5.06 -24.63
CA ALA D 199 -26.57 -5.87 -24.43
C ALA D 199 -25.75 -5.46 -23.22
N VAL D 200 -26.00 -4.31 -22.60
CA VAL D 200 -25.34 -3.94 -21.34
C VAL D 200 -26.42 -3.48 -20.38
N GLN D 201 -26.69 -4.26 -19.35
CA GLN D 201 -27.58 -3.85 -18.29
C GLN D 201 -26.78 -3.29 -17.12
N VAL D 202 -27.36 -2.33 -16.43
CA VAL D 202 -26.75 -1.64 -15.29
C VAL D 202 -27.68 -1.84 -14.11
N ALA D 203 -27.08 -1.99 -12.91
CA ALA D 203 -27.85 -2.14 -11.68
C ALA D 203 -28.68 -0.89 -11.38
N ASP D 204 -29.63 -1.05 -10.47
CA ASP D 204 -30.65 -0.02 -10.24
C ASP D 204 -30.06 1.20 -9.55
N GLY D 205 -29.31 1.00 -8.47
CA GLY D 205 -28.77 2.12 -7.73
C GLY D 205 -27.27 2.26 -7.84
N LEU D 206 -26.73 2.02 -9.03
CA LEU D 206 -25.28 2.10 -9.25
C LEU D 206 -24.89 3.57 -9.37
N THR D 207 -24.31 4.11 -8.31
CA THR D 207 -23.78 5.47 -8.31
C THR D 207 -22.27 5.44 -8.18
N LEU D 208 -21.64 6.54 -8.59
CA LEU D 208 -20.20 6.69 -8.54
C LEU D 208 -19.82 7.89 -7.68
N PRO D 209 -18.71 7.83 -6.96
CA PRO D 209 -18.33 8.97 -6.12
C PRO D 209 -17.80 10.16 -6.91
N GLN D 210 -17.06 9.92 -7.99
CA GLN D 210 -16.42 10.99 -8.74
C GLN D 210 -17.01 11.19 -10.13
N PHE D 211 -17.71 10.20 -10.66
CA PHE D 211 -18.14 10.19 -12.05
C PHE D 211 -19.65 9.99 -12.14
N ILE D 212 -20.16 10.06 -13.37
CA ILE D 212 -21.49 9.56 -13.70
C ILE D 212 -21.36 8.72 -14.96
N LEU D 213 -22.18 7.69 -15.05
CA LEU D 213 -22.17 6.76 -16.18
C LEU D 213 -23.31 7.13 -17.11
N LYS D 214 -22.97 7.52 -18.34
CA LYS D 214 -23.98 7.96 -19.29
C LYS D 214 -24.76 6.76 -19.82
N GLU D 215 -25.99 7.03 -20.27
CA GLU D 215 -26.90 5.96 -20.65
C GLU D 215 -26.53 5.34 -21.99
N GLU D 216 -26.08 6.17 -22.94
CA GLU D 216 -25.72 5.65 -24.26
C GLU D 216 -24.37 4.96 -24.20
N LYS D 217 -24.34 3.68 -24.54
CA LYS D 217 -23.13 2.86 -24.49
C LYS D 217 -22.89 2.29 -25.88
N ASP D 218 -21.74 2.62 -26.46
CA ASP D 218 -21.41 2.17 -27.81
C ASP D 218 -21.07 0.68 -27.80
N LEU D 219 -21.46 0.00 -28.89
CA LEU D 219 -21.26 -1.45 -29.02
C LEU D 219 -20.68 -1.69 -30.42
N ARG D 220 -19.36 -1.71 -30.52
CA ARG D 220 -18.71 -1.86 -31.82
C ARG D 220 -17.77 -3.06 -31.81
N TYR D 221 -17.12 -3.29 -32.95
CA TYR D 221 -16.25 -4.43 -33.14
C TYR D 221 -14.79 -4.01 -33.07
N CYS D 222 -13.94 -4.96 -32.66
CA CYS D 222 -12.53 -4.73 -32.40
C CYS D 222 -11.68 -5.88 -32.91
N THR D 223 -12.02 -6.41 -34.09
CA THR D 223 -11.48 -7.68 -34.60
C THR D 223 -9.97 -7.61 -34.79
N LYS D 224 -9.26 -8.51 -34.10
CA LYS D 224 -7.81 -8.47 -34.03
C LYS D 224 -7.19 -9.36 -35.10
N HIS D 225 -6.04 -8.93 -35.61
CA HIS D 225 -5.25 -9.70 -36.56
C HIS D 225 -3.87 -9.93 -36.00
N TYR D 226 -3.46 -11.18 -35.93
CA TYR D 226 -2.12 -11.54 -35.49
C TYR D 226 -1.40 -12.29 -36.61
N ASN D 227 -0.21 -12.78 -36.31
CA ASN D 227 0.47 -13.72 -37.19
C ASN D 227 0.00 -15.15 -36.98
N THR D 228 -0.82 -15.39 -35.96
CA THR D 228 -1.46 -16.68 -35.75
C THR D 228 -2.75 -16.80 -36.54
N GLY D 229 -3.56 -15.75 -36.55
CA GLY D 229 -4.79 -15.74 -37.32
C GLY D 229 -5.56 -14.47 -37.02
N LYS D 230 -6.84 -14.48 -37.36
CA LYS D 230 -7.73 -13.39 -36.99
C LYS D 230 -8.74 -13.91 -35.97
N PHE D 231 -8.94 -13.15 -34.91
CA PHE D 231 -9.72 -13.59 -33.77
C PHE D 231 -10.86 -12.62 -33.53
N THR D 232 -12.00 -13.15 -33.10
CA THR D 232 -13.18 -12.32 -32.91
C THR D 232 -13.03 -11.46 -31.66
N CYS D 233 -13.77 -10.35 -31.65
CA CYS D 233 -13.68 -9.36 -30.58
C CYS D 233 -14.93 -8.50 -30.64
N ILE D 234 -15.52 -8.24 -29.49
CA ILE D 234 -16.60 -7.28 -29.33
C ILE D 234 -16.26 -6.41 -28.13
N GLU D 235 -16.69 -5.16 -28.15
CA GLU D 235 -16.37 -4.27 -27.05
C GLU D 235 -17.48 -3.27 -26.80
N ALA D 236 -17.52 -2.79 -25.56
CA ALA D 236 -18.52 -1.83 -25.10
C ALA D 236 -17.80 -0.61 -24.55
N ARG D 237 -18.14 0.56 -25.07
CA ARG D 237 -17.61 1.81 -24.55
C ARG D 237 -18.47 2.31 -23.41
N PHE D 238 -17.82 2.85 -22.37
CA PHE D 238 -18.51 3.49 -21.26
C PHE D 238 -18.04 4.92 -21.17
N HIS D 239 -18.97 5.87 -21.31
CA HIS D 239 -18.64 7.29 -21.30
C HIS D 239 -18.82 7.82 -19.88
N LEU D 240 -17.71 8.13 -19.23
CA LEU D 240 -17.69 8.63 -17.87
C LEU D 240 -17.52 10.13 -17.87
N GLU D 241 -18.32 10.84 -17.07
CA GLU D 241 -18.28 12.28 -16.97
C GLU D 241 -18.06 12.67 -15.52
N ARG D 242 -17.10 13.56 -15.28
CA ARG D 242 -16.71 13.87 -13.92
C ARG D 242 -17.72 14.74 -13.20
N GLN D 243 -17.78 14.57 -11.89
CA GLN D 243 -18.47 15.51 -11.00
C GLN D 243 -17.51 16.65 -10.71
N MET D 244 -17.81 17.83 -11.23
CA MET D 244 -16.93 18.99 -11.08
C MET D 244 -17.02 19.61 -9.70
N GLY D 245 -18.05 19.26 -8.92
CA GLY D 245 -18.32 19.90 -7.65
C GLY D 245 -17.27 19.68 -6.58
N TYR D 246 -16.46 18.63 -6.71
CA TYR D 246 -15.37 18.44 -5.75
C TYR D 246 -14.23 19.43 -6.00
N TYR D 247 -13.87 19.63 -7.25
CA TYR D 247 -12.73 20.48 -7.57
C TYR D 247 -13.03 21.96 -7.39
N LEU D 248 -14.32 22.34 -7.33
CA LEU D 248 -14.67 23.70 -6.97
C LEU D 248 -14.52 23.95 -5.47
N ILE D 249 -14.43 22.89 -4.68
CA ILE D 249 -14.30 23.05 -3.23
C ILE D 249 -12.83 23.06 -2.80
N GLN D 250 -11.98 22.25 -3.44
CA GLN D 250 -10.58 22.17 -3.04
C GLN D 250 -9.64 22.96 -3.93
N MET D 251 -9.82 22.92 -5.25
CA MET D 251 -8.84 23.53 -6.15
C MET D 251 -9.18 24.96 -6.55
N TYR D 252 -10.38 25.19 -7.08
CA TYR D 252 -10.66 26.46 -7.75
C TYR D 252 -10.87 27.61 -6.76
N ILE D 253 -11.78 27.45 -5.81
CA ILE D 253 -12.10 28.52 -4.85
C ILE D 253 -10.97 28.78 -3.85
N PRO D 254 -10.29 27.79 -3.24
CA PRO D 254 -9.13 28.15 -2.40
C PRO D 254 -7.91 28.66 -3.17
N SER D 255 -7.90 28.60 -4.50
CA SER D 255 -6.94 29.35 -5.29
C SER D 255 -7.50 30.69 -5.75
N LEU D 256 -8.79 30.94 -5.51
CA LEU D 256 -9.37 32.23 -5.78
C LEU D 256 -9.36 33.15 -4.56
N LEU D 257 -9.25 32.58 -3.35
CA LEU D 257 -9.09 33.40 -2.15
C LEU D 257 -7.71 34.03 -2.09
N ILE D 258 -6.67 33.28 -2.49
CA ILE D 258 -5.31 33.78 -2.41
C ILE D 258 -5.05 34.89 -3.44
N VAL D 259 -5.80 34.90 -4.54
CA VAL D 259 -5.77 36.03 -5.46
C VAL D 259 -6.35 37.29 -4.79
N ILE D 260 -7.33 37.12 -3.89
CA ILE D 260 -7.87 38.25 -3.17
C ILE D 260 -6.88 38.73 -2.09
N LEU D 261 -6.09 37.81 -1.52
CA LEU D 261 -5.02 38.23 -0.61
C LEU D 261 -3.95 39.04 -1.32
N SER D 262 -3.71 38.77 -2.61
CA SER D 262 -2.78 39.59 -3.38
C SER D 262 -3.36 40.95 -3.71
N TRP D 263 -4.67 41.14 -3.55
CA TRP D 263 -5.30 42.44 -3.75
C TRP D 263 -5.48 43.20 -2.45
N VAL D 264 -5.19 42.57 -1.30
CA VAL D 264 -5.17 43.29 -0.03
C VAL D 264 -3.97 44.24 0.02
N SER D 265 -2.86 43.85 -0.62
CA SER D 265 -1.63 44.63 -0.59
C SER D 265 -1.70 45.92 -1.40
N PHE D 266 -2.79 46.18 -2.11
CA PHE D 266 -2.93 47.38 -2.92
C PHE D 266 -3.59 48.53 -2.17
N TRP D 267 -3.94 48.32 -0.90
CA TRP D 267 -4.72 49.30 -0.15
C TRP D 267 -3.97 49.95 1.01
N ILE D 268 -2.97 49.29 1.57
CA ILE D 268 -2.36 49.75 2.82
C ILE D 268 -1.22 50.73 2.52
N ASN D 269 -1.40 51.98 2.97
CA ASN D 269 -0.42 53.06 3.11
C ASN D 269 0.04 53.68 1.80
N MET D 270 -0.31 53.06 0.67
CA MET D 270 -0.26 53.61 -0.69
C MET D 270 1.12 53.97 -1.25
N ASP D 271 2.16 53.99 -0.42
CA ASP D 271 3.48 54.42 -0.88
C ASP D 271 4.56 53.40 -0.61
N ALA D 272 4.69 52.93 0.63
CA ALA D 272 5.80 52.08 1.05
C ALA D 272 5.50 51.43 2.39
N ALA D 273 5.67 50.12 2.48
CA ALA D 273 5.49 49.38 3.73
C ALA D 273 6.26 48.07 3.62
N PRO D 274 6.82 47.58 4.73
CA PRO D 274 7.43 46.23 4.70
C PRO D 274 6.40 45.11 4.59
N ALA D 275 5.14 45.37 4.94
CA ALA D 275 4.11 44.34 4.88
C ALA D 275 3.66 44.02 3.45
N ARG D 276 3.78 44.98 2.53
CA ARG D 276 3.36 44.74 1.15
C ARG D 276 4.32 43.84 0.39
N VAL D 277 5.59 43.78 0.80
CA VAL D 277 6.45 42.68 0.35
C VAL D 277 6.07 41.40 1.08
N GLY D 278 5.90 41.48 2.40
CA GLY D 278 5.66 40.29 3.21
C GLY D 278 4.32 39.62 2.94
N LEU D 279 3.33 40.38 2.48
CA LEU D 279 2.10 39.75 2.00
C LEU D 279 2.31 39.12 0.63
N GLY D 280 3.11 39.77 -0.22
CA GLY D 280 3.52 39.13 -1.46
C GLY D 280 4.56 38.06 -1.29
N ILE D 281 5.24 38.02 -0.14
CA ILE D 281 6.11 36.90 0.20
C ILE D 281 5.28 35.65 0.47
N THR D 282 4.20 35.79 1.24
CA THR D 282 3.53 34.62 1.79
C THR D 282 2.57 33.99 0.77
N THR D 283 1.89 34.80 -0.03
CA THR D 283 0.95 34.28 -1.01
C THR D 283 1.62 33.53 -2.16
N VAL D 284 2.94 33.64 -2.31
CA VAL D 284 3.66 32.78 -3.25
C VAL D 284 3.94 31.41 -2.62
N LEU D 285 4.14 31.35 -1.30
CA LEU D 285 4.35 30.08 -0.60
C LEU D 285 3.15 29.15 -0.73
N THR D 286 1.94 29.71 -0.68
CA THR D 286 0.75 28.90 -0.85
C THR D 286 0.60 28.44 -2.30
N MET D 287 0.68 29.38 -3.24
CA MET D 287 0.45 29.08 -4.66
C MET D 287 1.55 28.25 -5.29
N THR D 288 2.68 28.08 -4.63
CA THR D 288 3.66 27.09 -5.06
C THR D 288 3.35 25.72 -4.46
N THR D 289 2.94 25.70 -3.20
CA THR D 289 2.59 24.43 -2.55
C THR D 289 1.28 23.89 -3.07
N GLN D 290 0.27 24.76 -3.26
CA GLN D 290 -1.03 24.31 -3.73
C GLN D 290 -0.98 23.89 -5.20
N SER D 291 -0.06 24.46 -5.98
CA SER D 291 0.14 23.99 -7.35
C SER D 291 0.78 22.60 -7.37
N SER D 292 1.71 22.36 -6.46
CA SER D 292 2.24 21.01 -6.31
C SER D 292 1.23 20.08 -5.63
N GLY D 293 0.39 20.64 -4.76
CA GLY D 293 -0.64 19.85 -4.10
C GLY D 293 -1.81 19.50 -5.00
N SER D 294 -1.98 20.23 -6.10
CA SER D 294 -3.06 19.94 -7.04
C SER D 294 -2.76 18.74 -7.93
N ARG D 295 -1.51 18.28 -7.96
CA ARG D 295 -1.10 17.14 -8.77
C ARG D 295 -0.51 16.04 -7.89
N ALA D 296 -1.15 15.78 -6.75
CA ALA D 296 -0.67 14.80 -5.79
C ALA D 296 -1.15 13.39 -6.09
N SER D 297 -2.27 13.24 -6.80
CA SER D 297 -2.84 11.94 -7.13
C SER D 297 -3.08 11.83 -8.62
N LEU D 298 -2.09 12.20 -9.41
CA LEU D 298 -2.21 12.26 -10.86
C LEU D 298 -1.05 11.55 -11.52
N PRO D 299 -1.27 10.98 -12.71
CA PRO D 299 -0.14 10.41 -13.47
C PRO D 299 0.76 11.53 -14.00
N LYS D 300 1.95 11.13 -14.42
CA LYS D 300 2.97 12.08 -14.84
C LYS D 300 2.93 12.24 -16.35
N VAL D 301 1.84 12.85 -16.82
CA VAL D 301 1.64 13.09 -18.24
C VAL D 301 2.53 14.25 -18.70
N SER D 302 2.90 14.21 -19.98
CA SER D 302 3.83 15.21 -20.50
C SER D 302 3.13 16.52 -20.83
N TYR D 303 1.91 16.44 -21.33
CA TYR D 303 1.17 17.62 -21.77
C TYR D 303 0.67 18.43 -20.58
N VAL D 304 0.14 19.61 -20.89
CA VAL D 304 -0.43 20.53 -19.90
C VAL D 304 -1.94 20.30 -19.84
N LYS D 305 -2.50 20.40 -18.64
CA LYS D 305 -3.91 20.11 -18.41
C LYS D 305 -4.63 21.37 -17.90
N ALA D 306 -5.93 21.21 -17.63
CA ALA D 306 -6.77 22.34 -17.28
C ALA D 306 -6.46 22.88 -15.89
N ILE D 307 -6.09 22.01 -14.96
CA ILE D 307 -5.79 22.47 -13.60
C ILE D 307 -4.41 23.10 -13.53
N ASP D 308 -3.56 22.90 -14.55
CA ASP D 308 -2.26 23.57 -14.58
C ASP D 308 -2.40 25.02 -14.98
N ILE D 309 -3.12 25.31 -16.07
CA ILE D 309 -3.23 26.69 -16.54
C ILE D 309 -4.26 27.50 -15.78
N TRP D 310 -4.87 26.94 -14.74
CA TRP D 310 -5.55 27.75 -13.74
C TRP D 310 -4.64 28.04 -12.56
N MET D 311 -3.84 27.06 -12.14
CA MET D 311 -2.89 27.28 -11.06
C MET D 311 -1.64 28.01 -11.51
N ALA D 312 -1.41 28.17 -12.81
CA ALA D 312 -0.30 28.96 -13.30
C ALA D 312 -0.67 30.40 -13.55
N VAL D 313 -1.85 30.67 -14.10
CA VAL D 313 -2.28 32.05 -14.30
C VAL D 313 -2.60 32.71 -12.97
N CYS D 314 -3.20 31.99 -12.02
CA CYS D 314 -3.37 32.50 -10.68
C CYS D 314 -2.06 32.56 -9.90
N LEU D 315 -1.00 31.92 -10.39
CA LEU D 315 0.32 32.12 -9.81
C LEU D 315 0.92 33.44 -10.30
N LEU D 316 0.61 33.83 -11.54
CA LEU D 316 1.09 35.11 -12.06
C LEU D 316 0.44 36.29 -11.35
N PHE D 317 -0.87 36.21 -11.08
CA PHE D 317 -1.57 37.34 -10.47
C PHE D 317 -1.17 37.50 -9.01
N VAL D 318 -0.64 36.45 -8.40
CA VAL D 318 0.03 36.58 -7.11
C VAL D 318 1.43 37.17 -7.31
N PHE D 319 2.15 36.68 -8.32
CA PHE D 319 3.52 37.12 -8.56
C PHE D 319 3.58 38.52 -9.15
N SER D 320 2.54 38.95 -9.88
CA SER D 320 2.54 40.30 -10.42
C SER D 320 2.17 41.32 -9.36
N ALA D 321 1.50 40.88 -8.28
CA ALA D 321 1.16 41.78 -7.20
C ALA D 321 2.40 42.16 -6.40
N LEU D 322 3.32 41.21 -6.21
CA LEU D 322 4.60 41.52 -5.60
C LEU D 322 5.49 42.29 -6.56
N LEU D 323 5.35 42.02 -7.86
CA LEU D 323 6.16 42.72 -8.86
C LEU D 323 5.67 44.15 -9.06
N GLU D 324 4.39 44.40 -8.78
CA GLU D 324 3.85 45.75 -8.90
C GLU D 324 4.34 46.65 -7.77
N TYR D 325 4.38 46.11 -6.55
CA TYR D 325 4.86 46.90 -5.41
C TYR D 325 6.36 47.13 -5.50
N ALA D 326 7.09 46.19 -6.10
CA ALA D 326 8.51 46.40 -6.36
C ALA D 326 8.71 47.49 -7.39
N ALA D 327 7.75 47.66 -8.30
CA ALA D 327 7.82 48.75 -9.27
C ALA D 327 7.46 50.08 -8.62
N VAL D 328 6.67 50.05 -7.56
CA VAL D 328 6.31 51.28 -6.85
C VAL D 328 7.47 51.77 -6.01
N ASN D 329 8.09 50.86 -5.24
CA ASN D 329 9.14 51.25 -4.31
C ASN D 329 10.43 51.63 -5.05
N PHE D 330 10.62 51.09 -6.26
CA PHE D 330 11.77 51.48 -7.07
C PHE D 330 11.60 52.88 -7.64
N ILE D 331 10.35 53.31 -7.82
CA ILE D 331 10.09 54.65 -8.35
C ILE D 331 9.91 55.65 -7.21
N ALA D 332 9.37 55.19 -6.08
CA ALA D 332 9.18 56.09 -4.93
C ALA D 332 10.51 56.40 -4.25
N ARG D 333 11.44 55.44 -4.22
CA ARG D 333 12.78 55.67 -3.66
C ARG D 333 13.77 55.98 -4.78
N GLN D 334 13.50 57.06 -5.51
CA GLN D 334 14.34 57.48 -6.62
C GLN D 334 15.01 58.83 -6.40
N HIS D 335 14.30 59.76 -5.74
CA HIS D 335 14.77 61.11 -5.42
C HIS D 335 15.24 61.91 -6.64
N VAL D 396 11.80 67.12 -6.29
CA VAL D 396 12.36 68.41 -6.69
C VAL D 396 11.70 69.54 -5.91
N GLU D 397 11.86 70.76 -6.40
CA GLU D 397 11.29 71.93 -5.73
C GLU D 397 9.77 71.95 -5.88
N GLU D 398 9.27 71.64 -7.07
CA GLU D 398 7.84 71.51 -7.32
C GLU D 398 7.42 70.09 -7.64
N MET D 399 8.29 69.32 -8.28
CA MET D 399 7.95 67.98 -8.77
C MET D 399 7.84 66.93 -7.68
N ARG D 400 8.18 67.27 -6.42
CA ARG D 400 8.13 66.27 -5.36
C ARG D 400 6.70 65.87 -4.98
N LYS D 401 5.72 66.72 -5.25
CA LYS D 401 4.33 66.30 -5.10
C LYS D 401 3.87 65.46 -6.27
N LEU D 402 4.40 65.73 -7.47
CA LEU D 402 4.17 64.86 -8.61
C LEU D 402 4.99 63.59 -8.51
N PHE D 403 6.06 63.59 -7.70
CA PHE D 403 6.90 62.42 -7.52
C PHE D 403 6.20 61.34 -6.69
N ILE D 404 5.23 61.75 -5.87
CA ILE D 404 4.36 60.78 -5.21
C ILE D 404 3.21 60.41 -6.15
N SER D 405 2.80 61.32 -7.02
CA SER D 405 1.77 61.01 -8.01
C SER D 405 2.26 60.06 -9.09
N ARG D 406 3.58 59.88 -9.23
CA ARG D 406 4.08 58.82 -10.08
C ARG D 406 4.01 57.46 -9.38
N ALA D 407 3.87 57.48 -8.05
CA ALA D 407 3.71 56.25 -7.28
C ALA D 407 2.29 56.03 -6.80
N LYS D 408 1.40 57.02 -6.98
CA LYS D 408 0.00 56.87 -6.61
C LYS D 408 -0.87 56.51 -7.81
N ARG D 409 -0.54 57.01 -9.00
CA ARG D 409 -1.29 56.66 -10.20
C ARG D 409 -1.09 55.19 -10.58
N ILE D 410 0.09 54.64 -10.28
CA ILE D 410 0.32 53.21 -10.49
C ILE D 410 -0.53 52.39 -9.52
N ASP D 411 -0.67 52.88 -8.28
CA ASP D 411 -1.43 52.15 -7.27
C ASP D 411 -2.94 52.25 -7.45
N THR D 412 -3.43 53.16 -8.30
CA THR D 412 -4.86 53.21 -8.58
C THR D 412 -5.23 52.62 -9.93
N VAL D 413 -4.26 52.32 -10.78
CA VAL D 413 -4.51 51.50 -11.95
C VAL D 413 -4.43 50.01 -11.60
N SER D 414 -3.42 49.63 -10.80
CA SER D 414 -3.27 48.25 -10.37
C SER D 414 -4.36 47.83 -9.38
N ARG D 415 -5.08 48.78 -8.78
CA ARG D 415 -6.20 48.44 -7.92
C ARG D 415 -7.48 48.18 -8.73
N VAL D 416 -7.53 48.64 -9.98
CA VAL D 416 -8.72 48.53 -10.80
C VAL D 416 -8.52 47.60 -11.99
N ALA D 417 -7.35 47.65 -12.64
CA ALA D 417 -7.13 46.86 -13.85
C ALA D 417 -6.91 45.39 -13.56
N PHE D 418 -6.38 45.03 -12.39
CA PHE D 418 -6.23 43.61 -12.07
C PHE D 418 -7.54 42.89 -11.80
N PRO D 419 -8.62 43.53 -11.24
CA PRO D 419 -9.95 42.90 -11.34
C PRO D 419 -10.60 43.00 -12.72
N LEU D 420 -9.90 43.55 -13.71
CA LEU D 420 -10.37 43.47 -15.09
C LEU D 420 -9.63 42.40 -15.89
N VAL D 421 -8.35 42.17 -15.59
CA VAL D 421 -7.59 41.14 -16.29
C VAL D 421 -7.95 39.76 -15.72
N PHE D 422 -8.17 39.67 -14.40
CA PHE D 422 -8.62 38.42 -13.81
C PHE D 422 -10.04 38.09 -14.23
N LEU D 423 -10.88 39.09 -14.43
CA LEU D 423 -12.26 38.83 -14.83
C LEU D 423 -12.38 38.50 -16.31
N ILE D 424 -11.44 38.96 -17.15
CA ILE D 424 -11.48 38.60 -18.56
C ILE D 424 -10.83 37.25 -18.81
N PHE D 425 -9.93 36.80 -17.92
CA PHE D 425 -9.43 35.43 -18.01
C PHE D 425 -10.47 34.44 -17.52
N ASN D 426 -11.22 34.81 -16.48
CA ASN D 426 -12.21 33.91 -15.88
C ASN D 426 -13.36 33.65 -16.84
N ILE D 427 -13.67 34.62 -17.71
CA ILE D 427 -14.65 34.40 -18.76
C ILE D 427 -14.04 33.56 -19.89
N PHE D 428 -12.78 33.82 -20.23
CA PHE D 428 -12.11 33.10 -21.30
C PHE D 428 -11.79 31.66 -20.93
N TYR D 429 -11.69 31.36 -19.63
CA TYR D 429 -11.33 30.02 -19.20
C TYR D 429 -12.51 29.06 -19.29
N TRP D 430 -13.64 29.43 -18.68
CA TRP D 430 -14.75 28.49 -18.56
C TRP D 430 -15.54 28.34 -19.86
N ILE D 431 -15.52 29.33 -20.74
CA ILE D 431 -16.17 29.15 -22.04
C ILE D 431 -15.37 28.18 -22.91
N THR D 432 -14.03 28.22 -22.78
CA THR D 432 -13.17 27.31 -23.54
C THR D 432 -13.38 25.85 -23.13
N TYR D 433 -13.68 25.61 -21.86
CA TYR D 433 -13.82 24.26 -21.35
C TYR D 433 -15.27 23.83 -21.12
N LYS D 434 -16.24 24.68 -21.42
CA LYS D 434 -17.63 24.24 -21.54
C LYS D 434 -18.05 24.01 -22.98
N ILE D 435 -17.27 24.52 -23.94
CA ILE D 435 -17.54 24.26 -25.35
C ILE D 435 -16.92 22.95 -25.79
N ILE D 436 -16.12 22.31 -24.93
CA ILE D 436 -15.40 21.03 -25.08
C ILE D 436 -14.69 20.88 -26.43
N PRO E 31 10.93 -59.06 9.08
CA PRO E 31 11.34 -57.87 9.83
C PRO E 31 10.32 -56.73 9.73
N MET E 32 9.16 -57.02 9.12
CA MET E 32 8.06 -56.09 8.88
C MET E 32 8.54 -54.83 8.16
N PRO E 33 8.76 -54.89 6.84
CA PRO E 33 9.23 -53.71 6.09
C PRO E 33 8.28 -52.55 6.19
N PRO E 34 8.79 -51.32 6.30
CA PRO E 34 7.95 -50.18 6.69
C PRO E 34 7.00 -49.68 5.61
N SER E 35 7.13 -50.15 4.37
CA SER E 35 6.17 -49.75 3.34
C SER E 35 4.82 -50.42 3.55
N GLU E 36 4.82 -51.62 4.14
CA GLU E 36 3.60 -52.37 4.40
C GLU E 36 2.93 -51.93 5.70
N PHE E 37 3.72 -51.57 6.71
CA PHE E 37 3.18 -51.23 8.02
C PHE E 37 2.40 -49.91 8.01
N LEU E 38 2.72 -49.03 7.06
CA LEU E 38 1.97 -47.80 6.93
C LEU E 38 0.55 -48.05 6.43
N ASP E 39 0.40 -48.89 5.40
CA ASP E 39 -0.90 -49.19 4.85
C ASP E 39 -1.68 -50.20 5.68
N LYS E 40 -1.00 -50.94 6.56
CA LYS E 40 -1.68 -51.95 7.36
C LYS E 40 -2.51 -51.32 8.47
N LEU E 41 -2.05 -50.21 9.03
CA LEU E 41 -2.70 -49.59 10.18
C LEU E 41 -3.53 -48.37 9.81
N MET E 42 -3.37 -47.85 8.60
CA MET E 42 -4.10 -46.67 8.14
C MET E 42 -5.14 -46.96 7.08
N GLY E 43 -4.95 -48.00 6.27
CA GLY E 43 -5.73 -48.22 5.07
C GLY E 43 -7.12 -48.77 5.29
N LYS E 44 -7.61 -49.52 4.29
CA LYS E 44 -8.97 -50.05 4.33
C LYS E 44 -9.12 -51.14 5.39
N VAL E 45 -8.04 -51.86 5.68
CA VAL E 45 -8.09 -52.87 6.73
C VAL E 45 -8.05 -52.20 8.09
N SER E 46 -8.37 -52.99 9.12
CA SER E 46 -8.45 -52.64 10.55
C SER E 46 -9.54 -51.62 10.87
N GLY E 47 -10.37 -51.24 9.91
CA GLY E 47 -11.53 -50.40 10.17
C GLY E 47 -11.24 -48.99 10.57
N TYR E 48 -10.09 -48.43 10.22
CA TYR E 48 -9.76 -47.07 10.60
C TYR E 48 -10.43 -46.09 9.63
N ASP E 49 -11.34 -45.29 10.15
CA ASP E 49 -12.03 -44.28 9.36
C ASP E 49 -11.62 -42.91 9.88
N ALA E 50 -11.08 -42.08 8.99
CA ALA E 50 -10.56 -40.77 9.38
C ALA E 50 -11.64 -39.72 9.60
N ARG E 51 -12.90 -40.06 9.39
CA ARG E 51 -14.00 -39.14 9.62
C ARG E 51 -14.62 -39.30 11.01
N ILE E 52 -14.11 -40.23 11.80
CA ILE E 52 -14.69 -40.57 13.10
C ILE E 52 -13.64 -40.29 14.17
N ARG E 53 -14.03 -39.54 15.20
CA ARG E 53 -13.10 -39.18 16.26
C ARG E 53 -12.77 -40.40 17.13
N PRO E 54 -11.65 -40.38 17.84
CA PRO E 54 -11.37 -41.44 18.81
C PRO E 54 -12.37 -41.43 19.95
N ASN E 55 -12.60 -42.62 20.51
CA ASN E 55 -13.56 -42.88 21.58
C ASN E 55 -14.96 -42.37 21.19
N PHE E 56 -15.48 -42.96 20.11
CA PHE E 56 -16.75 -42.53 19.56
C PHE E 56 -17.90 -42.98 20.47
N LYS E 57 -18.78 -42.04 20.80
CA LYS E 57 -19.83 -42.20 21.80
C LYS E 57 -19.26 -42.68 23.14
N GLY E 58 -18.26 -41.95 23.61
CA GLY E 58 -17.66 -42.20 24.89
C GLY E 58 -17.22 -40.90 25.54
N PRO E 59 -16.08 -40.92 26.23
CA PRO E 59 -15.55 -39.68 26.77
C PRO E 59 -14.99 -38.81 25.67
N PRO E 60 -14.94 -37.49 25.87
CA PRO E 60 -14.44 -36.60 24.81
C PRO E 60 -12.94 -36.71 24.62
N VAL E 61 -12.48 -36.27 23.45
CA VAL E 61 -11.07 -36.32 23.10
C VAL E 61 -10.35 -35.16 23.79
N ASN E 62 -9.33 -35.48 24.59
CA ASN E 62 -8.58 -34.48 25.34
C ASN E 62 -7.34 -34.11 24.54
N VAL E 63 -7.40 -32.98 23.86
CA VAL E 63 -6.30 -32.48 23.03
C VAL E 63 -5.55 -31.43 23.84
N THR E 64 -4.29 -31.71 24.14
CA THR E 64 -3.45 -30.75 24.84
C THR E 64 -2.51 -30.05 23.86
N CYS E 65 -2.30 -28.76 24.07
CA CYS E 65 -1.64 -27.90 23.09
C CYS E 65 -0.56 -27.06 23.74
N ASN E 66 0.47 -26.76 22.95
CA ASN E 66 1.48 -25.75 23.30
C ASN E 66 2.04 -25.17 22.02
N ILE E 67 2.46 -23.90 22.08
CA ILE E 67 2.92 -23.18 20.91
C ILE E 67 4.36 -22.74 21.10
N PHE E 68 5.08 -22.60 19.99
CA PHE E 68 6.43 -22.04 19.95
C PHE E 68 6.38 -20.83 19.04
N ILE E 69 6.82 -19.69 19.53
CA ILE E 69 6.75 -18.44 18.77
C ILE E 69 8.09 -18.20 18.09
N ASN E 70 8.14 -18.38 16.77
CA ASN E 70 9.34 -18.04 16.02
C ASN E 70 9.47 -16.54 15.88
N SER E 71 8.50 -15.91 15.23
CA SER E 71 8.52 -14.48 14.96
C SER E 71 7.32 -13.81 15.63
N PHE E 72 7.53 -12.57 16.04
CA PHE E 72 6.47 -11.77 16.64
C PHE E 72 6.66 -10.34 16.17
N GLY E 73 5.57 -9.63 16.00
CA GLY E 73 5.70 -8.22 15.69
C GLY E 73 4.95 -7.73 14.46
N SER E 74 5.49 -6.67 13.85
CA SER E 74 4.77 -5.79 12.92
C SER E 74 3.42 -5.40 13.49
N ILE E 75 3.45 -4.92 14.74
CA ILE E 75 2.24 -4.63 15.50
C ILE E 75 1.71 -3.29 15.02
N ALA E 76 0.75 -3.33 14.10
CA ALA E 76 0.15 -2.12 13.58
C ALA E 76 -0.93 -1.62 14.52
N GLU E 77 -1.21 -0.32 14.43
CA GLU E 77 -2.21 0.31 15.27
C GLU E 77 -3.33 0.97 14.49
N THR E 78 -3.10 1.34 13.23
CA THR E 78 -4.20 1.77 12.37
C THR E 78 -5.14 0.60 12.09
N THR E 79 -4.58 -0.59 11.91
CA THR E 79 -5.36 -1.79 11.69
C THR E 79 -5.69 -2.51 13.00
N MET E 80 -4.93 -2.23 14.06
CA MET E 80 -5.02 -2.89 15.37
C MET E 80 -4.88 -4.41 15.25
N ASP E 81 -3.71 -4.82 14.76
CA ASP E 81 -3.41 -6.23 14.60
C ASP E 81 -1.92 -6.46 14.82
N TYR E 82 -1.54 -7.73 14.82
CA TYR E 82 -0.13 -8.10 14.96
C TYR E 82 0.08 -9.43 14.27
N ARG E 83 1.27 -9.60 13.70
CA ARG E 83 1.63 -10.82 12.98
C ARG E 83 2.50 -11.70 13.86
N VAL E 84 2.11 -12.97 13.96
CA VAL E 84 2.87 -13.95 14.73
C VAL E 84 3.14 -15.13 13.81
N ASN E 85 4.16 -15.92 14.14
CA ASN E 85 4.56 -17.08 13.34
C ASN E 85 4.83 -18.21 14.32
N ILE E 86 3.89 -19.15 14.42
CA ILE E 86 3.88 -20.11 15.52
C ILE E 86 4.16 -21.52 15.02
N PHE E 87 4.58 -22.36 15.96
CA PHE E 87 4.60 -23.82 15.81
C PHE E 87 3.49 -24.38 16.69
N LEU E 88 2.39 -24.79 16.09
CA LEU E 88 1.24 -25.27 16.83
C LEU E 88 1.36 -26.78 17.02
N ARG E 89 1.61 -27.21 18.26
CA ARG E 89 1.75 -28.63 18.58
C ARG E 89 0.46 -29.10 19.25
N GLN E 90 -0.06 -30.24 18.79
CA GLN E 90 -1.28 -30.81 19.33
C GLN E 90 -1.01 -32.25 19.71
N GLN E 91 -1.43 -32.64 20.91
CA GLN E 91 -1.27 -34.02 21.38
C GLN E 91 -2.62 -34.55 21.85
N TRP E 92 -3.06 -35.64 21.20
CA TRP E 92 -4.27 -36.34 21.63
C TRP E 92 -3.96 -37.84 21.63
N ASN E 93 -4.95 -38.63 22.04
CA ASN E 93 -4.80 -40.07 22.11
C ASN E 93 -5.77 -40.71 21.13
N ASP E 94 -5.26 -41.56 20.27
CA ASP E 94 -6.07 -42.30 19.29
C ASP E 94 -5.79 -43.78 19.50
N PRO E 95 -6.73 -44.51 20.14
CA PRO E 95 -6.47 -45.92 20.45
C PRO E 95 -6.47 -46.83 19.23
N ARG E 96 -6.98 -46.38 18.09
CA ARG E 96 -6.95 -47.18 16.88
C ARG E 96 -5.57 -47.15 16.21
N LEU E 97 -4.71 -46.22 16.60
CA LEU E 97 -3.37 -46.11 16.06
C LEU E 97 -2.33 -46.79 16.95
N ALA E 98 -2.77 -47.53 17.97
CA ALA E 98 -1.86 -48.14 18.93
C ALA E 98 -1.36 -49.46 18.37
N TYR E 99 -0.10 -49.48 17.94
CA TYR E 99 0.54 -50.67 17.41
C TYR E 99 1.20 -51.46 18.53
N SER E 100 1.55 -52.71 18.22
CA SER E 100 2.21 -53.57 19.20
C SER E 100 3.39 -54.36 18.65
N GLU E 101 3.48 -54.60 17.34
CA GLU E 101 4.52 -55.46 16.80
C GLU E 101 5.79 -54.71 16.41
N TYR E 102 5.70 -53.42 16.12
CA TYR E 102 6.88 -52.64 15.78
C TYR E 102 7.71 -52.39 17.04
N PRO E 103 9.04 -52.51 16.95
CA PRO E 103 9.85 -52.49 18.18
C PRO E 103 10.07 -51.12 18.81
N ASP E 104 10.19 -50.07 18.02
CA ASP E 104 10.58 -48.78 18.55
C ASP E 104 9.38 -48.00 19.07
N ASP E 105 9.68 -46.89 19.76
CA ASP E 105 8.69 -46.15 20.53
C ASP E 105 8.00 -45.04 19.76
N SER E 106 8.52 -44.64 18.59
CA SER E 106 7.93 -43.55 17.84
C SER E 106 8.16 -43.76 16.35
N LEU E 107 7.27 -43.18 15.55
CA LEU E 107 7.34 -43.24 14.09
C LEU E 107 7.17 -41.83 13.55
N ASP E 108 8.28 -41.14 13.30
CA ASP E 108 8.21 -39.88 12.57
C ASP E 108 7.86 -40.16 11.10
N LEU E 109 6.72 -39.65 10.66
CA LEU E 109 6.13 -40.06 9.40
C LEU E 109 6.18 -38.95 8.35
N ASP E 110 5.86 -39.34 7.12
CA ASP E 110 5.73 -38.38 6.03
C ASP E 110 4.43 -37.61 6.21
N PRO E 111 4.43 -36.28 6.05
CA PRO E 111 3.17 -35.53 6.12
C PRO E 111 2.19 -35.74 4.98
N SER E 112 2.46 -36.65 4.05
CA SER E 112 1.42 -37.12 3.13
C SER E 112 0.45 -38.07 3.81
N MET E 113 0.80 -38.60 4.98
CA MET E 113 -0.08 -39.46 5.75
C MET E 113 -1.19 -38.68 6.44
N LEU E 114 -1.00 -37.37 6.64
CA LEU E 114 -1.90 -36.54 7.43
C LEU E 114 -3.27 -36.32 6.80
N ASP E 115 -3.46 -36.70 5.53
CA ASP E 115 -4.78 -36.68 4.94
C ASP E 115 -5.58 -37.95 5.22
N SER E 116 -5.04 -38.84 6.05
CA SER E 116 -5.66 -40.14 6.29
C SER E 116 -5.92 -40.45 7.76
N ILE E 117 -5.55 -39.56 8.68
CA ILE E 117 -5.82 -39.76 10.10
C ILE E 117 -6.83 -38.72 10.56
N TRP E 118 -7.33 -38.89 11.78
CA TRP E 118 -8.20 -37.89 12.38
C TRP E 118 -7.37 -36.73 12.92
N LYS E 119 -7.82 -35.52 12.65
CA LYS E 119 -7.18 -34.33 13.20
C LYS E 119 -8.22 -33.43 13.84
N PRO E 120 -7.89 -32.78 14.95
CA PRO E 120 -8.81 -31.83 15.57
C PRO E 120 -8.99 -30.60 14.70
N ASP E 121 -10.21 -30.08 14.68
CA ASP E 121 -10.55 -28.91 13.86
C ASP E 121 -10.37 -27.61 14.65
N LEU E 122 -9.13 -27.40 15.08
CA LEU E 122 -8.78 -26.18 15.78
C LEU E 122 -8.74 -25.00 14.82
N PHE E 123 -9.21 -23.85 15.31
CA PHE E 123 -9.07 -22.62 14.57
C PHE E 123 -8.88 -21.49 15.56
N PHE E 124 -8.61 -20.31 15.04
CA PHE E 124 -8.38 -19.12 15.85
C PHE E 124 -9.57 -18.18 15.66
N ALA E 125 -10.12 -17.69 16.77
CA ALA E 125 -11.32 -16.86 16.71
C ALA E 125 -11.05 -15.46 16.19
N ASN E 126 -9.79 -15.07 16.04
CA ASN E 126 -9.37 -13.76 15.56
C ASN E 126 -8.28 -13.90 14.51
N GLU E 127 -8.55 -14.72 13.49
CA GLU E 127 -7.55 -15.02 12.45
C GLU E 127 -7.19 -13.78 11.63
N LYS E 128 -8.21 -13.09 11.08
CA LYS E 128 -8.07 -11.98 10.12
C LYS E 128 -7.14 -12.38 8.97
N GLY E 129 -7.39 -13.56 8.42
CA GLY E 129 -6.52 -14.11 7.40
C GLY E 129 -5.30 -14.79 7.97
N ALA E 130 -5.03 -16.00 7.49
CA ALA E 130 -3.87 -16.78 7.94
C ALA E 130 -3.58 -17.83 6.88
N ASN E 131 -2.35 -18.32 6.88
CA ASN E 131 -1.92 -19.26 5.87
C ASN E 131 -0.95 -20.29 6.45
N PHE E 132 -0.77 -21.38 5.71
CA PHE E 132 0.25 -22.36 6.03
C PHE E 132 1.58 -21.95 5.40
N HIS E 133 2.60 -22.77 5.62
CA HIS E 133 3.88 -22.65 4.95
C HIS E 133 4.15 -23.94 4.20
N GLU E 134 4.34 -23.84 2.88
CA GLU E 134 4.41 -25.00 2.00
C GLU E 134 5.65 -24.93 1.13
N VAL E 135 6.77 -24.46 1.68
CA VAL E 135 8.00 -24.29 0.91
C VAL E 135 8.86 -25.54 1.07
N THR E 136 9.11 -26.21 -0.05
CA THR E 136 9.97 -27.36 -0.34
C THR E 136 9.37 -28.67 0.20
N THR E 137 8.36 -28.56 1.07
CA THR E 137 7.57 -29.62 1.68
C THR E 137 6.51 -28.89 2.49
N ASP E 138 5.32 -29.47 2.67
CA ASP E 138 4.38 -28.97 3.67
C ASP E 138 5.03 -29.04 5.05
N ASN E 139 5.14 -27.89 5.71
CA ASN E 139 5.81 -27.81 7.01
C ASN E 139 4.89 -28.39 8.09
N LYS E 140 4.91 -29.72 8.17
CA LYS E 140 4.07 -30.47 9.08
C LYS E 140 4.90 -31.55 9.75
N LEU E 141 4.38 -32.07 10.86
CA LEU E 141 5.06 -33.08 11.65
C LEU E 141 4.04 -34.07 12.19
N LEU E 142 4.41 -35.35 12.21
CA LEU E 142 3.54 -36.39 12.73
C LEU E 142 4.42 -37.48 13.33
N ARG E 143 4.16 -37.83 14.60
CA ARG E 143 4.79 -39.00 15.18
C ARG E 143 3.79 -39.67 16.13
N ILE E 144 3.80 -41.00 16.12
CA ILE E 144 2.80 -41.81 16.81
C ILE E 144 3.53 -42.74 17.76
N SER E 145 3.19 -42.66 19.04
CA SER E 145 3.79 -43.53 20.05
C SER E 145 3.14 -44.90 20.02
N LYS E 146 3.58 -45.78 20.92
CA LYS E 146 3.08 -47.15 20.91
C LYS E 146 1.67 -47.24 21.47
N ASN E 147 1.35 -46.43 22.49
CA ASN E 147 0.02 -46.47 23.09
C ASN E 147 -1.01 -45.65 22.33
N GLY E 148 -0.62 -44.96 21.27
CA GLY E 148 -1.53 -44.16 20.50
C GLY E 148 -1.38 -42.66 20.62
N ASN E 149 -0.38 -42.19 21.36
CA ASN E 149 -0.16 -40.76 21.52
C ASN E 149 0.34 -40.17 20.21
N VAL E 150 -0.33 -39.13 19.75
CA VAL E 150 -0.07 -38.53 18.44
C VAL E 150 0.42 -37.11 18.65
N LEU E 151 1.61 -36.80 18.16
CA LEU E 151 2.13 -35.44 18.13
C LEU E 151 1.95 -34.87 16.73
N TYR E 152 1.49 -33.63 16.65
CA TYR E 152 1.13 -33.01 15.37
C TYR E 152 1.54 -31.55 15.43
N SER E 153 2.64 -31.21 14.76
CA SER E 153 3.20 -29.87 14.78
C SER E 153 3.15 -29.27 13.38
N ILE E 154 2.53 -28.09 13.27
CA ILE E 154 2.45 -27.37 12.00
C ILE E 154 2.91 -25.94 12.23
N ARG E 155 3.35 -25.31 11.13
CA ARG E 155 3.82 -23.93 11.15
C ARG E 155 2.74 -23.04 10.55
N ILE E 156 2.27 -22.07 11.33
CA ILE E 156 1.18 -21.18 10.95
C ILE E 156 1.67 -19.75 11.06
N THR E 157 1.33 -18.92 10.07
CA THR E 157 1.48 -17.47 10.17
C THR E 157 0.11 -16.86 10.37
N LEU E 158 -0.05 -16.10 11.46
CA LEU E 158 -1.33 -15.53 11.86
C LEU E 158 -1.21 -14.02 11.87
N VAL E 159 -2.27 -13.32 11.47
CA VAL E 159 -2.31 -11.88 11.65
C VAL E 159 -3.43 -11.58 12.64
N LEU E 160 -3.12 -11.64 13.93
CA LEU E 160 -4.14 -11.72 14.95
C LEU E 160 -4.64 -10.33 15.33
N ALA E 161 -5.93 -10.25 15.66
CA ALA E 161 -6.57 -8.99 16.01
C ALA E 161 -6.61 -8.84 17.52
N CYS E 162 -6.18 -7.68 18.02
CA CYS E 162 -6.29 -7.37 19.43
C CYS E 162 -6.72 -5.92 19.58
N PRO E 163 -7.68 -5.62 20.45
CA PRO E 163 -8.10 -4.23 20.65
C PRO E 163 -7.05 -3.45 21.45
N MET E 164 -6.74 -2.26 20.96
CA MET E 164 -5.72 -1.42 21.59
C MET E 164 -6.39 -0.45 22.56
N ASP E 165 -6.00 -0.53 23.83
CA ASP E 165 -6.48 0.41 24.84
C ASP E 165 -5.40 1.47 24.99
N LEU E 166 -5.64 2.64 24.40
CA LEU E 166 -4.63 3.69 24.24
C LEU E 166 -4.95 4.91 25.09
N LYS E 167 -5.40 4.70 26.33
CA LYS E 167 -5.74 5.84 27.19
C LYS E 167 -4.50 6.61 27.62
N ASN E 168 -3.37 5.92 27.79
CA ASN E 168 -2.08 6.55 28.07
C ASN E 168 -1.05 5.98 27.10
N PHE E 169 -0.93 6.64 25.94
CA PHE E 169 -0.39 5.96 24.75
C PHE E 169 1.08 5.59 24.81
N PRO E 170 2.03 6.48 25.15
CA PRO E 170 3.43 6.02 25.15
C PRO E 170 3.81 5.19 26.37
N MET E 171 2.95 5.11 27.38
CA MET E 171 3.26 4.41 28.62
C MET E 171 2.27 3.30 28.93
N ASP E 172 1.66 2.71 27.91
CA ASP E 172 0.67 1.68 28.15
C ASP E 172 1.27 0.29 28.14
N VAL E 173 0.54 -0.66 28.73
CA VAL E 173 0.90 -2.06 28.73
C VAL E 173 -0.22 -2.79 27.99
N GLN E 174 0.00 -3.10 26.72
CA GLN E 174 -1.00 -3.79 25.92
C GLN E 174 -1.07 -5.26 26.28
N THR E 175 -2.26 -5.83 26.13
CA THR E 175 -2.48 -7.26 26.37
C THR E 175 -3.19 -7.81 25.13
N CYS E 176 -2.41 -8.36 24.21
CA CYS E 176 -2.95 -8.92 22.98
C CYS E 176 -2.98 -10.44 23.09
N ILE E 177 -4.12 -11.03 22.76
CA ILE E 177 -4.40 -12.42 23.05
C ILE E 177 -4.44 -13.23 21.76
N MET E 178 -4.50 -14.54 21.92
CA MET E 178 -4.81 -15.46 20.83
C MET E 178 -5.57 -16.64 21.41
N GLN E 179 -6.69 -16.99 20.79
CA GLN E 179 -7.60 -17.98 21.34
C GLN E 179 -7.88 -19.08 20.32
N LEU E 180 -7.92 -20.32 20.81
CA LEU E 180 -7.88 -21.53 19.99
C LEU E 180 -9.19 -22.28 20.22
N GLU E 181 -10.14 -22.14 19.30
CA GLU E 181 -11.46 -22.73 19.47
C GLU E 181 -11.58 -24.01 18.64
N SER E 182 -12.68 -24.71 18.86
CA SER E 182 -13.11 -25.80 18.00
C SER E 182 -14.37 -25.37 17.25
N PHE E 183 -14.51 -25.84 16.02
CA PHE E 183 -15.58 -25.36 15.17
C PHE E 183 -16.70 -26.37 14.97
N GLY E 184 -16.37 -27.67 14.91
CA GLY E 184 -17.36 -28.68 14.61
C GLY E 184 -17.76 -29.56 15.77
N TYR E 185 -16.85 -29.79 16.70
CA TYR E 185 -17.10 -30.66 17.84
C TYR E 185 -17.36 -29.80 19.08
N THR E 186 -18.39 -30.16 19.84
CA THR E 186 -18.79 -29.39 21.01
C THR E 186 -17.97 -29.83 22.22
N MET E 187 -18.38 -29.39 23.42
CA MET E 187 -17.62 -29.69 24.63
C MET E 187 -17.70 -31.17 25.00
N ASN E 188 -18.81 -31.83 24.69
CA ASN E 188 -18.95 -33.25 24.99
C ASN E 188 -18.27 -34.16 23.97
N ASP E 189 -17.49 -33.62 23.05
CA ASP E 189 -16.77 -34.41 22.06
C ASP E 189 -15.29 -34.07 21.95
N LEU E 190 -14.86 -32.89 22.36
CA LEU E 190 -13.48 -32.46 22.14
C LEU E 190 -13.17 -31.32 23.10
N ILE E 191 -12.09 -31.45 23.87
CA ILE E 191 -11.71 -30.48 24.89
C ILE E 191 -10.26 -30.08 24.66
N PHE E 192 -10.02 -28.76 24.56
CA PHE E 192 -8.67 -28.24 24.45
C PHE E 192 -8.11 -27.89 25.81
N GLU E 193 -6.82 -28.16 26.00
CA GLU E 193 -6.11 -27.87 27.24
C GLU E 193 -4.73 -27.35 26.91
N TRP E 194 -4.19 -26.54 27.81
CA TRP E 194 -2.76 -26.26 27.79
C TRP E 194 -2.05 -27.29 28.65
N ASP E 195 -0.82 -27.62 28.27
CA ASP E 195 -0.02 -28.54 29.06
C ASP E 195 0.77 -27.79 30.12
N GLU E 196 1.04 -28.48 31.23
CA GLU E 196 1.68 -27.85 32.39
C GLU E 196 3.17 -27.61 32.20
N LYS E 197 3.78 -28.18 31.17
CA LYS E 197 5.22 -28.10 30.98
C LYS E 197 5.60 -26.96 30.03
N GLY E 198 5.26 -25.74 30.43
CA GLY E 198 5.62 -24.58 29.64
C GLY E 198 4.84 -24.47 28.35
N ALA E 199 3.55 -24.12 28.45
CA ALA E 199 2.64 -24.16 27.32
C ALA E 199 2.91 -23.11 26.26
N VAL E 200 3.71 -22.09 26.52
CA VAL E 200 4.10 -21.11 25.51
C VAL E 200 5.61 -20.97 25.57
N GLN E 201 6.30 -21.50 24.57
CA GLN E 201 7.74 -21.29 24.43
C GLN E 201 7.99 -20.13 23.47
N VAL E 202 9.05 -19.38 23.76
CA VAL E 202 9.45 -18.23 22.96
C VAL E 202 10.87 -18.51 22.47
N ALA E 203 11.18 -18.04 21.26
CA ALA E 203 12.49 -18.21 20.66
C ALA E 203 13.57 -17.49 21.47
N ASP E 204 14.82 -17.84 21.20
CA ASP E 204 15.94 -17.42 22.04
C ASP E 204 16.23 -15.93 21.88
N GLY E 205 16.36 -15.47 20.63
CA GLY E 205 16.69 -14.07 20.41
C GLY E 205 15.56 -13.26 19.82
N LEU E 206 14.34 -13.50 20.28
CA LEU E 206 13.17 -12.81 19.76
C LEU E 206 13.10 -11.42 20.40
N THR E 207 13.41 -10.39 19.63
CA THR E 207 13.33 -9.01 20.07
C THR E 207 12.26 -8.28 19.25
N LEU E 208 11.78 -7.18 19.81
CA LEU E 208 10.78 -6.36 19.14
C LEU E 208 11.31 -4.93 18.98
N PRO E 209 10.96 -4.27 17.88
CA PRO E 209 11.48 -2.90 17.67
C PRO E 209 10.86 -1.87 18.58
N GLN E 210 9.58 -2.02 18.93
CA GLN E 210 8.87 -1.01 19.72
C GLN E 210 8.46 -1.50 21.09
N PHE E 211 8.38 -2.80 21.30
CA PHE E 211 7.80 -3.39 22.50
C PHE E 211 8.82 -4.30 23.18
N ILE E 212 8.43 -4.81 24.35
CA ILE E 212 9.08 -5.95 24.98
C ILE E 212 8.00 -6.93 25.42
N LEU E 213 8.31 -8.21 25.37
CA LEU E 213 7.38 -9.26 25.73
C LEU E 213 7.71 -9.75 27.13
N LYS E 214 6.76 -9.61 28.05
CA LYS E 214 7.00 -10.00 29.43
C LYS E 214 6.98 -11.51 29.58
N GLU E 215 7.65 -11.99 30.64
CA GLU E 215 7.83 -13.42 30.82
C GLU E 215 6.55 -14.10 31.31
N GLU E 216 5.77 -13.43 32.15
CA GLU E 216 4.54 -14.01 32.67
C GLU E 216 3.45 -13.95 31.60
N LYS E 217 2.97 -15.12 31.19
CA LYS E 217 1.94 -15.23 30.18
C LYS E 217 0.74 -15.97 30.78
N ASP E 218 -0.41 -15.33 30.76
CA ASP E 218 -1.61 -15.93 31.34
C ASP E 218 -2.13 -17.06 30.46
N LEU E 219 -2.71 -18.08 31.08
CA LEU E 219 -3.24 -19.25 30.38
C LEU E 219 -4.62 -19.54 30.98
N ARG E 220 -5.65 -18.94 30.41
CA ARG E 220 -7.01 -19.09 30.94
C ARG E 220 -7.94 -19.61 29.86
N TYR E 221 -9.21 -19.78 30.22
CA TYR E 221 -10.22 -20.36 29.36
C TYR E 221 -11.16 -19.28 28.82
N CYS E 222 -11.72 -19.55 27.64
CA CYS E 222 -12.55 -18.61 26.90
C CYS E 222 -13.75 -19.30 26.29
N THR E 223 -14.35 -20.25 27.03
CA THR E 223 -15.36 -21.18 26.53
C THR E 223 -16.59 -20.47 25.99
N LYS E 224 -16.89 -20.69 24.71
CA LYS E 224 -17.90 -19.94 24.00
C LYS E 224 -19.24 -20.66 24.02
N HIS E 225 -20.31 -19.88 24.02
CA HIS E 225 -21.68 -20.39 23.94
C HIS E 225 -22.36 -19.77 22.73
N TYR E 226 -22.91 -20.62 21.86
CA TYR E 226 -23.67 -20.16 20.71
C TYR E 226 -25.07 -20.75 20.79
N ASN E 227 -25.86 -20.50 19.75
CA ASN E 227 -27.13 -21.20 19.57
C ASN E 227 -26.96 -22.57 18.93
N THR E 228 -25.76 -22.89 18.46
CA THR E 228 -25.41 -24.23 17.98
C THR E 228 -25.02 -25.14 19.13
N GLY E 229 -24.23 -24.62 20.06
CA GLY E 229 -23.81 -25.39 21.21
C GLY E 229 -22.74 -24.65 21.95
N LYS E 230 -22.08 -25.33 22.89
CA LYS E 230 -20.94 -24.78 23.59
C LYS E 230 -19.67 -25.43 23.05
N PHE E 231 -18.67 -24.61 22.77
CA PHE E 231 -17.45 -25.05 22.10
C PHE E 231 -16.25 -24.71 22.95
N THR E 232 -15.26 -25.59 22.94
CA THR E 232 -14.09 -25.40 23.77
C THR E 232 -13.20 -24.29 23.22
N CYS E 233 -12.41 -23.71 24.11
CA CYS E 233 -11.59 -22.55 23.80
C CYS E 233 -10.54 -22.42 24.88
N ILE E 234 -9.30 -22.18 24.47
CA ILE E 234 -8.21 -21.85 25.36
C ILE E 234 -7.49 -20.65 24.78
N GLU E 235 -6.93 -19.80 25.65
CA GLU E 235 -6.26 -18.61 25.16
C GLU E 235 -5.07 -18.25 26.04
N ALA E 236 -4.12 -17.55 25.42
CA ALA E 236 -2.90 -17.11 26.07
C ALA E 236 -2.77 -15.60 25.90
N ARG E 237 -2.65 -14.90 27.02
CA ARG E 237 -2.42 -13.47 26.99
C ARG E 237 -0.94 -13.17 26.81
N PHE E 238 -0.63 -12.11 26.06
CA PHE E 238 0.73 -11.62 25.91
C PHE E 238 0.77 -10.18 26.36
N HIS E 239 1.57 -9.89 27.38
CA HIS E 239 1.67 -8.54 27.93
C HIS E 239 2.83 -7.82 27.26
N LEU E 240 2.51 -6.82 26.45
CA LEU E 240 3.49 -6.05 25.72
C LEU E 240 3.68 -4.69 26.39
N GLU E 241 4.93 -4.28 26.56
CA GLU E 241 5.27 -3.02 27.20
C GLU E 241 6.10 -2.21 26.22
N ARG E 242 5.75 -0.94 26.04
CA ARG E 242 6.40 -0.12 25.02
C ARG E 242 7.79 0.31 25.43
N GLN E 243 8.64 0.47 24.42
CA GLN E 243 9.91 1.18 24.58
C GLN E 243 9.61 2.67 24.47
N MET E 244 9.74 3.38 25.60
CA MET E 244 9.42 4.80 25.65
C MET E 244 10.52 5.66 25.03
N GLY E 245 11.70 5.09 24.77
CA GLY E 245 12.85 5.84 24.31
C GLY E 245 12.70 6.44 22.93
N TYR E 246 11.80 5.92 22.10
CA TYR E 246 11.58 6.54 20.80
C TYR E 246 10.79 7.84 20.92
N TYR E 247 9.75 7.86 21.74
CA TYR E 247 8.90 9.03 21.83
C TYR E 247 9.55 10.17 22.60
N LEU E 248 10.60 9.88 23.37
CA LEU E 248 11.39 10.96 23.96
C LEU E 248 12.26 11.65 22.92
N ILE E 249 12.55 10.98 21.81
CA ILE E 249 13.42 11.57 20.79
C ILE E 249 12.62 12.40 19.79
N GLN E 250 11.41 11.96 19.43
CA GLN E 250 10.63 12.67 18.41
C GLN E 250 9.53 13.55 18.99
N MET E 251 8.80 13.08 20.02
CA MET E 251 7.62 13.80 20.51
C MET E 251 7.94 14.73 21.68
N TYR E 252 8.52 14.22 22.76
CA TYR E 252 8.58 14.98 24.00
C TYR E 252 9.62 16.10 23.97
N ILE E 253 10.87 15.78 23.65
CA ILE E 253 11.95 16.77 23.65
C ILE E 253 11.82 17.80 22.52
N PRO E 254 11.49 17.45 21.25
CA PRO E 254 11.24 18.54 20.27
C PRO E 254 9.95 19.32 20.50
N SER E 255 9.11 18.94 21.46
CA SER E 255 8.04 19.82 21.93
C SER E 255 8.44 20.54 23.21
N LEU E 256 9.60 20.21 23.78
CA LEU E 256 10.13 20.94 24.92
C LEU E 256 11.11 22.03 24.50
N LEU E 257 11.70 21.93 23.31
CA LEU E 257 12.53 23.00 22.79
C LEU E 257 11.71 24.20 22.36
N ILE E 258 10.52 23.96 21.77
CA ILE E 258 9.67 25.05 21.30
C ILE E 258 9.06 25.82 22.47
N VAL E 259 8.91 25.18 23.64
CA VAL E 259 8.55 25.90 24.85
C VAL E 259 9.67 26.86 25.26
N ILE E 260 10.93 26.49 25.00
CA ILE E 260 12.03 27.40 25.29
C ILE E 260 12.08 28.54 24.28
N LEU E 261 11.67 28.29 23.02
CA LEU E 261 11.54 29.38 22.06
C LEU E 261 10.46 30.39 22.46
N SER E 262 9.40 29.92 23.13
CA SER E 262 8.40 30.85 23.63
C SER E 262 8.89 31.61 24.86
N TRP E 263 10.01 31.21 25.44
CA TRP E 263 10.60 31.94 26.55
C TRP E 263 11.75 32.84 26.11
N VAL E 264 12.15 32.77 24.84
CA VAL E 264 13.12 33.73 24.29
C VAL E 264 12.48 35.10 24.18
N SER E 265 11.18 35.16 23.89
CA SER E 265 10.47 36.42 23.69
C SER E 265 10.27 37.24 24.96
N PHE E 266 10.65 36.72 26.12
CA PHE E 266 10.50 37.43 27.38
C PHE E 266 11.72 38.26 27.74
N TRP E 267 12.71 38.34 26.86
CA TRP E 267 13.99 38.96 27.17
C TRP E 267 14.34 40.15 26.32
N ILE E 268 13.83 40.24 25.10
CA ILE E 268 14.29 41.25 24.14
C ILE E 268 13.48 42.55 24.30
N ASN E 269 14.18 43.62 24.71
CA ASN E 269 13.78 45.02 24.71
C ASN E 269 12.72 45.40 25.72
N MET E 270 12.09 44.41 26.36
CA MET E 270 11.28 44.51 27.59
C MET E 270 10.00 45.33 27.49
N ASP E 271 9.79 46.08 26.40
CA ASP E 271 8.63 46.96 26.32
C ASP E 271 7.77 46.70 25.09
N ALA E 272 8.38 46.70 23.90
CA ALA E 272 7.67 46.65 22.64
C ALA E 272 8.60 46.31 21.49
N ALA E 273 8.24 45.32 20.68
CA ALA E 273 9.01 44.95 19.50
C ALA E 273 8.09 44.22 18.54
N PRO E 274 8.30 44.36 17.23
CA PRO E 274 7.55 43.52 16.28
C PRO E 274 7.97 42.05 16.30
N ALA E 275 9.18 41.75 16.77
CA ALA E 275 9.67 40.38 16.77
C ALA E 275 9.05 39.53 17.87
N ARG E 276 8.55 40.15 18.94
CA ARG E 276 7.96 39.38 20.03
C ARG E 276 6.56 38.85 19.68
N VAL E 277 5.85 39.51 18.76
CA VAL E 277 4.68 38.88 18.17
C VAL E 277 5.13 37.81 17.17
N GLY E 278 6.12 38.15 16.32
CA GLY E 278 6.54 37.25 15.27
C GLY E 278 7.22 35.97 15.76
N LEU E 279 7.83 36.03 16.95
CA LEU E 279 8.31 34.80 17.56
C LEU E 279 7.15 33.99 18.14
N GLY E 280 6.16 34.68 18.69
CA GLY E 280 4.92 34.02 19.09
C GLY E 280 4.03 33.66 17.93
N ILE E 281 4.24 34.27 16.77
CA ILE E 281 3.57 33.83 15.55
C ILE E 281 4.10 32.46 15.12
N THR E 282 5.41 32.28 15.14
CA THR E 282 6.02 31.12 14.49
C THR E 282 5.93 29.87 15.35
N THR E 283 6.08 30.00 16.67
CA THR E 283 6.02 28.85 17.55
C THR E 283 4.62 28.25 17.68
N VAL E 284 3.59 28.93 17.20
CA VAL E 284 2.27 28.31 17.08
C VAL E 284 2.17 27.46 15.81
N LEU E 285 2.87 27.86 14.73
CA LEU E 285 2.90 27.08 13.48
C LEU E 285 3.50 25.70 13.70
N THR E 286 4.54 25.61 14.54
CA THR E 286 5.13 24.31 14.85
C THR E 286 4.21 23.47 15.71
N MET E 287 3.73 24.04 16.82
CA MET E 287 2.94 23.29 17.79
C MET E 287 1.55 22.95 17.30
N THR E 288 1.09 23.52 16.19
CA THR E 288 -0.11 23.04 15.53
C THR E 288 0.21 21.91 14.56
N THR E 289 1.32 22.03 13.83
CA THR E 289 1.72 20.99 12.90
C THR E 289 2.25 19.76 13.64
N GLN E 290 3.02 19.97 14.70
CA GLN E 290 3.59 18.85 15.45
C GLN E 290 2.52 18.12 16.26
N SER E 291 1.46 18.82 16.67
CA SER E 291 0.34 18.15 17.32
C SER E 291 -0.43 17.29 16.35
N SER E 292 -0.61 17.76 15.11
CA SER E 292 -1.20 16.92 14.08
C SER E 292 -0.20 15.87 13.60
N GLY E 293 1.09 16.18 13.64
CA GLY E 293 2.11 15.22 13.26
C GLY E 293 2.32 14.11 14.27
N SER E 294 1.92 14.33 15.52
CA SER E 294 2.05 13.31 16.56
C SER E 294 0.98 12.22 16.45
N ARG E 295 -0.05 12.42 15.63
CA ARG E 295 -1.12 11.47 15.44
C ARG E 295 -1.22 11.06 13.97
N ALA E 296 -0.06 10.86 13.33
CA ALA E 296 -0.02 10.50 11.92
C ALA E 296 -0.14 9.01 11.67
N SER E 297 0.20 8.18 12.66
CA SER E 297 0.15 6.72 12.54
C SER E 297 -0.67 6.13 13.67
N LEU E 298 -1.84 6.69 13.92
CA LEU E 298 -2.67 6.30 15.04
C LEU E 298 -4.11 6.07 14.58
N PRO E 299 -4.85 5.19 15.25
CA PRO E 299 -6.28 5.06 14.96
C PRO E 299 -7.04 6.27 15.46
N LYS E 300 -8.27 6.39 14.98
CA LYS E 300 -9.10 7.57 15.27
C LYS E 300 -10.00 7.27 16.47
N VAL E 301 -9.36 7.14 17.62
CA VAL E 301 -10.07 6.86 18.87
C VAL E 301 -10.76 8.11 19.37
N SER E 302 -11.87 7.93 20.09
CA SER E 302 -12.67 9.07 20.51
C SER E 302 -12.09 9.75 21.74
N TYR E 303 -11.56 8.97 22.68
CA TYR E 303 -11.07 9.51 23.94
C TYR E 303 -9.73 10.24 23.73
N VAL E 304 -9.29 10.91 24.79
CA VAL E 304 -8.03 11.65 24.81
C VAL E 304 -6.95 10.75 25.39
N LYS E 305 -5.74 10.89 24.88
CA LYS E 305 -4.62 10.04 25.27
C LYS E 305 -3.49 10.88 25.87
N ALA E 306 -2.40 10.19 26.21
CA ALA E 306 -1.31 10.83 26.94
C ALA E 306 -0.52 11.81 26.07
N ILE E 307 -0.35 11.50 24.78
CA ILE E 307 0.41 12.39 23.91
C ILE E 307 -0.42 13.59 23.50
N ASP E 308 -1.75 13.56 23.69
CA ASP E 308 -2.57 14.72 23.41
C ASP E 308 -2.44 15.77 24.50
N ILE E 309 -2.55 15.37 25.78
CA ILE E 309 -2.49 16.33 26.87
C ILE E 309 -1.08 16.76 27.21
N TRP E 310 -0.07 16.27 26.50
CA TRP E 310 1.24 16.89 26.50
C TRP E 310 1.38 17.88 25.36
N MET E 311 0.82 17.56 24.19
CA MET E 311 0.85 18.48 23.07
C MET E 311 -0.23 19.56 23.17
N ALA E 312 -1.15 19.45 24.11
CA ALA E 312 -2.12 20.52 24.34
C ALA E 312 -1.68 21.48 25.42
N VAL E 313 -1.10 21.00 26.52
CA VAL E 313 -0.62 21.90 27.56
C VAL E 313 0.61 22.67 27.08
N CYS E 314 1.51 22.02 26.34
CA CYS E 314 2.61 22.74 25.70
C CYS E 314 2.15 23.61 24.53
N LEU E 315 0.92 23.44 24.05
CA LEU E 315 0.36 24.39 23.10
C LEU E 315 -0.12 25.64 23.81
N LEU E 316 -0.60 25.50 25.05
CA LEU E 316 -1.02 26.67 25.83
C LEU E 316 0.17 27.54 26.23
N PHE E 317 1.28 26.92 26.63
CA PHE E 317 2.44 27.69 27.08
C PHE E 317 3.13 28.40 25.93
N VAL E 318 2.90 27.93 24.70
CA VAL E 318 3.25 28.72 23.53
C VAL E 318 2.23 29.82 23.31
N PHE E 319 0.95 29.49 23.44
CA PHE E 319 -0.13 30.45 23.18
C PHE E 319 -0.24 31.49 24.30
N SER E 320 0.15 31.15 25.53
CA SER E 320 0.11 32.13 26.60
C SER E 320 1.29 33.09 26.52
N ALA E 321 2.36 32.67 25.84
CA ALA E 321 3.52 33.56 25.67
C ALA E 321 3.19 34.69 24.69
N LEU E 322 2.41 34.39 23.65
CA LEU E 322 1.92 35.44 22.76
C LEU E 322 0.83 36.25 23.43
N LEU E 323 0.04 35.61 24.30
CA LEU E 323 -1.04 36.31 24.98
C LEU E 323 -0.49 37.22 26.07
N GLU E 324 0.69 36.88 26.61
CA GLU E 324 1.31 37.73 27.62
C GLU E 324 1.86 39.01 27.02
N TYR E 325 2.52 38.91 25.86
CA TYR E 325 3.07 40.09 25.22
C TYR E 325 1.97 40.98 24.66
N ALA E 326 0.84 40.38 24.26
CA ALA E 326 -0.32 41.17 23.86
C ALA E 326 -0.90 41.92 25.04
N ALA E 327 -0.75 41.36 26.25
CA ALA E 327 -1.18 42.07 27.45
C ALA E 327 -0.20 43.18 27.81
N VAL E 328 1.07 43.03 27.41
CA VAL E 328 2.06 44.08 27.70
C VAL E 328 1.84 45.27 26.78
N ASN E 329 1.67 45.01 25.49
CA ASN E 329 1.58 46.09 24.50
C ASN E 329 0.25 46.83 24.62
N PHE E 330 -0.78 46.15 25.13
CA PHE E 330 -2.06 46.81 25.35
C PHE E 330 -2.01 47.75 26.54
N ILE E 331 -1.14 47.46 27.51
CA ILE E 331 -1.01 48.33 28.69
C ILE E 331 0.07 49.39 28.44
N ALA E 332 1.09 49.05 27.64
CA ALA E 332 2.14 50.02 27.34
C ALA E 332 1.65 51.10 26.38
N ARG E 333 0.79 50.74 25.43
CA ARG E 333 0.21 51.71 24.50
C ARG E 333 -1.17 52.17 24.99
N GLN E 334 -1.19 52.74 26.19
CA GLN E 334 -2.42 53.19 26.83
C GLN E 334 -2.47 54.71 27.05
N HIS E 335 -1.33 55.31 27.37
CA HIS E 335 -1.16 56.76 27.62
C HIS E 335 -2.13 57.30 28.68
N VAL E 396 1.96 60.13 32.37
CA VAL E 396 1.49 61.32 33.08
C VAL E 396 2.68 62.21 33.43
N GLU E 397 2.46 63.11 34.40
CA GLU E 397 3.53 64.01 34.82
C GLU E 397 4.56 63.28 35.66
N GLU E 398 4.10 62.49 36.63
CA GLU E 398 4.97 61.65 37.45
C GLU E 398 4.77 60.17 37.17
N MET E 399 3.55 59.76 36.84
CA MET E 399 3.19 58.34 36.71
C MET E 399 3.75 57.70 35.45
N ARG E 400 4.38 58.46 34.55
CA ARG E 400 4.89 57.88 33.30
C ARG E 400 6.08 56.95 33.54
N LYS E 401 6.81 57.12 34.64
CA LYS E 401 7.84 56.14 35.00
C LYS E 401 7.23 54.90 35.63
N LEU E 402 6.13 55.07 36.38
CA LEU E 402 5.36 53.93 36.86
C LEU E 402 4.55 53.28 35.74
N PHE E 403 4.30 54.02 34.66
CA PHE E 403 3.55 53.49 33.52
C PHE E 403 4.38 52.48 32.73
N ILE E 404 5.71 52.58 32.82
CA ILE E 404 6.57 51.54 32.28
C ILE E 404 6.76 50.42 33.32
N SER E 405 6.68 50.75 34.61
CA SER E 405 6.75 49.74 35.65
C SER E 405 5.49 48.89 35.72
N ARG E 406 4.40 49.31 35.08
CA ARG E 406 3.26 48.42 34.89
C ARG E 406 3.49 47.45 33.75
N ALA E 407 4.42 47.78 32.85
CA ALA E 407 4.77 46.91 31.74
C ALA E 407 6.10 46.19 31.94
N LYS E 408 6.81 46.48 33.03
CA LYS E 408 8.05 45.78 33.34
C LYS E 408 7.86 44.74 34.45
N ARG E 409 6.97 45.01 35.40
CA ARG E 409 6.70 44.04 36.46
C ARG E 409 5.97 42.82 35.91
N ILE E 410 5.16 42.99 34.87
CA ILE E 410 4.54 41.85 34.21
C ILE E 410 5.60 41.02 33.49
N ASP E 411 6.59 41.69 32.88
CA ASP E 411 7.63 40.98 32.14
C ASP E 411 8.66 40.30 33.03
N THR E 412 8.70 40.60 34.34
CA THR E 412 9.59 39.89 35.25
C THR E 412 8.88 38.86 36.10
N VAL E 413 7.55 38.85 36.11
CA VAL E 413 6.80 37.73 36.68
C VAL E 413 6.64 36.63 35.64
N SER E 414 6.33 36.99 34.39
CA SER E 414 6.20 36.02 33.31
C SER E 414 7.54 35.41 32.91
N ARG E 415 8.65 36.03 33.30
CA ARG E 415 9.97 35.45 33.04
C ARG E 415 10.35 34.40 34.08
N VAL E 416 9.70 34.41 35.25
CA VAL E 416 10.04 33.53 36.35
C VAL E 416 8.92 32.53 36.66
N ALA E 417 7.66 32.97 36.60
CA ALA E 417 6.56 32.09 36.99
C ALA E 417 6.24 31.04 35.94
N PHE E 418 6.50 31.31 34.66
CA PHE E 418 6.28 30.29 33.65
C PHE E 418 7.26 29.12 33.70
N PRO E 419 8.55 29.28 34.12
CA PRO E 419 9.33 28.09 34.50
C PRO E 419 8.97 27.49 35.84
N LEU E 420 7.94 28.00 36.52
CA LEU E 420 7.37 27.34 37.67
C LEU E 420 6.08 26.60 37.36
N VAL E 421 5.28 27.12 36.42
CA VAL E 421 4.05 26.44 36.03
C VAL E 421 4.36 25.28 35.10
N PHE E 422 5.34 25.45 34.20
CA PHE E 422 5.77 24.35 33.35
C PHE E 422 6.48 23.26 34.15
N LEU E 423 7.18 23.64 35.22
CA LEU E 423 7.88 22.65 36.03
C LEU E 423 6.95 21.94 37.00
N ILE E 424 5.83 22.55 37.38
CA ILE E 424 4.88 21.85 38.24
C ILE E 424 3.94 20.96 37.43
N PHE E 425 3.77 21.24 36.14
CA PHE E 425 3.03 20.30 35.29
C PHE E 425 3.90 19.12 34.91
N ASN E 426 5.20 19.36 34.69
CA ASN E 426 6.11 18.29 34.26
C ASN E 426 6.33 17.27 35.37
N ILE E 427 6.20 17.70 36.63
CA ILE E 427 6.22 16.75 37.74
C ILE E 427 4.88 16.04 37.85
N PHE E 428 3.78 16.76 37.65
CA PHE E 428 2.44 16.19 37.74
C PHE E 428 2.13 15.24 36.60
N TYR E 429 2.78 15.39 35.45
CA TYR E 429 2.49 14.55 34.29
C TYR E 429 3.11 13.17 34.44
N TRP E 430 4.40 13.11 34.75
CA TRP E 430 5.10 11.83 34.75
C TRP E 430 4.82 10.98 35.97
N ILE E 431 4.41 11.58 37.09
CA ILE E 431 4.03 10.78 38.25
C ILE E 431 2.68 10.11 37.99
N THR E 432 1.78 10.78 37.28
CA THR E 432 0.47 10.23 36.97
C THR E 432 0.57 9.02 36.05
N TYR E 433 1.57 8.99 35.17
CA TYR E 433 1.71 7.92 34.18
C TYR E 433 2.83 6.94 34.51
N LYS E 434 3.56 7.14 35.60
CA LYS E 434 4.42 6.09 36.13
C LYS E 434 3.76 5.32 37.27
N ILE E 435 2.67 5.85 37.83
CA ILE E 435 1.91 5.13 38.85
C ILE E 435 0.87 4.20 38.21
N ILE E 436 0.73 4.27 36.88
CA ILE E 436 -0.19 3.49 36.01
C ILE E 436 -1.61 3.40 36.56
C1 NAG F . 26.61 -39.07 7.21
C2 NAG F . 27.01 -40.54 7.14
C3 NAG F . 27.35 -41.06 8.54
C4 NAG F . 28.38 -40.17 9.22
C5 NAG F . 27.97 -38.69 9.15
C6 NAG F . 29.04 -37.75 9.63
C7 NAG F . 25.91 -41.67 5.26
C8 NAG F . 24.73 -42.50 4.82
N2 NAG F . 25.94 -41.33 6.56
O3 NAG F . 27.85 -42.38 8.43
O4 NAG F . 28.46 -40.55 10.59
O5 NAG F . 27.68 -38.32 7.79
O6 NAG F . 30.16 -37.72 8.74
O7 NAG F . 26.80 -41.34 4.48
C1 NAG F . 29.75 -41.14 10.90
C2 NAG F . 29.93 -41.08 12.41
C3 NAG F . 31.25 -41.74 12.80
C4 NAG F . 31.35 -43.14 12.23
C5 NAG F . 31.09 -43.13 10.73
C6 NAG F . 31.03 -44.51 10.12
C7 NAG F . 28.77 -39.18 13.42
C8 NAG F . 28.88 -37.74 13.88
N2 NAG F . 29.87 -39.72 12.90
O3 NAG F . 31.36 -41.75 14.22
O4 NAG F . 32.65 -43.69 12.48
O5 NAG F . 29.83 -42.50 10.45
O6 NAG F . 29.81 -44.71 9.41
O7 NAG F . 27.72 -39.81 13.51
C1 BMA F . 32.60 -44.70 13.51
C2 BMA F . 33.67 -45.77 13.20
C3 BMA F . 34.55 -46.07 14.43
C4 BMA F . 33.79 -46.08 15.81
C5 BMA F . 32.65 -45.03 15.86
C6 BMA F . 32.63 -44.24 17.16
O2 BMA F . 34.55 -45.32 12.18
O3 BMA F . 35.68 -45.20 14.50
O4 BMA F . 33.27 -47.37 16.07
O5 BMA F . 32.82 -44.11 14.78
O6 BMA F . 31.52 -43.36 17.14
C1 NAG G . -41.68 -23.31 1.48
C2 NAG G . -42.64 -24.50 1.40
C3 NAG G . -43.81 -24.17 0.48
C4 NAG G . -44.48 -22.85 0.88
C5 NAG G . -43.44 -21.75 1.04
C6 NAG G . -44.01 -20.48 1.63
C7 NAG G . -41.48 -26.64 1.76
C8 NAG G . -40.80 -27.79 1.10
N2 NAG G . -41.95 -25.70 0.93
O3 NAG G . -44.76 -25.23 0.53
O4 NAG G . -45.39 -22.47 -0.15
O5 NAG G . -42.39 -22.17 1.93
O6 NAG G . -44.29 -20.63 3.01
O7 NAG G . -41.60 -26.55 2.97
C1 NAG G . -46.76 -22.53 0.31
C2 NAG G . -47.60 -21.69 -0.65
C3 NAG G . -49.07 -21.74 -0.23
C4 NAG G . -49.56 -23.19 -0.12
C5 NAG G . -48.63 -23.98 0.80
C6 NAG G . -48.95 -25.46 0.84
C7 NAG G . -46.33 -19.85 -1.65
C8 NAG G . -45.94 -18.40 -1.54
N2 NAG G . -47.13 -20.32 -0.69
O3 NAG G . -49.85 -21.03 -1.19
O4 NAG G . -50.87 -23.23 0.41
O5 NAG G . -47.27 -23.88 0.34
O6 NAG G . -47.86 -26.25 0.39
O7 NAG G . -45.93 -20.56 -2.57
C1 BMA G . -51.82 -23.57 -0.62
C2 BMA G . -52.97 -24.39 0.03
C3 BMA G . -54.36 -23.83 -0.35
C4 BMA G . -54.50 -23.31 -1.82
C5 BMA G . -53.19 -22.67 -2.35
C6 BMA G . -53.44 -21.38 -3.09
O2 BMA G . -52.88 -24.34 1.45
O3 BMA G . -54.78 -22.81 0.57
O4 BMA G . -54.89 -24.38 -2.68
O5 BMA G . -52.33 -22.40 -1.24
O6 BMA G . -52.19 -20.93 -3.63
C1 NAG H . 18.83 -27.75 -34.04
C2 NAG H . 19.00 -28.99 -34.90
C3 NAG H . 20.47 -29.42 -34.90
C4 NAG H . 21.39 -28.27 -35.28
C5 NAG H . 21.07 -27.02 -34.45
C6 NAG H . 21.82 -25.79 -34.91
C7 NAG H . 16.96 -30.35 -34.97
C8 NAG H . 16.21 -31.50 -34.36
N2 NAG H . 18.14 -30.07 -34.43
O3 NAG H . 20.64 -30.50 -35.82
O4 NAG H . 22.73 -28.65 -35.02
O5 NAG H . 19.67 -26.71 -34.52
O6 NAG H . 21.21 -25.22 -36.05
O7 NAG H . 16.50 -29.70 -35.90
C1 NAG H . 23.49 -28.79 -36.24
C2 NAG H . 24.98 -28.71 -35.88
C3 NAG H . 25.83 -28.88 -37.13
C4 NAG H . 25.45 -30.16 -37.88
C5 NAG H . 23.96 -30.19 -38.15
C6 NAG H . 23.48 -31.49 -38.75
C7 NAG H . 25.39 -27.34 -33.88
C8 NAG H . 25.72 -25.98 -33.36
N2 NAG H . 25.29 -27.46 -35.22
O3 NAG H . 27.21 -28.90 -36.76
O4 NAG H . 26.15 -30.23 -39.13
O5 NAG H . 23.23 -30.02 -36.93
O6 NAG H . 22.38 -32.03 -38.05
O7 NAG H . 25.22 -28.30 -33.13
C1 BMA H . 27.19 -31.22 -39.07
C2 BMA H . 27.35 -31.84 -40.48
C3 BMA H . 28.82 -31.84 -40.95
C4 BMA H . 29.87 -32.17 -39.82
C5 BMA H . 29.46 -31.59 -38.44
C6 BMA H . 30.61 -30.91 -37.74
O2 BMA H . 26.62 -31.08 -41.45
O3 BMA H . 29.17 -30.62 -41.60
O4 BMA H . 30.06 -33.58 -39.72
O5 BMA H . 28.41 -30.64 -38.63
O6 BMA H . 30.18 -30.57 -36.42
C1 NAG I . -23.39 -18.04 -37.57
C2 NAG I . -24.07 -19.08 -38.44
C3 NAG I . -23.54 -18.99 -39.88
C4 NAG I . -23.63 -17.57 -40.42
C5 NAG I . -23.02 -16.57 -39.43
C6 NAG I . -23.25 -15.13 -39.83
C7 NAG I . -24.76 -21.03 -37.12
C8 NAG I . -24.39 -22.40 -36.66
N2 NAG I . -23.87 -20.41 -37.91
O3 NAG I . -24.29 -19.88 -40.71
O4 NAG I . -22.90 -17.51 -41.65
O5 NAG I . -23.59 -16.74 -38.14
O6 NAG I . -24.61 -14.76 -39.66
O7 NAG I . -25.83 -20.50 -36.81
C1 NAG I . -23.78 -17.29 -42.77
C2 NAG I . -22.95 -16.74 -43.92
C3 NAG I . -23.82 -16.53 -45.15
C4 NAG I . -24.57 -17.80 -45.52
C5 NAG I . -25.34 -18.32 -44.30
C6 NAG I . -25.99 -19.67 -44.54
C7 NAG I . -21.00 -15.45 -43.15
C8 NAG I . -20.48 -14.09 -42.80
N2 NAG I . -22.28 -15.50 -43.54
O3 NAG I . -23.00 -16.10 -46.23
O4 NAG I . -25.50 -17.54 -46.56
O5 NAG I . -24.44 -18.50 -43.19
O6 NAG I . -25.54 -20.63 -43.61
O7 NAG I . -20.30 -16.45 -43.09
C1 BMA I . -25.04 -18.13 -47.79
C2 BMA I . -26.28 -18.57 -48.62
C3 BMA I . -26.20 -18.06 -50.09
C4 BMA I . -24.77 -18.10 -50.73
C5 BMA I . -23.66 -17.77 -49.70
C6 BMA I . -22.64 -16.77 -50.25
O2 BMA I . -27.46 -18.02 -48.07
O3 BMA I . -26.77 -16.76 -50.22
O4 BMA I . -24.53 -19.38 -51.30
O5 BMA I . -24.25 -17.20 -48.53
O6 BMA I . -21.60 -16.63 -49.29
C1 NAG J . -10.78 -36.34 29.15
C2 NAG J . -11.09 -37.76 29.56
C3 NAG J . -12.37 -37.81 30.38
C4 NAG J . -12.33 -36.82 31.54
C5 NAG J . -11.91 -35.43 31.06
C6 NAG J . -11.65 -34.46 32.19
C7 NAG J . -10.19 -39.40 27.96
C8 NAG J . -10.48 -40.23 26.73
N2 NAG J . -11.20 -38.63 28.39
O3 NAG J . -12.56 -39.13 30.87
O4 NAG J . -13.63 -36.72 32.11
O5 NAG J . -10.68 -35.52 30.31
O6 NAG J . -10.41 -34.74 32.84
O7 NAG J . -9.09 -39.42 28.51
C1 NAG J . -13.67 -37.28 33.44
C2 NAG J . -14.90 -36.73 34.15
C3 NAG J . -15.01 -37.31 35.55
C4 NAG J . -14.97 -38.84 35.51
C5 NAG J . -13.75 -39.32 34.73
C6 NAG J . -13.72 -40.81 34.52
C7 NAG J . -15.55 -34.51 33.33
C8 NAG J . -15.40 -33.03 33.52
N2 NAG J . -14.87 -35.28 34.19
O3 NAG J . -16.22 -36.85 36.15
O4 NAG J . -14.90 -39.36 36.84
O5 NAG J . -13.73 -38.72 33.43
O6 NAG J . -13.63 -41.14 33.14
O7 NAG J . -16.23 -34.98 32.42
C1 BMA J . -16.16 -39.96 37.22
C2 BMA J . -15.87 -41.11 38.21
C3 BMA J . -16.74 -40.98 39.49
C4 BMA J . -18.22 -40.51 39.24
C5 BMA J . -18.32 -39.48 38.09
C6 BMA J . -19.22 -38.30 38.44
O2 BMA J . -14.52 -41.07 38.63
O3 BMA J . -16.12 -40.17 40.47
O4 BMA J . -19.06 -41.62 38.97
O5 BMA J . -17.01 -38.98 37.80
O6 BMA J . -19.31 -37.47 37.30
N GLY K . 18.97 -24.16 -14.49
CA GLY K . 19.17 -23.50 -13.21
C GLY K . 19.82 -24.38 -12.18
O GLY K . 19.99 -23.98 -11.02
OXT GLY K . 20.19 -25.51 -12.45
N GLY L . -18.64 -23.63 15.92
CA GLY L . -19.02 -22.29 15.52
C GLY L . -20.40 -22.22 14.90
O GLY L . -20.77 -21.23 14.28
OXT GLY L . -21.19 -23.15 15.02
N GLY M . -5.20 -15.53 -29.70
CA GLY M . -3.97 -14.86 -29.30
C GLY M . -2.73 -15.54 -29.81
O GLY M . -1.62 -15.26 -29.36
OXT GLY M . -2.79 -16.39 -30.70
N GLY N . -28.40 -15.12 -10.91
CA GLY N . -27.69 -14.03 -11.54
C GLY N . -27.58 -14.16 -13.04
O GLY N . -26.88 -13.40 -13.69
OXT GLY N . -28.20 -15.04 -13.64
N GLY O . 10.76 -29.09 13.77
CA GLY O . 10.06 -28.06 14.50
C GLY O . 9.01 -28.62 15.45
O GLY O . 8.14 -27.89 15.91
OXT GLY O . 9.02 -29.80 15.78
#